data_4ZTU
#
_entry.id   4ZTU
#
_cell.length_a   217.575
_cell.length_b   217.575
_cell.length_c   168.277
_cell.angle_alpha   90.00
_cell.angle_beta   90.00
_cell.angle_gamma   90.00
#
_symmetry.space_group_name_H-M   'P 41 21 2'
#
loop_
_entity.id
_entity.type
_entity.pdbx_description
1 polymer 'DNA polymerase subunit gamma-1'
2 polymer 'DNA polymerase subunit gamma-2, mitochondrial'
3 polymer 'DNA (25-MER)'
4 polymer "DNA (5'-D(P*AP*AP*GP*AP*CP*GP*AP*GP*GP*GP*CP*CP*AP*GP*TP*GP*CP*CP*GP*TP*AP*C)-3')"
5 non-polymer 'MAGNESIUM ION'
6 non-polymer "2',3'-DIDEOXYCYTIDINE 5'-TRIPHOSPHATE"
#
loop_
_entity_poly.entity_id
_entity_poly.type
_entity_poly.pdbx_seq_one_letter_code
_entity_poly.pdbx_strand_id
1 'polypeptide(L)'
;MVPASDPSDGQRRRQQQQQQQQQQQQQPQQPQVLSSEGGQLRHNPLDIQMLSRGLHEQIFGQGGEMPGEAAVRRSVEHLQ
KHGLWGQPAVPLPDVELRLPPLYGDNLDQHFRLLAQKQSLPYLEAANLLLQAQLPPKPPAWAWAEGWTRYGPEGEAVPVA
IPEERALVFAVAVCLAEGTCPTLAVAISPSAWYSWCSQRLVEERYSWTSQLSPADLIPLEVPTGASSPTQRDWQEQLVVG
HNVSFDRAHIREQYLIQGSRMRFLDTMSMHMAISGLSSFQRSLWIAAKQGKHKVQPPTKQGQKSQRKARRGPAISSWDWL
DISSVNSLAEVHRLYVGGPPLEKEPRELFVKGTMKDIRENFQDLMQYCAQDVWATHEVFQQQLPLFLERCPHPVTLAGML
EMGVSYLPVNQNWERYLAEAQGTYEELQREMKKSLMDLANDACQLLSGERYKEDPWLWDLEWDLQEFKQKKAKKVKKEPA
TASKLPIEGAGAPGDPMDQEDLGPCSEEEEFQQDVMARACLQKLKGTTELLPKRPQHLPGHPGWYRKLCPRLDDPAWTPG
PSLLSLQMRVTPKLMALTWDGFPLHYSERHGWGYLVPGRRDNLAKLPTGTTLESAGVVCPYRAIESLYRKHCLEQGKQQL
MPQEAGLAEEFLLTDNSAIWQTVEELDYLEVEAEAKMENLRAAVPGQPLALTARGGPKDTQPSYHHGNGPYNDVDIPGCW
FFKLPHKDGNSCNVGSPFAKDFLPKMEDGTLQAGPGGASGPRALEINKMISFWRNAHKRISSQMVVWLPRSALPRAVIRH
PDYDEEGLYGAILPQVVTAGTITRRAVEPTWLTASNARPDRVGSELKAMVQAPPGYTLVGADVDSQELWIAAVLGDAHFA
GMHGCTAFGWMTLQGRKSRGTDLHSKTATTVGISREHAKIFNYGRIYGAGQPFAERLLMQFNHRLTQQEAAEKAQQMYAA
TKGLRWYRLSDEGEWLVRELNLPVDRTEGGWISLQDLRKVQRETARKSQWKKWEVVAERAWKGGTESEMFNKLESIATSD
IPRTPVLGCCISRALEPSAVQEEFMTSRVNWVVQSSAVDYLHLMLVAMKWLFEEFAIDGRFCISIHDEVRYLVREEDRYR
AALALQITNLLTRCMFAYKLGLNDLPQSVAFFSAVDIDRCLRKEVTMDCKTPSNPTGMERRYGIPQGEALDIYQIIELTK
GSLEKRSQPGPAAALEHHHHHH
;
A
2 'polypeptide(L)'
;MDAGQPELLTERSSPKGGHVKSHAELEGNGEHPEAPGSGEGSEALLEICQRRHFLSGSKQQLSRDSLLSGCHPGFGPLGV
ELRKNLAAEWWTSVVVFREQVFPVDALHHKPGPLLPGDSAFRLVSAETLREILQDKELSKEQLVAFLENVLKTSGKLREN
LLHGALEHYVNCLDLVNKRLPYGLAQIGVCFHPVFDTKQIRNGVKSIGEKTEASLVWFTPPRTSNQWLDFWLRHRLQWWR
KFAMSPSNFSSSDCQDEEGRKGNKLYYNFPWGKELIETLWNLGDHELLHMYPGNVSKLHGRDGRKNVVPCVLSVNGDLDR
GMLAYLYDSFQLTENSFTRKKNLHRKVLKLHPCLAPIKVALDVGRGPTLELRQVCQGLFNELLENGISVWPGYLETMQSS
LEQLYSKYDEMSILFTVLVTETTLENGLIHLRSRDTTMKEMMHISKLKDFLIKYISSAKNVAAALEHHHHHH
;
B,C
3 'polydeoxyribonucleotide'
;(DG)(DC)(DG)(DA)(DT)(DA)(DC)(DG)(DG)(DC)(DA)(DC)(DT)(DG)(DG)(DC)(DC)(DC)(DT)(DC)
(DG)(DT)(DC)(DT)(DT)(DT)(DT)
;
T
4 'polydeoxyribonucleotide'
;(DA)(DA)(DA)(DA)(DG)(DA)(DC)(DG)(DA)(DG)(DG)(DG)(DC)(DC)(DA)(DG)(DT)(DG)(DC)(DC)
(DG)(DT)(DA)(DOC)
;
P
#
# COMPACT_ATOMS: atom_id res chain seq x y z
N MET A 50 -18.95 -53.67 -15.02
CA MET A 50 -19.25 -54.64 -13.98
C MET A 50 -19.72 -53.95 -12.70
N LEU A 51 -21.03 -53.73 -12.59
CA LEU A 51 -21.99 -54.08 -13.63
C LEU A 51 -22.99 -52.95 -13.78
N SER A 52 -24.02 -53.16 -14.60
CA SER A 52 -25.10 -52.20 -14.79
C SER A 52 -24.60 -50.79 -15.14
N ARG A 53 -23.58 -50.75 -16.00
CA ARG A 53 -23.01 -49.49 -16.48
C ARG A 53 -22.47 -48.61 -15.36
N GLY A 54 -21.86 -49.22 -14.35
CA GLY A 54 -21.21 -48.46 -13.29
C GLY A 54 -21.61 -48.82 -11.87
N LEU A 55 -20.79 -49.64 -11.21
CA LEU A 55 -20.94 -49.91 -9.78
C LEU A 55 -19.64 -50.48 -9.22
N HIS A 56 -19.46 -50.35 -7.91
CA HIS A 56 -18.28 -50.89 -7.24
C HIS A 56 -18.65 -51.95 -6.21
N GLU A 57 -17.65 -52.64 -5.70
CA GLU A 57 -17.84 -53.60 -4.62
C GLU A 57 -18.30 -52.88 -3.37
N GLN A 58 -19.53 -53.14 -2.95
CA GLN A 58 -20.09 -52.44 -1.80
C GLN A 58 -20.80 -53.40 -0.84
N ILE A 59 -20.84 -53.02 0.43
CA ILE A 59 -21.60 -53.74 1.43
C ILE A 59 -22.56 -52.76 2.08
N PHE A 60 -23.42 -52.17 1.26
CA PHE A 60 -24.39 -51.18 1.74
C PHE A 60 -25.82 -51.66 1.47
N GLY A 61 -25.98 -52.97 1.31
CA GLY A 61 -27.28 -53.55 1.03
C GLY A 61 -27.20 -54.61 -0.04
N GLN A 62 -27.59 -55.83 0.30
CA GLN A 62 -27.52 -56.94 -0.63
C GLN A 62 -28.65 -56.89 -1.66
N GLY A 63 -29.80 -56.37 -1.25
CA GLY A 63 -30.93 -56.24 -2.14
C GLY A 63 -31.71 -54.95 -1.89
N GLY A 64 -31.88 -54.14 -2.94
CA GLY A 64 -31.37 -54.45 -4.26
C GLY A 64 -32.39 -54.15 -5.34
N GLU A 65 -32.14 -54.66 -6.54
CA GLU A 65 -33.08 -54.54 -7.66
C GLU A 65 -34.48 -55.02 -7.24
N MET A 66 -35.55 -54.22 -7.42
CA MET A 66 -35.63 -52.91 -8.10
C MET A 66 -35.11 -52.87 -9.56
N PRO A 67 -35.74 -53.66 -10.46
CA PRO A 67 -35.33 -53.62 -11.86
C PRO A 67 -36.05 -52.52 -12.66
N GLY A 68 -37.38 -52.54 -12.67
CA GLY A 68 -38.16 -51.58 -13.42
C GLY A 68 -37.96 -51.71 -14.91
N GLU A 69 -38.18 -52.92 -15.42
CA GLU A 69 -37.91 -53.26 -16.82
C GLU A 69 -38.61 -52.34 -17.82
N ALA A 70 -39.86 -51.98 -17.53
CA ALA A 70 -40.60 -51.07 -18.38
C ALA A 70 -39.94 -49.69 -18.37
N ALA A 71 -39.58 -49.23 -17.18
CA ALA A 71 -38.96 -47.93 -17.01
C ALA A 71 -37.59 -47.87 -17.71
N VAL A 72 -36.84 -48.95 -17.66
CA VAL A 72 -35.52 -48.98 -18.29
C VAL A 72 -35.66 -49.17 -19.79
N ARG A 73 -36.78 -49.71 -20.24
CA ARG A 73 -37.04 -49.80 -21.68
C ARG A 73 -37.36 -48.40 -22.19
N ARG A 74 -38.13 -47.65 -21.40
CA ARG A 74 -38.46 -46.27 -21.73
C ARG A 74 -37.19 -45.42 -21.76
N SER A 75 -36.33 -45.64 -20.76
CA SER A 75 -35.09 -44.89 -20.64
C SER A 75 -34.13 -45.22 -21.78
N VAL A 76 -34.00 -46.50 -22.10
CA VAL A 76 -33.11 -46.92 -23.18
C VAL A 76 -33.59 -46.40 -24.52
N GLU A 77 -34.89 -46.49 -24.78
CA GLU A 77 -35.46 -45.98 -26.01
C GLU A 77 -35.24 -44.47 -26.11
N HIS A 78 -35.47 -43.78 -25.01
CA HIS A 78 -35.24 -42.34 -24.93
C HIS A 78 -33.79 -41.98 -25.24
N LEU A 79 -32.86 -42.71 -24.65
CA LEU A 79 -31.44 -42.47 -24.84
C LEU A 79 -30.97 -42.92 -26.22
N GLN A 80 -31.79 -43.69 -26.91
CA GLN A 80 -31.46 -44.14 -28.25
C GLN A 80 -31.92 -43.12 -29.29
N LYS A 81 -33.10 -42.55 -29.06
CA LYS A 81 -33.64 -41.55 -29.99
C LYS A 81 -33.06 -40.16 -29.71
N HIS A 82 -32.51 -39.98 -28.51
CA HIS A 82 -31.94 -38.70 -28.12
C HIS A 82 -30.79 -38.17 -29.01
N GLY A 83 -29.76 -38.97 -29.32
CA GLY A 83 -29.59 -40.35 -28.90
C GLY A 83 -28.15 -40.69 -28.54
N LEU A 84 -27.98 -41.42 -27.44
CA LEU A 84 -26.66 -41.82 -26.99
C LEU A 84 -26.57 -43.33 -26.76
N TRP A 85 -25.95 -44.03 -27.69
CA TRP A 85 -25.75 -45.47 -27.55
C TRP A 85 -24.37 -45.88 -28.05
N GLY A 86 -23.41 -44.98 -27.92
CA GLY A 86 -22.03 -45.28 -28.28
C GLY A 86 -21.14 -45.29 -27.05
N GLN A 87 -21.30 -46.32 -26.23
CA GLN A 87 -20.56 -46.43 -24.98
C GLN A 87 -19.06 -46.61 -25.24
N PRO A 88 -18.23 -45.91 -24.45
CA PRO A 88 -16.77 -45.97 -24.58
C PRO A 88 -16.19 -47.25 -24.00
N ALA A 89 -16.92 -47.87 -23.06
CA ALA A 89 -16.49 -49.10 -22.41
C ALA A 89 -15.11 -48.96 -21.78
N VAL A 90 -14.97 -47.99 -20.86
CA VAL A 90 -13.71 -47.74 -20.18
C VAL A 90 -13.86 -47.88 -18.66
N PRO A 91 -13.80 -49.12 -18.17
CA PRO A 91 -13.97 -49.42 -16.73
C PRO A 91 -12.89 -48.79 -15.86
N LEU A 92 -13.28 -47.97 -14.90
CA LEU A 92 -12.35 -47.40 -13.95
C LEU A 92 -11.86 -48.47 -12.97
N PRO A 93 -10.61 -48.35 -12.50
CA PRO A 93 -10.05 -49.34 -11.57
C PRO A 93 -10.82 -49.45 -10.27
N ASP A 94 -11.42 -50.62 -10.03
CA ASP A 94 -12.18 -50.86 -8.81
C ASP A 94 -11.24 -50.96 -7.61
N VAL A 95 -11.72 -50.48 -6.45
CA VAL A 95 -10.90 -50.48 -5.24
C VAL A 95 -11.44 -51.48 -4.20
N GLU A 96 -10.54 -52.33 -3.71
CA GLU A 96 -10.90 -53.31 -2.69
C GLU A 96 -10.23 -52.99 -1.36
N LEU A 97 -10.99 -52.39 -0.45
CA LEU A 97 -10.48 -52.03 0.86
C LEU A 97 -11.48 -52.38 1.96
N ARG A 98 -10.97 -52.66 3.16
CA ARG A 98 -11.83 -53.00 4.30
C ARG A 98 -12.47 -51.75 4.86
N LEU A 99 -13.76 -51.57 4.58
CA LEU A 99 -14.50 -50.41 5.02
C LEU A 99 -14.65 -50.34 6.54
N PRO A 100 -14.69 -49.12 7.09
CA PRO A 100 -14.94 -48.89 8.52
C PRO A 100 -16.26 -49.49 8.98
N PRO A 101 -16.37 -49.81 10.28
CA PRO A 101 -17.57 -50.48 10.81
C PRO A 101 -18.85 -49.66 10.68
N LEU A 102 -19.91 -50.29 10.18
CA LEU A 102 -21.21 -49.66 10.09
C LEU A 102 -22.06 -50.07 11.29
N TYR A 103 -23.00 -49.21 11.68
CA TYR A 103 -23.77 -49.43 12.91
C TYR A 103 -25.16 -49.98 12.63
N GLY A 104 -25.57 -49.94 11.37
CA GLY A 104 -26.86 -50.50 10.97
C GLY A 104 -28.03 -49.59 11.29
N ASP A 105 -29.17 -49.82 10.64
CA ASP A 105 -29.30 -50.87 9.63
C ASP A 105 -28.81 -50.39 8.27
N ASN A 106 -29.17 -49.15 7.93
CA ASN A 106 -28.65 -48.51 6.73
C ASN A 106 -27.64 -47.44 7.08
N LEU A 107 -27.14 -46.74 6.07
CA LEU A 107 -26.19 -45.66 6.30
C LEU A 107 -26.92 -44.42 6.79
N ASP A 108 -28.25 -44.41 6.60
CA ASP A 108 -29.09 -43.35 7.12
C ASP A 108 -29.03 -43.30 8.64
N GLN A 109 -29.24 -44.46 9.27
CA GLN A 109 -29.18 -44.57 10.71
C GLN A 109 -27.74 -44.43 11.19
N HIS A 110 -26.80 -44.73 10.31
CA HIS A 110 -25.38 -44.54 10.61
C HIS A 110 -25.10 -43.05 10.83
N PHE A 111 -25.34 -42.26 9.79
CA PHE A 111 -25.14 -40.81 9.87
C PHE A 111 -26.03 -40.17 10.94
N ARG A 112 -27.20 -40.74 11.15
CA ARG A 112 -28.13 -40.22 12.15
C ARG A 112 -27.58 -40.42 13.56
N LEU A 113 -27.13 -41.64 13.85
CA LEU A 113 -26.56 -41.95 15.16
C LEU A 113 -25.25 -41.20 15.38
N LEU A 114 -24.48 -41.01 14.32
CA LEU A 114 -23.25 -40.23 14.41
C LEU A 114 -23.57 -38.79 14.78
N ALA A 115 -24.45 -38.17 14.00
CA ALA A 115 -24.84 -36.79 14.22
C ALA A 115 -25.46 -36.58 15.59
N GLN A 116 -26.22 -37.58 16.06
CA GLN A 116 -26.84 -37.50 17.37
C GLN A 116 -25.81 -37.61 18.48
N LYS A 117 -24.89 -38.56 18.36
CA LYS A 117 -23.87 -38.77 19.39
C LYS A 117 -22.85 -37.64 19.39
N GLN A 118 -22.82 -36.86 18.31
CA GLN A 118 -21.92 -35.72 18.22
C GLN A 118 -22.57 -34.45 18.77
N SER A 119 -23.89 -34.37 18.66
CA SER A 119 -24.62 -33.15 19.05
C SER A 119 -25.50 -33.36 20.28
N LEU A 120 -25.37 -34.51 20.93
CA LEU A 120 -26.18 -34.82 22.11
C LEU A 120 -25.83 -33.92 23.31
N PRO A 121 -24.53 -33.76 23.64
CA PRO A 121 -24.24 -32.92 24.81
C PRO A 121 -24.65 -31.46 24.59
N TYR A 122 -24.51 -30.99 23.37
CA TYR A 122 -24.85 -29.61 23.05
C TYR A 122 -26.36 -29.42 23.05
N LEU A 123 -27.09 -30.45 22.63
CA LEU A 123 -28.55 -30.41 22.72
C LEU A 123 -28.99 -30.42 24.18
N GLU A 124 -28.29 -31.18 25.02
CA GLU A 124 -28.56 -31.19 26.44
C GLU A 124 -28.35 -29.81 27.04
N ALA A 125 -27.24 -29.18 26.69
CA ALA A 125 -26.92 -27.84 27.17
C ALA A 125 -27.96 -26.82 26.69
N ALA A 126 -28.37 -26.95 25.44
CA ALA A 126 -29.39 -26.09 24.85
C ALA A 126 -30.69 -26.22 25.62
N ASN A 127 -31.06 -27.45 25.95
CA ASN A 127 -32.25 -27.72 26.75
C ASN A 127 -32.11 -27.14 28.14
N LEU A 128 -30.88 -27.13 28.66
CA LEU A 128 -30.60 -26.52 29.95
C LEU A 128 -30.81 -25.01 29.88
N LEU A 129 -30.55 -24.45 28.70
CA LEU A 129 -30.80 -23.03 28.48
C LEU A 129 -32.29 -22.75 28.30
N LEU A 130 -33.02 -23.74 27.79
CA LEU A 130 -34.45 -23.59 27.54
C LEU A 130 -35.27 -23.58 28.83
N GLN A 131 -35.01 -24.55 29.70
CA GLN A 131 -35.76 -24.66 30.95
C GLN A 131 -35.13 -23.79 32.05
N ALA A 132 -34.29 -22.85 31.64
CA ALA A 132 -33.59 -21.99 32.58
C ALA A 132 -34.52 -20.96 33.21
N GLN A 133 -34.63 -21.00 34.54
CA GLN A 133 -35.38 -19.99 35.27
C GLN A 133 -34.47 -18.80 35.57
N LEU A 134 -34.91 -17.62 35.20
CA LEU A 134 -34.05 -16.43 35.15
C LEU A 134 -34.05 -15.61 36.43
N PRO A 135 -32.86 -15.42 37.03
CA PRO A 135 -32.66 -14.43 38.09
C PRO A 135 -32.48 -13.04 37.50
N PRO A 136 -33.08 -12.01 38.12
CA PRO A 136 -33.11 -10.65 37.57
C PRO A 136 -31.74 -10.01 37.42
N LYS A 137 -31.65 -8.99 36.58
CA LYS A 137 -30.41 -8.25 36.38
C LYS A 137 -29.97 -7.57 37.67
N PRO A 138 -28.65 -7.47 37.88
CA PRO A 138 -28.07 -6.79 39.05
C PRO A 138 -28.42 -5.30 39.07
N PRO A 139 -28.53 -4.72 40.27
CA PRO A 139 -28.81 -3.28 40.41
C PRO A 139 -27.64 -2.41 39.97
N ALA A 140 -26.44 -3.00 39.96
CA ALA A 140 -25.24 -2.29 39.55
C ALA A 140 -24.19 -3.27 39.03
N TRP A 141 -23.44 -2.85 38.02
CA TRP A 141 -22.40 -3.69 37.42
C TRP A 141 -21.05 -3.43 38.08
N ALA A 142 -20.31 -4.51 38.34
CA ALA A 142 -19.02 -4.40 39.00
C ALA A 142 -17.95 -3.85 38.06
N TRP A 143 -17.21 -2.86 38.54
CA TRP A 143 -16.14 -2.26 37.78
C TRP A 143 -14.81 -2.94 38.10
N ALA A 144 -14.76 -4.25 37.90
CA ALA A 144 -13.58 -5.02 38.25
C ALA A 144 -13.12 -5.91 37.09
N GLU A 145 -11.80 -6.04 36.95
CA GLU A 145 -11.20 -6.84 35.89
C GLU A 145 -11.52 -8.33 36.06
N GLY A 146 -11.80 -9.01 34.95
CA GLY A 146 -12.13 -10.42 35.00
C GLY A 146 -13.63 -10.65 35.00
N TRP A 147 -14.06 -11.83 35.41
CA TRP A 147 -15.48 -12.14 35.44
C TRP A 147 -16.08 -11.79 36.79
N THR A 148 -17.34 -11.35 36.78
CA THR A 148 -18.06 -11.09 38.01
C THR A 148 -19.38 -11.86 38.02
N ARG A 149 -19.52 -12.76 38.98
CA ARG A 149 -20.72 -13.56 39.12
C ARG A 149 -21.77 -12.83 39.95
N TYR A 150 -22.98 -12.75 39.40
CA TYR A 150 -24.11 -12.18 40.11
C TYR A 150 -25.15 -13.26 40.38
N GLY A 151 -25.22 -13.71 41.62
CA GLY A 151 -26.16 -14.74 42.01
C GLY A 151 -27.32 -14.20 42.83
N PRO A 152 -27.27 -14.42 44.15
CA PRO A 152 -28.33 -13.95 45.06
C PRO A 152 -28.36 -12.43 45.18
N GLU A 153 -29.47 -11.83 44.76
CA GLU A 153 -29.68 -10.39 44.83
C GLU A 153 -28.62 -9.61 44.05
N GLY A 154 -27.98 -10.27 43.09
CA GLY A 154 -27.00 -9.62 42.24
C GLY A 154 -25.75 -9.15 42.96
N GLU A 155 -25.26 -9.94 43.91
CA GLU A 155 -24.03 -9.61 44.62
C GLU A 155 -22.84 -9.83 43.69
N ALA A 156 -21.75 -9.08 43.91
CA ALA A 156 -20.57 -9.17 43.06
C ALA A 156 -19.58 -10.21 43.59
N VAL A 157 -19.46 -11.32 42.89
CA VAL A 157 -18.52 -12.38 43.28
C VAL A 157 -17.41 -12.52 42.25
N PRO A 158 -16.21 -12.04 42.58
CA PRO A 158 -15.04 -12.11 41.68
C PRO A 158 -14.71 -13.53 41.23
N VAL A 159 -14.78 -13.76 39.93
CA VAL A 159 -14.52 -15.09 39.37
C VAL A 159 -13.59 -14.97 38.15
N ALA A 160 -12.71 -15.95 38.01
CA ALA A 160 -11.81 -16.00 36.86
C ALA A 160 -12.52 -16.59 35.64
N ILE A 161 -13.23 -17.69 35.84
CA ILE A 161 -13.93 -18.37 34.75
C ILE A 161 -15.34 -18.81 35.16
N PRO A 162 -16.35 -18.37 34.41
CA PRO A 162 -17.75 -18.76 34.67
C PRO A 162 -17.99 -20.24 34.36
N GLU A 163 -17.89 -21.08 35.38
CA GLU A 163 -18.05 -22.52 35.21
C GLU A 163 -19.51 -22.88 34.98
N GLU A 164 -19.89 -23.00 33.71
CA GLU A 164 -21.26 -23.33 33.34
C GLU A 164 -21.29 -24.29 32.16
N ARG A 165 -22.32 -25.13 32.10
CA ARG A 165 -22.50 -26.05 30.98
C ARG A 165 -22.78 -25.27 29.70
N ALA A 166 -23.61 -24.25 29.81
CA ALA A 166 -23.98 -23.44 28.66
C ALA A 166 -24.33 -22.01 29.08
N LEU A 167 -24.14 -21.06 28.16
CA LEU A 167 -24.50 -19.68 28.41
C LEU A 167 -24.65 -18.89 27.12
N VAL A 168 -25.42 -17.80 27.18
CA VAL A 168 -25.50 -16.88 26.07
C VAL A 168 -24.33 -15.90 26.21
N PHE A 169 -23.93 -15.28 25.11
CA PHE A 169 -22.73 -14.45 25.14
C PHE A 169 -22.76 -13.33 24.10
N ALA A 170 -22.32 -12.14 24.52
CA ALA A 170 -22.14 -11.03 23.59
C ALA A 170 -20.99 -10.14 24.06
N VAL A 171 -19.88 -10.19 23.32
CA VAL A 171 -18.69 -9.43 23.69
C VAL A 171 -18.76 -7.99 23.15
N ALA A 172 -18.10 -7.09 23.86
CA ALA A 172 -18.00 -5.70 23.42
C ALA A 172 -16.54 -5.36 23.16
N VAL A 173 -16.32 -4.45 22.21
CA VAL A 173 -14.95 -4.07 21.86
C VAL A 173 -14.89 -2.61 21.43
N CYS A 174 -13.99 -1.86 22.05
CA CYS A 174 -13.78 -0.46 21.68
C CYS A 174 -13.08 -0.39 20.33
N LEU A 175 -13.82 0.04 19.32
CA LEU A 175 -13.31 0.08 17.95
C LEU A 175 -12.24 1.15 17.78
N ALA A 176 -12.28 2.16 18.65
CA ALA A 176 -11.35 3.28 18.59
C ALA A 176 -9.90 2.83 18.64
N GLU A 177 -9.64 1.77 19.41
CA GLU A 177 -8.31 1.19 19.47
C GLU A 177 -8.40 -0.33 19.53
N GLY A 178 -9.25 -0.89 18.67
CA GLY A 178 -9.46 -2.33 18.63
C GLY A 178 -8.29 -3.08 18.03
N THR A 179 -8.48 -4.38 17.79
CA THR A 179 -9.75 -5.04 18.08
C THR A 179 -9.66 -5.88 19.34
N CYS A 180 -9.41 -5.22 20.47
CA CYS A 180 -9.31 -5.91 21.75
C CYS A 180 -10.57 -5.72 22.58
N PRO A 181 -11.13 -6.83 23.10
CA PRO A 181 -12.33 -6.82 23.93
C PRO A 181 -12.26 -5.81 25.06
N THR A 182 -13.40 -5.26 25.47
CA THR A 182 -13.43 -4.28 26.54
C THR A 182 -14.51 -4.62 27.57
N LEU A 183 -15.62 -5.18 27.09
CA LEU A 183 -16.73 -5.57 27.97
C LEU A 183 -17.33 -6.89 27.50
N ALA A 184 -18.10 -7.51 28.38
CA ALA A 184 -18.83 -8.73 28.05
C ALA A 184 -19.89 -9.03 29.10
N VAL A 185 -21.01 -9.61 28.65
CA VAL A 185 -22.06 -10.06 29.56
C VAL A 185 -22.50 -11.46 29.14
N ALA A 186 -22.69 -12.33 30.13
CA ALA A 186 -23.11 -13.70 29.84
C ALA A 186 -24.04 -14.21 30.93
N ILE A 187 -25.25 -14.60 30.56
CA ILE A 187 -26.18 -15.16 31.52
C ILE A 187 -26.16 -16.68 31.44
N SER A 188 -26.49 -17.31 32.56
CA SER A 188 -26.47 -18.76 32.65
C SER A 188 -27.77 -19.25 33.26
N PRO A 189 -28.08 -20.55 33.10
CA PRO A 189 -29.28 -21.11 33.73
C PRO A 189 -29.29 -20.97 35.26
N SER A 190 -28.14 -20.60 35.83
CA SER A 190 -28.01 -20.43 37.28
C SER A 190 -28.02 -18.96 37.68
N ALA A 191 -27.13 -18.17 37.10
CA ALA A 191 -26.96 -16.78 37.50
C ALA A 191 -26.39 -15.91 36.37
N TRP A 192 -25.95 -14.71 36.74
CA TRP A 192 -25.42 -13.77 35.74
C TRP A 192 -23.90 -13.64 35.82
N TYR A 193 -23.31 -13.12 34.75
CA TYR A 193 -21.86 -12.90 34.70
C TYR A 193 -21.52 -11.66 33.87
N SER A 194 -20.55 -10.88 34.33
CA SER A 194 -20.08 -9.73 33.56
C SER A 194 -18.55 -9.66 33.55
N TRP A 195 -17.98 -9.74 32.35
CA TRP A 195 -16.53 -9.73 32.19
C TRP A 195 -15.99 -8.37 31.75
N CYS A 196 -15.05 -7.84 32.51
CA CYS A 196 -14.37 -6.60 32.13
C CYS A 196 -12.93 -6.89 31.75
N SER A 197 -12.46 -6.24 30.69
CA SER A 197 -11.08 -6.40 30.23
C SER A 197 -10.11 -5.63 31.10
N GLN A 198 -8.83 -5.71 30.76
CA GLN A 198 -7.79 -5.08 31.55
C GLN A 198 -7.76 -3.57 31.35
N ARG A 199 -8.68 -3.07 30.52
CA ARG A 199 -8.80 -1.63 30.27
C ARG A 199 -9.60 -0.95 31.37
N LEU A 200 -9.09 -1.03 32.59
CA LEU A 200 -9.68 -0.34 33.74
C LEU A 200 -8.66 0.64 34.32
N VAL A 201 -7.40 0.48 33.91
CA VAL A 201 -6.34 1.35 34.36
C VAL A 201 -5.76 2.12 33.18
N GLU A 202 -5.63 3.44 33.33
CA GLU A 202 -5.11 4.28 32.26
C GLU A 202 -3.60 4.07 32.05
N GLU A 203 -3.26 3.39 30.98
CA GLU A 203 -1.85 3.17 30.63
C GLU A 203 -1.62 3.47 29.16
N ARG A 204 -0.36 3.41 28.74
CA ARG A 204 -0.02 3.54 27.32
C ARG A 204 0.22 2.16 26.74
N TYR A 205 -0.86 1.39 26.62
CA TYR A 205 -0.80 -0.01 26.20
C TYR A 205 -0.16 -0.23 24.84
N SER A 206 0.39 -1.42 24.64
CA SER A 206 0.93 -1.83 23.36
C SER A 206 0.20 -3.07 22.88
N TRP A 207 -0.56 -2.94 21.79
CA TRP A 207 -1.40 -4.03 21.31
C TRP A 207 -0.74 -4.85 20.21
N THR A 208 -0.27 -6.03 20.57
CA THR A 208 0.25 -6.98 19.59
C THR A 208 -0.64 -8.22 19.61
N SER A 209 -1.87 -8.03 20.10
CA SER A 209 -2.87 -9.09 20.21
C SER A 209 -2.35 -10.30 20.97
N GLN A 210 -2.15 -10.13 22.28
CA GLN A 210 -1.74 -11.23 23.15
C GLN A 210 -2.95 -12.08 23.51
N LEU A 211 -2.79 -12.94 24.53
CA LEU A 211 -3.93 -13.70 25.02
C LEU A 211 -4.72 -12.84 26.00
N SER A 212 -5.27 -11.76 25.46
CA SER A 212 -6.11 -10.82 26.22
C SER A 212 -7.62 -11.03 26.05
N PRO A 213 -8.08 -11.57 24.88
CA PRO A 213 -9.48 -11.98 24.79
C PRO A 213 -10.00 -12.80 25.97
N ALA A 214 -11.32 -12.81 26.13
CA ALA A 214 -11.99 -13.39 27.29
C ALA A 214 -11.71 -14.88 27.46
N ASP A 215 -11.48 -15.27 28.71
CA ASP A 215 -11.32 -16.68 29.07
C ASP A 215 -12.68 -17.29 29.39
N LEU A 216 -12.97 -18.44 28.78
CA LEU A 216 -14.30 -19.02 28.92
C LEU A 216 -14.26 -20.53 29.18
N ILE A 217 -13.22 -21.19 28.68
CA ILE A 217 -13.11 -22.63 28.80
C ILE A 217 -12.53 -23.03 30.16
N PRO A 218 -12.99 -24.17 30.71
CA PRO A 218 -12.45 -24.71 31.96
C PRO A 218 -11.29 -25.67 31.71
N LEU A 219 -10.40 -25.80 32.69
CA LEU A 219 -9.26 -26.70 32.55
C LEU A 219 -9.62 -28.11 33.03
N GLU A 220 -8.97 -29.11 32.45
CA GLU A 220 -9.19 -30.50 32.86
C GLU A 220 -8.33 -30.87 34.06
N VAL A 221 -7.02 -30.66 33.92
CA VAL A 221 -6.09 -30.93 35.02
C VAL A 221 -5.24 -29.70 35.33
N GLN A 234 -20.79 -33.19 27.59
CA GLN A 234 -19.60 -32.45 27.95
C GLN A 234 -18.86 -31.90 26.73
N GLU A 235 -18.39 -30.66 26.84
CA GLU A 235 -18.51 -29.89 28.07
C GLU A 235 -19.29 -28.59 27.90
N GLN A 236 -18.99 -27.86 26.83
CA GLN A 236 -19.47 -26.49 26.70
C GLN A 236 -20.42 -26.25 25.52
N LEU A 237 -21.19 -25.17 25.62
CA LEU A 237 -22.01 -24.69 24.51
C LEU A 237 -22.30 -23.20 24.69
N VAL A 238 -21.91 -22.41 23.68
CA VAL A 238 -22.08 -20.97 23.75
C VAL A 238 -22.96 -20.47 22.62
N VAL A 239 -24.12 -19.93 22.97
CA VAL A 239 -25.03 -19.37 21.98
C VAL A 239 -24.90 -17.86 21.92
N GLY A 240 -25.30 -17.27 20.80
CA GLY A 240 -25.24 -15.83 20.64
C GLY A 240 -25.64 -15.37 19.25
N HIS A 241 -26.02 -14.10 19.14
CA HIS A 241 -26.33 -13.49 17.86
C HIS A 241 -25.03 -13.11 17.17
N ASN A 242 -24.78 -13.70 16.00
CA ASN A 242 -23.48 -13.63 15.35
C ASN A 242 -22.40 -14.11 16.31
N VAL A 243 -22.51 -15.37 16.72
CA VAL A 243 -21.71 -15.94 17.79
C VAL A 243 -20.23 -16.07 17.41
N SER A 244 -19.96 -16.08 16.10
CA SER A 244 -18.58 -16.25 15.62
C SER A 244 -17.69 -15.09 16.04
N PHE A 245 -18.25 -13.89 16.05
CA PHE A 245 -17.54 -12.70 16.50
C PHE A 245 -17.16 -12.80 17.96
N ASP A 246 -18.07 -13.34 18.77
CA ASP A 246 -17.82 -13.51 20.20
C ASP A 246 -16.79 -14.60 20.42
N ARG A 247 -16.88 -15.67 19.62
CA ARG A 247 -15.91 -16.76 19.65
C ARG A 247 -14.51 -16.25 19.34
N ALA A 248 -14.43 -15.30 18.42
CA ALA A 248 -13.17 -14.68 18.04
C ALA A 248 -12.49 -13.99 19.23
N HIS A 249 -13.29 -13.64 20.23
CA HIS A 249 -12.77 -12.98 21.42
C HIS A 249 -12.68 -13.94 22.61
N ILE A 250 -12.49 -15.22 22.31
CA ILE A 250 -12.29 -16.23 23.35
C ILE A 250 -10.81 -16.61 23.45
N ARG A 251 -10.29 -16.64 24.67
CA ARG A 251 -8.87 -16.84 24.92
C ARG A 251 -8.37 -18.20 24.44
N GLU A 252 -9.13 -19.26 24.72
CA GLU A 252 -8.65 -20.63 24.50
C GLU A 252 -9.00 -21.20 23.14
N GLN A 253 -9.65 -20.42 22.30
CA GLN A 253 -10.09 -20.91 20.99
C GLN A 253 -8.99 -20.84 19.94
N TYR A 254 -7.92 -20.09 20.25
CA TYR A 254 -6.85 -19.88 19.28
C TYR A 254 -5.79 -20.97 19.34
N LEU A 255 -5.87 -21.83 20.35
CA LEU A 255 -4.91 -22.92 20.51
C LEU A 255 -4.94 -23.87 19.32
N ILE A 256 -3.80 -24.48 19.02
CA ILE A 256 -3.69 -25.42 17.91
C ILE A 256 -4.61 -26.62 18.11
N GLN A 257 -4.59 -27.16 19.33
CA GLN A 257 -5.43 -28.31 19.66
C GLN A 257 -6.84 -27.87 20.04
N GLY A 258 -7.62 -28.82 20.58
CA GLY A 258 -9.00 -28.54 20.96
C GLY A 258 -9.93 -28.57 19.77
N SER A 259 -11.21 -28.28 19.99
CA SER A 259 -11.72 -27.93 21.32
C SER A 259 -13.10 -28.55 21.54
N ARG A 260 -13.48 -28.68 22.81
CA ARG A 260 -14.77 -29.26 23.17
C ARG A 260 -15.90 -28.26 22.98
N MET A 261 -15.60 -26.99 23.23
CA MET A 261 -16.61 -25.93 23.14
C MET A 261 -17.04 -25.65 21.71
N ARG A 262 -18.34 -25.78 21.46
CA ARG A 262 -18.91 -25.40 20.16
C ARG A 262 -19.85 -24.21 20.32
N PHE A 263 -20.36 -23.70 19.20
CA PHE A 263 -21.16 -22.50 19.23
C PHE A 263 -22.46 -22.63 18.43
N LEU A 264 -23.51 -21.97 18.93
CA LEU A 264 -24.81 -21.94 18.25
C LEU A 264 -25.19 -20.50 17.93
N ASP A 265 -25.58 -20.24 16.70
CA ASP A 265 -25.84 -18.87 16.26
C ASP A 265 -27.34 -18.63 16.02
N THR A 266 -27.90 -17.68 16.75
CA THR A 266 -29.33 -17.37 16.64
C THR A 266 -29.66 -16.69 15.31
N MET A 267 -28.67 -16.03 14.72
CA MET A 267 -28.84 -15.39 13.43
C MET A 267 -28.97 -16.44 12.33
N SER A 268 -28.02 -17.37 12.32
CA SER A 268 -28.03 -18.48 11.37
C SER A 268 -29.27 -19.34 11.55
N MET A 269 -29.65 -19.54 12.79
CA MET A 269 -30.83 -20.32 13.13
C MET A 269 -32.09 -19.62 12.61
N HIS A 270 -32.14 -18.30 12.77
CA HIS A 270 -33.23 -17.49 12.21
C HIS A 270 -33.27 -17.63 10.70
N MET A 271 -32.10 -17.71 10.10
CA MET A 271 -32.01 -17.86 8.65
C MET A 271 -32.55 -19.22 8.21
N ALA A 272 -32.33 -20.23 9.04
CA ALA A 272 -32.80 -21.57 8.72
C ALA A 272 -34.31 -21.69 8.91
N ILE A 273 -34.82 -21.06 9.96
CA ILE A 273 -36.24 -21.11 10.27
C ILE A 273 -37.05 -20.20 9.36
N SER A 274 -36.91 -18.89 9.55
CA SER A 274 -37.66 -17.91 8.79
C SER A 274 -36.75 -16.87 8.15
N GLY A 275 -35.96 -17.31 7.17
CA GLY A 275 -35.07 -16.41 6.47
C GLY A 275 -35.66 -15.92 5.16
N LEU A 276 -35.06 -14.87 4.60
CA LEU A 276 -35.50 -14.31 3.34
C LEU A 276 -34.32 -13.87 2.48
N SER A 277 -34.51 -13.87 1.16
CA SER A 277 -33.45 -13.49 0.23
C SER A 277 -33.15 -12.00 0.31
N SER A 278 -32.02 -11.61 -0.28
CA SER A 278 -31.61 -10.20 -0.29
C SER A 278 -32.61 -9.35 -1.04
N PHE A 279 -33.14 -9.89 -2.14
CA PHE A 279 -34.16 -9.21 -2.92
C PHE A 279 -35.40 -8.97 -2.07
N GLN A 280 -35.67 -9.89 -1.15
CA GLN A 280 -36.77 -9.74 -0.21
C GLN A 280 -36.43 -8.70 0.85
N ARG A 281 -35.19 -8.72 1.32
CA ARG A 281 -34.72 -7.76 2.32
C ARG A 281 -34.87 -6.34 1.81
N SER A 282 -34.63 -6.16 0.51
CA SER A 282 -34.71 -4.84 -0.11
C SER A 282 -36.11 -4.24 0.01
N LEU A 283 -37.12 -5.03 -0.32
CA LEU A 283 -38.50 -4.54 -0.27
C LEU A 283 -39.16 -4.81 1.08
N TRP A 284 -38.44 -5.49 1.96
CA TRP A 284 -38.92 -5.70 3.33
C TRP A 284 -38.72 -4.43 4.13
N ILE A 285 -37.53 -3.83 3.99
CA ILE A 285 -37.21 -2.58 4.66
C ILE A 285 -37.86 -1.40 3.94
N ALA A 286 -38.31 -1.65 2.71
CA ALA A 286 -39.00 -0.62 1.93
C ALA A 286 -40.40 -0.38 2.48
N ALA A 287 -40.88 -1.34 3.27
CA ALA A 287 -42.17 -1.20 3.95
C ALA A 287 -42.07 -0.14 5.05
N LYS A 288 -42.06 1.12 4.64
CA LYS A 288 -41.93 2.23 5.59
C LYS A 288 -42.47 3.52 4.98
N ALA A 313 -46.83 -9.18 -8.60
CA ALA A 313 -46.76 -8.75 -7.21
C ALA A 313 -48.15 -8.54 -6.62
N ILE A 314 -49.05 -9.48 -6.89
CA ILE A 314 -50.42 -9.40 -6.40
C ILE A 314 -50.50 -9.83 -4.93
N SER A 315 -49.89 -10.97 -4.61
CA SER A 315 -49.86 -11.46 -3.23
C SER A 315 -48.43 -11.63 -2.76
N SER A 316 -47.62 -10.59 -2.97
CA SER A 316 -46.20 -10.65 -2.62
C SER A 316 -45.92 -9.99 -1.27
N TRP A 317 -46.98 -9.54 -0.60
CA TRP A 317 -46.84 -8.87 0.69
C TRP A 317 -47.47 -9.67 1.83
N ASP A 318 -47.69 -10.96 1.61
CA ASP A 318 -48.27 -11.83 2.62
C ASP A 318 -47.24 -12.37 3.60
N TRP A 319 -46.01 -12.55 3.12
CA TRP A 319 -44.93 -13.08 3.93
C TRP A 319 -44.21 -11.98 4.71
N LEU A 320 -44.69 -10.74 4.56
CA LEU A 320 -44.04 -9.58 5.13
C LEU A 320 -44.01 -9.60 6.66
N ASP A 321 -45.02 -10.23 7.26
CA ASP A 321 -45.15 -10.25 8.72
C ASP A 321 -44.78 -11.59 9.33
N ILE A 322 -44.44 -12.56 8.47
CA ILE A 322 -44.09 -13.90 8.96
C ILE A 322 -42.58 -14.07 9.00
N SER A 323 -41.85 -13.12 8.41
CA SER A 323 -40.40 -13.17 8.42
C SER A 323 -39.80 -11.81 8.78
N SER A 324 -38.48 -11.74 8.86
CA SER A 324 -37.80 -10.50 9.22
C SER A 324 -36.33 -10.51 8.80
N VAL A 325 -35.71 -9.34 8.89
CA VAL A 325 -34.29 -9.21 8.56
C VAL A 325 -33.47 -9.78 9.73
N ASN A 326 -32.18 -9.99 9.49
CA ASN A 326 -31.34 -10.70 10.45
C ASN A 326 -30.88 -9.88 11.65
N SER A 327 -31.34 -8.62 11.72
CA SER A 327 -31.01 -7.75 12.84
C SER A 327 -31.52 -8.34 14.15
N LEU A 328 -30.78 -8.09 15.23
CA LEU A 328 -31.15 -8.63 16.54
C LEU A 328 -32.48 -8.05 17.03
N ALA A 329 -32.64 -6.74 16.87
CA ALA A 329 -33.87 -6.07 17.27
C ALA A 329 -35.06 -6.60 16.49
N GLU A 330 -34.85 -6.81 15.19
CA GLU A 330 -35.92 -7.28 14.31
C GLU A 330 -36.24 -8.74 14.52
N VAL A 331 -35.20 -9.56 14.72
CA VAL A 331 -35.40 -10.99 14.93
C VAL A 331 -36.03 -11.23 16.30
N HIS A 332 -35.78 -10.31 17.23
CA HIS A 332 -36.41 -10.36 18.55
C HIS A 332 -37.85 -9.90 18.45
N ARG A 333 -38.09 -8.89 17.62
CA ARG A 333 -39.45 -8.41 17.39
C ARG A 333 -40.26 -9.46 16.66
N LEU A 334 -39.57 -10.39 16.00
CA LEU A 334 -40.23 -11.45 15.26
C LEU A 334 -40.52 -12.68 16.13
N TYR A 335 -39.50 -13.20 16.79
CA TYR A 335 -39.64 -14.45 17.55
C TYR A 335 -40.16 -14.24 18.97
N VAL A 336 -39.88 -13.08 19.55
CA VAL A 336 -40.36 -12.77 20.90
C VAL A 336 -41.57 -11.84 20.82
N GLY A 337 -41.47 -10.85 19.95
CA GLY A 337 -42.59 -9.94 19.70
C GLY A 337 -42.94 -9.06 20.88
N GLY A 338 -42.00 -8.89 21.80
CA GLY A 338 -42.21 -8.03 22.95
C GLY A 338 -42.01 -6.57 22.59
N PRO A 339 -41.73 -5.73 23.59
CA PRO A 339 -41.44 -4.32 23.36
C PRO A 339 -40.12 -4.14 22.61
N PRO A 340 -40.02 -3.11 21.76
CA PRO A 340 -38.82 -2.86 20.97
C PRO A 340 -37.60 -2.56 21.84
N LEU A 341 -36.52 -3.32 21.65
CA LEU A 341 -35.31 -3.11 22.42
C LEU A 341 -34.56 -1.88 21.93
N GLU A 342 -34.12 -1.06 22.87
CA GLU A 342 -33.43 0.19 22.55
C GLU A 342 -32.00 -0.07 22.14
N LYS A 343 -31.53 0.65 21.13
CA LYS A 343 -30.15 0.55 20.69
C LYS A 343 -29.37 1.79 21.08
N GLU A 344 -28.06 1.66 21.23
CA GLU A 344 -27.20 2.77 21.63
C GLU A 344 -27.27 3.90 20.60
N PRO A 345 -27.82 5.05 21.01
CA PRO A 345 -28.03 6.21 20.12
C PRO A 345 -26.73 6.93 19.75
N ARG A 346 -25.69 6.75 20.57
CA ARG A 346 -24.42 7.43 20.33
C ARG A 346 -23.43 6.52 19.61
N GLU A 347 -23.75 5.24 19.55
CA GLU A 347 -22.87 4.23 18.96
C GLU A 347 -21.46 4.34 19.55
N LEU A 348 -21.40 4.41 20.88
CA LEU A 348 -20.18 4.75 21.59
C LEU A 348 -19.03 3.78 21.37
N PHE A 349 -19.35 2.52 21.09
CA PHE A 349 -18.31 1.50 20.93
C PHE A 349 -17.60 1.61 19.59
N VAL A 350 -18.23 2.26 18.62
CA VAL A 350 -17.65 2.40 17.30
C VAL A 350 -17.35 3.85 16.94
N LYS A 351 -17.98 4.77 17.66
CA LYS A 351 -17.86 6.20 17.35
C LYS A 351 -17.02 6.92 18.40
N GLY A 352 -16.99 6.38 19.61
CA GLY A 352 -16.31 7.03 20.72
C GLY A 352 -15.00 6.38 21.12
N THR A 353 -14.24 7.07 21.97
CA THR A 353 -12.98 6.56 22.46
C THR A 353 -13.17 5.74 23.73
N MET A 354 -12.07 5.34 24.35
CA MET A 354 -12.13 4.60 25.60
C MET A 354 -12.53 5.52 26.75
N LYS A 355 -12.27 6.81 26.58
CA LYS A 355 -12.58 7.81 27.60
C LYS A 355 -14.07 7.91 27.89
N ASP A 356 -14.87 8.13 26.84
CA ASP A 356 -16.31 8.30 27.00
C ASP A 356 -17.04 6.98 27.23
N ILE A 357 -16.29 5.89 27.23
CA ILE A 357 -16.87 4.59 27.56
C ILE A 357 -16.94 4.40 29.07
N ARG A 358 -15.86 4.76 29.76
CA ARG A 358 -15.81 4.69 31.21
C ARG A 358 -16.82 5.64 31.85
N GLU A 359 -17.06 6.76 31.19
CA GLU A 359 -18.03 7.75 31.66
C GLU A 359 -19.44 7.19 31.62
N ASN A 360 -19.70 6.30 30.67
CA ASN A 360 -21.00 5.68 30.51
C ASN A 360 -20.91 4.16 30.62
N PHE A 361 -20.06 3.69 31.53
CA PHE A 361 -19.81 2.27 31.71
C PHE A 361 -21.06 1.49 32.12
N GLN A 362 -21.74 1.99 33.14
CA GLN A 362 -22.93 1.31 33.68
C GLN A 362 -23.99 1.13 32.60
N ASP A 363 -24.24 2.19 31.84
CA ASP A 363 -25.25 2.17 30.79
C ASP A 363 -24.88 1.18 29.68
N LEU A 364 -23.63 1.20 29.25
CA LEU A 364 -23.16 0.30 28.20
C LEU A 364 -23.27 -1.17 28.64
N MET A 365 -22.88 -1.43 29.88
CA MET A 365 -23.06 -2.75 30.47
C MET A 365 -24.51 -3.16 30.45
N GLN A 366 -25.39 -2.22 30.78
CA GLN A 366 -26.82 -2.45 30.78
C GLN A 366 -27.32 -2.84 29.39
N TYR A 367 -26.87 -2.11 28.37
CA TYR A 367 -27.22 -2.39 26.99
C TYR A 367 -26.75 -3.77 26.56
N CYS A 368 -25.52 -4.12 26.94
CA CYS A 368 -24.98 -5.43 26.62
C CYS A 368 -25.83 -6.53 27.25
N ALA A 369 -26.24 -6.31 28.49
CA ALA A 369 -27.11 -7.23 29.20
C ALA A 369 -28.45 -7.39 28.48
N GLN A 370 -28.98 -6.28 27.99
CA GLN A 370 -30.22 -6.30 27.24
C GLN A 370 -30.05 -7.12 25.96
N ASP A 371 -28.88 -7.00 25.34
CA ASP A 371 -28.59 -7.76 24.14
C ASP A 371 -28.53 -9.27 24.42
N VAL A 372 -27.82 -9.67 25.47
CA VAL A 372 -27.69 -11.08 25.78
C VAL A 372 -29.03 -11.66 26.24
N TRP A 373 -29.87 -10.81 26.81
CA TRP A 373 -31.19 -11.23 27.26
C TRP A 373 -32.12 -11.48 26.07
N ALA A 374 -32.14 -10.51 25.16
CA ALA A 374 -32.93 -10.63 23.93
C ALA A 374 -32.47 -11.84 23.13
N THR A 375 -31.16 -12.02 23.03
CA THR A 375 -30.59 -13.16 22.33
C THR A 375 -31.00 -14.47 23.01
N HIS A 376 -31.00 -14.46 24.34
CA HIS A 376 -31.42 -15.62 25.11
C HIS A 376 -32.85 -16.03 24.77
N GLU A 377 -33.75 -15.05 24.83
CA GLU A 377 -35.15 -15.27 24.49
C GLU A 377 -35.31 -15.81 23.06
N VAL A 378 -34.70 -15.12 22.11
CA VAL A 378 -34.75 -15.51 20.71
C VAL A 378 -34.31 -16.96 20.54
N PHE A 379 -33.19 -17.32 21.18
CA PHE A 379 -32.70 -18.69 21.13
C PHE A 379 -33.72 -19.67 21.70
N GLN A 380 -34.30 -19.31 22.84
CA GLN A 380 -35.30 -20.16 23.49
C GLN A 380 -36.47 -20.45 22.57
N GLN A 381 -36.89 -19.45 21.81
CA GLN A 381 -38.03 -19.62 20.92
C GLN A 381 -37.64 -20.25 19.58
N GLN A 382 -36.36 -20.19 19.24
CA GLN A 382 -35.89 -20.68 17.95
C GLN A 382 -35.52 -22.16 17.97
N LEU A 383 -34.83 -22.58 19.02
CA LEU A 383 -34.32 -23.95 19.12
C LEU A 383 -35.38 -25.03 18.83
N PRO A 384 -36.58 -24.94 19.45
CA PRO A 384 -37.55 -25.97 19.11
C PRO A 384 -38.10 -25.82 17.69
N LEU A 385 -38.24 -24.58 17.22
CA LEU A 385 -38.69 -24.32 15.86
C LEU A 385 -37.69 -24.89 14.85
N PHE A 386 -36.41 -24.65 15.10
CA PHE A 386 -35.35 -25.17 14.25
C PHE A 386 -35.30 -26.69 14.30
N LEU A 387 -35.49 -27.26 15.48
CA LEU A 387 -35.51 -28.70 15.65
C LEU A 387 -36.67 -29.32 14.87
N GLU A 388 -37.77 -28.59 14.78
CA GLU A 388 -38.93 -29.05 14.01
C GLU A 388 -38.67 -28.95 12.51
N ARG A 389 -38.14 -27.81 12.08
CA ARG A 389 -37.91 -27.54 10.67
C ARG A 389 -36.70 -28.28 10.12
N CYS A 390 -35.71 -28.50 10.97
CA CYS A 390 -34.53 -29.28 10.59
C CYS A 390 -34.39 -30.49 11.51
N PRO A 391 -35.24 -31.51 11.31
CA PRO A 391 -35.34 -32.66 12.21
C PRO A 391 -34.10 -33.55 12.21
N HIS A 392 -33.44 -33.66 11.07
CA HIS A 392 -32.26 -34.51 10.95
C HIS A 392 -31.08 -33.90 11.70
N PRO A 393 -30.43 -34.70 12.56
CA PRO A 393 -29.33 -34.24 13.41
C PRO A 393 -28.07 -33.90 12.62
N VAL A 394 -27.97 -34.38 11.40
CA VAL A 394 -26.81 -34.12 10.55
C VAL A 394 -26.65 -32.61 10.34
N THR A 395 -27.76 -31.92 10.14
CA THR A 395 -27.75 -30.47 9.98
C THR A 395 -27.26 -29.80 11.25
N LEU A 396 -27.66 -30.34 12.40
CA LEU A 396 -27.30 -29.75 13.69
C LEU A 396 -25.80 -29.89 13.96
N ALA A 397 -25.30 -31.12 13.92
CA ALA A 397 -23.89 -31.38 14.18
C ALA A 397 -23.02 -30.71 13.12
N GLY A 398 -23.50 -30.72 11.89
CA GLY A 398 -22.83 -30.05 10.79
C GLY A 398 -22.68 -28.57 11.07
N MET A 399 -23.77 -27.94 11.52
CA MET A 399 -23.74 -26.54 11.89
C MET A 399 -22.84 -26.29 13.11
N LEU A 400 -22.70 -27.32 13.95
CA LEU A 400 -21.85 -27.21 15.12
C LEU A 400 -20.38 -27.17 14.72
N GLU A 401 -19.99 -28.06 13.81
CA GLU A 401 -18.58 -28.11 13.39
C GLU A 401 -18.26 -27.01 12.39
N MET A 402 -19.27 -26.52 11.69
CA MET A 402 -19.08 -25.50 10.67
C MET A 402 -18.91 -24.12 11.29
N GLY A 403 -18.93 -24.06 12.62
CA GLY A 403 -18.82 -22.80 13.32
C GLY A 403 -17.53 -22.65 14.10
N VAL A 404 -16.68 -23.67 14.03
CA VAL A 404 -15.40 -23.64 14.76
C VAL A 404 -14.20 -23.70 13.82
N SER A 405 -14.25 -22.90 12.75
CA SER A 405 -13.16 -22.85 11.79
C SER A 405 -11.90 -22.24 12.40
N TYR A 406 -10.74 -22.53 11.80
CA TYR A 406 -9.47 -22.14 12.38
C TYR A 406 -8.40 -21.91 11.31
N LEU A 407 -7.86 -20.69 11.27
CA LEU A 407 -6.84 -20.36 10.27
C LEU A 407 -5.50 -20.02 10.91
N PRO A 408 -4.54 -20.95 10.84
CA PRO A 408 -3.20 -20.77 11.42
C PRO A 408 -2.29 -19.87 10.56
N VAL A 409 -1.63 -18.91 11.19
CA VAL A 409 -0.75 -17.99 10.48
C VAL A 409 0.50 -17.66 11.28
N ASN A 410 1.36 -16.84 10.67
CA ASN A 410 2.62 -16.44 11.29
C ASN A 410 3.01 -15.02 10.90
N GLN A 411 4.28 -14.66 11.09
CA GLN A 411 4.76 -13.32 10.76
C GLN A 411 4.64 -13.02 9.27
N ASN A 412 4.62 -14.09 8.48
CA ASN A 412 4.42 -13.99 7.05
C ASN A 412 3.14 -13.26 6.69
N TRP A 413 2.17 -13.31 7.60
CA TRP A 413 0.94 -12.55 7.46
C TRP A 413 1.22 -11.06 7.47
N GLU A 414 1.98 -10.62 8.47
CA GLU A 414 2.31 -9.20 8.61
C GLU A 414 3.15 -8.74 7.41
N ARG A 415 4.12 -9.56 7.02
CA ARG A 415 4.93 -9.26 5.85
C ARG A 415 4.07 -9.13 4.59
N TYR A 416 3.09 -10.03 4.47
CA TYR A 416 2.14 -10.00 3.36
C TYR A 416 1.37 -8.71 3.33
N LEU A 417 0.87 -8.29 4.49
CA LEU A 417 0.13 -7.04 4.61
C LEU A 417 0.99 -5.86 4.16
N ALA A 418 2.20 -5.78 4.70
CA ALA A 418 3.11 -4.68 4.37
C ALA A 418 3.43 -4.61 2.87
N GLU A 419 3.80 -5.75 2.30
CA GLU A 419 4.19 -5.81 0.89
C GLU A 419 3.01 -5.51 -0.03
N ALA A 420 1.85 -6.09 0.26
CA ALA A 420 0.66 -5.88 -0.55
C ALA A 420 0.23 -4.42 -0.52
N GLN A 421 0.18 -3.84 0.68
CA GLN A 421 -0.20 -2.43 0.82
C GLN A 421 0.81 -1.53 0.11
N GLY A 422 2.09 -1.93 0.17
CA GLY A 422 3.14 -1.19 -0.52
C GLY A 422 2.92 -1.17 -2.02
N THR A 423 2.73 -2.36 -2.61
CA THR A 423 2.48 -2.48 -4.05
C THR A 423 1.26 -1.67 -4.46
N TYR A 424 0.18 -1.82 -3.71
CA TYR A 424 -1.05 -1.08 -3.96
C TYR A 424 -0.80 0.43 -3.96
N GLU A 425 -0.11 0.92 -2.94
CA GLU A 425 0.18 2.35 -2.84
C GLU A 425 1.07 2.82 -4.00
N GLU A 426 1.95 1.95 -4.47
CA GLU A 426 2.83 2.30 -5.58
C GLU A 426 2.05 2.43 -6.88
N LEU A 427 1.30 1.39 -7.24
CA LEU A 427 0.51 1.40 -8.47
C LEU A 427 -0.50 2.55 -8.46
N GLN A 428 -1.14 2.76 -7.31
CA GLN A 428 -2.08 3.87 -7.16
C GLN A 428 -1.37 5.21 -7.32
N ARG A 429 -0.15 5.28 -6.81
CA ARG A 429 0.66 6.49 -6.94
C ARG A 429 0.97 6.80 -8.41
N GLU A 430 1.34 5.77 -9.16
CA GLU A 430 1.61 5.92 -10.59
C GLU A 430 0.38 6.37 -11.36
N MET A 431 -0.72 5.64 -11.16
CA MET A 431 -1.98 5.96 -11.81
C MET A 431 -2.42 7.39 -11.53
N LYS A 432 -2.48 7.75 -10.26
CA LYS A 432 -2.90 9.08 -9.86
C LYS A 432 -1.92 10.15 -10.35
N LYS A 433 -0.66 9.78 -10.49
CA LYS A 433 0.35 10.70 -11.01
C LYS A 433 0.06 11.04 -12.46
N SER A 434 -0.14 10.00 -13.27
CA SER A 434 -0.44 10.17 -14.69
C SER A 434 -1.74 10.95 -14.88
N LEU A 435 -2.78 10.53 -14.18
CA LEU A 435 -4.09 11.15 -14.31
C LEU A 435 -4.09 12.61 -13.85
N MET A 436 -3.37 12.91 -12.78
CA MET A 436 -3.29 14.28 -12.29
C MET A 436 -2.43 15.12 -13.23
N ASP A 437 -1.52 14.45 -13.93
CA ASP A 437 -0.73 15.14 -14.95
C ASP A 437 -1.64 15.55 -16.11
N LEU A 438 -2.46 14.62 -16.56
CA LEU A 438 -3.44 14.92 -17.61
C LEU A 438 -4.42 16.00 -17.16
N ALA A 439 -4.77 15.99 -15.88
CA ALA A 439 -5.68 16.98 -15.32
C ALA A 439 -5.00 18.33 -15.12
N ASN A 440 -3.68 18.33 -15.10
CA ASN A 440 -2.92 19.57 -14.94
C ASN A 440 -2.64 20.25 -16.28
N ASP A 441 -2.27 19.45 -17.28
CA ASP A 441 -1.92 19.99 -18.59
C ASP A 441 -3.14 20.36 -19.43
N ALA A 442 -4.32 19.96 -18.96
CA ALA A 442 -5.56 20.27 -19.67
C ALA A 442 -6.26 21.47 -19.05
N CYS A 443 -5.73 21.93 -17.92
CA CYS A 443 -6.32 23.05 -17.19
C CYS A 443 -5.89 24.38 -17.81
N GLN A 444 -4.94 24.33 -18.73
CA GLN A 444 -4.35 25.54 -19.29
C GLN A 444 -5.22 26.20 -20.36
N LEU A 445 -6.11 25.44 -20.99
CA LEU A 445 -6.93 25.97 -22.06
C LEU A 445 -8.19 26.67 -21.56
N LEU A 446 -8.06 27.37 -20.43
CA LEU A 446 -9.13 28.21 -19.92
C LEU A 446 -9.01 29.60 -20.53
N SER A 447 -7.76 30.01 -20.79
CA SER A 447 -7.50 31.31 -21.38
C SER A 447 -7.07 31.16 -22.84
N GLY A 448 -7.88 31.71 -23.75
CA GLY A 448 -9.09 32.42 -23.38
C GLY A 448 -10.32 31.86 -24.07
N GLU A 449 -11.17 31.21 -23.28
CA GLU A 449 -12.42 30.62 -23.77
C GLU A 449 -12.19 29.61 -24.90
N ARG A 450 -11.00 28.99 -24.90
CA ARG A 450 -10.66 28.02 -25.94
C ARG A 450 -11.06 26.61 -25.54
N TYR A 451 -11.68 26.48 -24.37
CA TYR A 451 -12.11 25.18 -23.87
C TYR A 451 -13.34 24.69 -24.63
N LYS A 452 -14.05 25.62 -25.27
CA LYS A 452 -15.25 25.29 -26.03
C LYS A 452 -14.89 24.47 -27.26
N GLU A 453 -13.69 24.70 -27.79
CA GLU A 453 -13.23 23.98 -28.97
C GLU A 453 -12.85 22.54 -28.63
N ASP A 454 -12.53 22.31 -27.36
CA ASP A 454 -12.19 20.96 -26.89
C ASP A 454 -13.40 20.05 -26.94
N PRO A 455 -13.32 18.97 -27.73
CA PRO A 455 -14.45 18.05 -27.94
C PRO A 455 -14.69 17.09 -26.78
N TRP A 456 -13.92 17.24 -25.70
CA TRP A 456 -14.09 16.39 -24.53
C TRP A 456 -14.41 17.18 -23.28
N LEU A 457 -13.89 18.40 -23.19
CA LEU A 457 -14.01 19.20 -21.96
C LEU A 457 -14.81 20.48 -22.18
N TRP A 458 -16.13 20.37 -22.19
CA TRP A 458 -16.98 21.55 -22.38
C TRP A 458 -18.28 21.46 -21.59
N ASP A 459 -18.49 20.32 -20.91
CA ASP A 459 -19.69 20.14 -20.12
C ASP A 459 -19.55 20.77 -18.74
N LEU A 460 -18.33 20.77 -18.22
CA LEU A 460 -18.07 21.16 -16.84
C LEU A 460 -18.13 22.67 -16.61
N GLU A 461 -17.66 23.10 -15.45
CA GLU A 461 -17.87 24.46 -14.96
C GLU A 461 -17.04 25.53 -15.68
N TRP A 462 -15.72 25.39 -15.60
CA TRP A 462 -14.78 26.41 -16.09
C TRP A 462 -15.05 27.76 -15.43
N ASP A 463 -15.24 27.75 -14.11
CA ASP A 463 -15.55 28.97 -13.37
C ASP A 463 -14.31 29.78 -13.03
N LEU A 464 -14.49 31.08 -12.88
CA LEU A 464 -13.41 31.97 -12.47
C LEU A 464 -13.92 32.89 -11.36
N GLN A 465 -13.58 32.54 -10.13
CA GLN A 465 -14.10 33.27 -8.97
C GLN A 465 -13.01 34.11 -8.30
N GLU A 466 -13.43 35.22 -7.69
CA GLU A 466 -12.51 36.12 -6.99
C GLU A 466 -13.24 36.89 -5.90
N PHE A 467 -13.62 36.18 -4.84
CA PHE A 467 -14.39 36.76 -3.74
C PHE A 467 -13.70 36.51 -2.41
N LYS A 468 -13.87 37.39 -1.41
CA LYS A 468 -14.61 38.65 -1.51
C LYS A 468 -14.02 39.64 -0.51
N GLN A 469 -14.59 40.83 -0.43
CA GLN A 469 -14.18 41.82 0.56
C GLN A 469 -15.27 42.83 0.87
N LYS A 470 -15.27 43.32 2.12
CA LYS A 470 -16.21 44.36 2.53
C LYS A 470 -15.46 45.62 2.95
N LYS A 471 -15.99 46.77 2.56
CA LYS A 471 -15.30 48.03 2.75
C LYS A 471 -15.28 48.50 4.20
N ALA A 472 -14.11 48.99 4.62
CA ALA A 472 -13.93 49.53 5.96
C ALA A 472 -13.00 50.74 5.94
N LYS A 473 -12.16 50.80 4.90
CA LYS A 473 -11.23 51.92 4.73
C LYS A 473 -11.83 53.00 3.84
N LYS A 474 -11.46 54.25 4.13
CA LYS A 474 -12.11 55.42 3.54
C LYS A 474 -11.20 56.65 3.67
N VAL A 475 -11.36 57.69 2.85
CA VAL A 475 -12.43 57.83 1.86
C VAL A 475 -11.98 58.64 0.63
N LYS A 476 -12.61 58.35 -0.51
CA LYS A 476 -12.58 59.21 -1.69
C LYS A 476 -11.19 59.51 -2.26
N LYS A 477 -10.39 58.47 -2.44
CA LYS A 477 -9.11 58.59 -3.16
C LYS A 477 -8.71 57.23 -3.70
N GLU A 478 -8.25 57.19 -4.94
CA GLU A 478 -7.94 55.93 -5.61
C GLU A 478 -6.76 55.20 -4.95
N PRO A 479 -6.99 53.96 -4.51
CA PRO A 479 -5.96 53.13 -3.90
C PRO A 479 -5.34 52.13 -4.87
N ALA A 480 -5.88 52.08 -6.09
CA ALA A 480 -5.45 51.09 -7.08
C ALA A 480 -4.14 51.50 -7.76
N THR A 481 -3.82 52.79 -7.70
CA THR A 481 -2.59 53.28 -8.32
C THR A 481 -1.63 53.81 -7.25
N ALA A 482 -2.10 53.86 -6.01
CA ALA A 482 -1.28 54.34 -4.90
C ALA A 482 -0.78 53.18 -4.05
N LEU A 502 19.58 51.68 -10.71
CA LEU A 502 20.78 51.17 -11.36
C LEU A 502 22.03 51.55 -10.57
N GLY A 503 21.83 52.23 -9.45
CA GLY A 503 22.92 52.68 -8.61
C GLY A 503 23.73 51.54 -8.00
N PRO A 504 25.06 51.56 -8.21
CA PRO A 504 25.98 50.54 -7.71
C PRO A 504 26.65 50.94 -6.39
N CYS A 505 26.55 50.08 -5.38
CA CYS A 505 27.15 50.34 -4.07
C CYS A 505 27.35 49.08 -3.26
N SER A 506 27.69 49.26 -1.99
CA SER A 506 27.90 48.13 -1.07
C SER A 506 27.79 48.59 0.38
N GLU A 507 26.57 48.75 0.86
CA GLU A 507 26.34 49.25 2.21
C GLU A 507 25.80 48.17 3.15
N GLU A 508 26.27 48.19 4.39
CA GLU A 508 25.85 47.22 5.39
C GLU A 508 25.72 47.86 6.77
N GLU A 509 25.95 49.17 6.83
CA GLU A 509 25.89 49.92 8.08
C GLU A 509 24.51 49.81 8.74
N GLU A 510 23.50 49.53 7.93
CA GLU A 510 22.15 49.32 8.43
C GLU A 510 21.95 47.84 8.75
N PHE A 511 22.64 47.36 9.79
CA PHE A 511 22.61 45.96 10.17
C PHE A 511 21.21 45.49 10.53
N GLN A 512 20.43 46.35 11.18
CA GLN A 512 19.12 45.98 11.69
C GLN A 512 17.98 46.51 10.82
N GLN A 513 18.25 46.80 9.56
CA GLN A 513 17.19 47.20 8.65
C GLN A 513 16.42 45.96 8.22
N ASP A 514 17.06 44.80 8.36
CA ASP A 514 16.43 43.53 8.05
C ASP A 514 15.32 43.22 9.06
N VAL A 515 15.54 43.58 10.31
CA VAL A 515 14.54 43.38 11.34
C VAL A 515 13.47 44.48 11.24
N MET A 516 13.82 45.56 10.54
CA MET A 516 12.88 46.63 10.25
C MET A 516 11.89 46.16 9.19
N ALA A 517 12.43 45.57 8.12
CA ALA A 517 11.61 45.00 7.05
C ALA A 517 10.82 43.80 7.57
N ARG A 518 11.41 43.06 8.50
CA ARG A 518 10.74 41.94 9.14
C ARG A 518 9.55 42.41 9.98
N ALA A 519 9.80 43.39 10.83
CA ALA A 519 8.75 43.96 11.68
C ALA A 519 7.64 44.54 10.83
N CYS A 520 8.01 45.23 9.75
CA CYS A 520 7.03 45.78 8.82
C CYS A 520 6.22 44.67 8.17
N LEU A 521 6.89 43.56 7.85
CA LEU A 521 6.24 42.41 7.24
C LEU A 521 5.19 41.79 8.16
N GLN A 522 5.55 41.59 9.43
CA GLN A 522 4.63 41.01 10.39
C GLN A 522 3.47 41.95 10.70
N LYS A 523 3.80 43.23 10.88
CA LYS A 523 2.79 44.25 11.16
C LYS A 523 1.82 44.39 9.99
N LEU A 524 2.29 44.14 8.78
CA LEU A 524 1.43 44.14 7.61
C LEU A 524 0.59 42.86 7.57
N LYS A 525 1.20 41.76 7.99
CA LYS A 525 0.55 40.46 7.97
C LYS A 525 -0.65 40.39 8.92
N GLY A 526 -0.48 40.89 10.13
CA GLY A 526 -1.50 40.77 11.16
C GLY A 526 -2.77 41.57 10.95
N THR A 527 -2.81 42.39 9.91
CA THR A 527 -3.94 43.30 9.70
C THR A 527 -4.97 42.77 8.70
N THR A 528 -4.58 41.78 7.90
CA THR A 528 -5.43 41.31 6.81
C THR A 528 -6.37 40.19 7.24
N GLU A 529 -6.06 39.54 8.36
CA GLU A 529 -6.76 38.33 8.77
C GLU A 529 -8.27 38.50 8.98
N LEU A 530 -8.70 39.67 9.46
CA LEU A 530 -10.11 39.87 9.75
C LEU A 530 -10.90 40.24 8.49
N LEU A 531 -10.22 40.36 7.36
CA LEU A 531 -10.91 40.63 6.09
C LEU A 531 -11.63 39.38 5.56
N PRO A 532 -10.94 38.23 5.48
CA PRO A 532 -11.72 37.05 5.09
C PRO A 532 -12.18 36.28 6.33
N LYS A 533 -13.10 35.33 6.14
CA LYS A 533 -13.64 34.58 7.26
C LYS A 533 -13.18 33.12 7.25
N ARG A 534 -13.76 32.35 6.34
CA ARG A 534 -13.45 30.92 6.23
C ARG A 534 -12.69 30.62 4.95
N PRO A 535 -11.56 29.92 5.05
CA PRO A 535 -10.76 29.56 3.87
C PRO A 535 -11.50 28.60 2.93
N GLN A 536 -11.86 29.09 1.75
CA GLN A 536 -12.53 28.27 0.76
C GLN A 536 -11.52 27.64 -0.20
N HIS A 537 -12.01 26.72 -1.04
CA HIS A 537 -11.15 26.07 -2.02
C HIS A 537 -10.69 27.07 -3.06
N LEU A 538 -9.57 26.77 -3.73
CA LEU A 538 -8.95 27.68 -4.68
C LEU A 538 -9.91 28.12 -5.79
N PRO A 539 -10.30 29.40 -5.78
CA PRO A 539 -11.26 29.97 -6.73
C PRO A 539 -10.63 30.30 -8.08
N GLY A 540 -9.32 30.48 -8.12
CA GLY A 540 -8.63 30.80 -9.36
C GLY A 540 -8.73 29.67 -10.37
N HIS A 541 -8.73 28.44 -9.88
CA HIS A 541 -8.81 27.26 -10.73
C HIS A 541 -10.27 26.92 -11.03
N PRO A 542 -10.54 26.35 -12.23
CA PRO A 542 -11.89 25.96 -12.65
C PRO A 542 -12.57 24.99 -11.69
N GLY A 543 -13.90 24.94 -11.72
CA GLY A 543 -14.67 24.12 -10.80
C GLY A 543 -14.37 22.63 -10.87
N TRP A 544 -14.20 22.13 -12.09
CA TRP A 544 -13.86 20.72 -12.30
C TRP A 544 -12.52 20.41 -11.64
N TYR A 545 -11.66 21.41 -11.55
CA TYR A 545 -10.35 21.24 -10.95
C TYR A 545 -10.46 21.41 -9.43
N ARG A 546 -11.41 22.24 -8.98
CA ARG A 546 -11.66 22.41 -7.56
C ARG A 546 -12.14 21.10 -6.94
N LYS A 547 -13.14 20.50 -7.58
CA LYS A 547 -13.71 19.23 -7.10
C LYS A 547 -12.66 18.12 -7.16
N LEU A 548 -11.70 18.26 -8.07
CA LEU A 548 -10.66 17.26 -8.26
C LEU A 548 -9.46 17.53 -7.35
N CYS A 549 -9.68 18.29 -6.28
CA CYS A 549 -8.63 18.60 -5.32
C CYS A 549 -9.11 18.41 -3.89
N PRO A 550 -8.18 18.05 -2.98
CA PRO A 550 -8.50 17.93 -1.56
C PRO A 550 -8.60 19.29 -0.89
N ARG A 551 -9.45 19.40 0.13
CA ARG A 551 -9.64 20.66 0.85
C ARG A 551 -8.36 21.09 1.57
N LEU A 552 -8.17 22.39 1.70
CA LEU A 552 -6.96 22.94 2.32
C LEU A 552 -6.89 22.61 3.80
N ASP A 553 -8.02 22.71 4.49
CA ASP A 553 -8.05 22.44 5.92
C ASP A 553 -8.29 20.96 6.22
N ASP A 554 -7.84 20.10 5.30
CA ASP A 554 -7.98 18.66 5.47
C ASP A 554 -6.67 18.05 5.97
N PRO A 555 -6.76 17.23 7.03
CA PRO A 555 -5.59 16.59 7.65
C PRO A 555 -4.82 15.70 6.69
N ALA A 556 -5.50 15.17 5.67
CA ALA A 556 -4.85 14.29 4.70
C ALA A 556 -4.63 15.00 3.37
N TRP A 557 -4.21 16.25 3.44
CA TRP A 557 -4.02 17.07 2.24
C TRP A 557 -2.79 16.64 1.44
N THR A 558 -2.99 16.38 0.16
CA THR A 558 -1.91 16.06 -0.75
C THR A 558 -1.84 17.12 -1.86
N PRO A 559 -0.62 17.49 -2.28
CA PRO A 559 -0.45 18.58 -3.24
C PRO A 559 -1.03 18.26 -4.61
N GLY A 560 -1.42 19.30 -5.35
CA GLY A 560 -1.98 19.13 -6.68
C GLY A 560 -3.35 18.49 -6.65
N PRO A 561 -3.85 18.10 -7.84
CA PRO A 561 -5.16 17.46 -7.95
C PRO A 561 -5.11 15.99 -7.54
N SER A 562 -5.65 15.69 -6.36
CA SER A 562 -5.75 14.32 -5.89
C SER A 562 -7.12 13.74 -6.23
N LEU A 563 -7.43 12.59 -5.64
CA LEU A 563 -8.73 11.96 -5.82
C LEU A 563 -9.00 11.61 -7.28
N LEU A 564 -7.95 11.27 -8.02
CA LEU A 564 -8.08 10.89 -9.42
C LEU A 564 -8.50 9.42 -9.53
N SER A 565 -9.30 9.13 -10.54
CA SER A 565 -9.96 7.83 -10.66
C SER A 565 -10.59 7.69 -12.05
N LEU A 566 -10.81 6.48 -12.60
CA LEU A 566 -10.43 5.15 -12.10
C LEU A 566 -10.89 4.78 -10.69
N GLN A 567 -12.21 4.62 -10.49
CA GLN A 567 -13.19 4.69 -11.56
C GLN A 567 -14.10 5.92 -11.44
N MET A 568 -13.56 7.09 -11.73
CA MET A 568 -14.34 8.33 -11.75
C MET A 568 -14.95 8.52 -13.13
N ARG A 569 -15.73 9.58 -13.30
CA ARG A 569 -16.45 9.80 -14.56
C ARG A 569 -15.92 10.97 -15.37
N VAL A 570 -15.13 11.82 -14.73
CA VAL A 570 -14.56 12.98 -15.41
C VAL A 570 -13.30 12.61 -16.17
N THR A 571 -12.40 11.92 -15.47
CA THR A 571 -11.10 11.57 -16.02
C THR A 571 -11.07 10.62 -17.25
N PRO A 572 -12.03 9.67 -17.36
CA PRO A 572 -11.97 8.87 -18.59
C PRO A 572 -12.36 9.64 -19.85
N LYS A 573 -13.31 10.55 -19.71
CA LYS A 573 -13.70 11.41 -20.82
C LYS A 573 -12.62 12.47 -21.04
N LEU A 574 -11.85 12.71 -19.98
CA LEU A 574 -10.79 13.72 -20.01
C LEU A 574 -9.64 13.37 -20.96
N MET A 575 -9.47 12.10 -21.29
CA MET A 575 -8.29 11.68 -22.04
C MET A 575 -8.55 10.71 -23.20
N ALA A 576 -9.60 9.91 -23.10
CA ALA A 576 -9.77 8.76 -24.00
C ALA A 576 -10.48 9.09 -25.32
N LEU A 577 -10.03 8.43 -26.38
CA LEU A 577 -10.75 8.43 -27.65
C LEU A 577 -11.84 7.37 -27.58
N THR A 578 -12.90 7.55 -28.36
CA THR A 578 -14.14 6.80 -28.12
C THR A 578 -14.65 5.97 -29.30
N TRP A 579 -14.19 4.73 -29.39
CA TRP A 579 -14.75 3.74 -30.32
C TRP A 579 -14.91 4.26 -31.75
N ASP A 580 -13.79 4.54 -32.40
CA ASP A 580 -13.79 5.11 -33.76
C ASP A 580 -14.60 6.41 -33.82
N GLY A 581 -14.67 7.10 -32.69
CA GLY A 581 -15.38 8.37 -32.60
C GLY A 581 -14.62 9.28 -31.65
N PHE A 582 -15.16 10.48 -31.42
CA PHE A 582 -14.45 11.46 -30.60
C PHE A 582 -15.03 11.62 -29.19
N PRO A 583 -16.35 11.83 -29.05
CA PRO A 583 -16.79 12.13 -27.68
C PRO A 583 -17.42 10.96 -26.93
N LEU A 584 -17.11 10.87 -25.64
CA LEU A 584 -17.84 10.00 -24.74
C LEU A 584 -18.88 10.85 -24.03
N HIS A 585 -19.86 10.21 -23.39
CA HIS A 585 -20.89 10.97 -22.68
C HIS A 585 -21.60 10.14 -21.63
N TYR A 586 -22.38 10.81 -20.78
CA TYR A 586 -23.13 10.13 -19.73
C TYR A 586 -24.44 10.85 -19.44
N SER A 587 -25.46 10.07 -19.11
CA SER A 587 -26.78 10.61 -18.75
C SER A 587 -27.55 9.57 -17.95
N GLU A 588 -27.90 8.48 -18.61
CA GLU A 588 -28.51 7.33 -17.96
C GLU A 588 -27.55 6.16 -18.08
N ARG A 589 -26.58 6.30 -18.98
CA ARG A 589 -25.57 5.29 -19.22
C ARG A 589 -24.40 5.93 -19.95
N HIS A 590 -23.20 5.38 -19.74
CA HIS A 590 -22.00 5.93 -20.36
C HIS A 590 -21.94 5.53 -21.83
N GLY A 591 -20.74 5.66 -22.42
CA GLY A 591 -20.55 5.29 -23.81
C GLY A 591 -20.88 3.84 -24.05
N TRP A 592 -21.89 3.59 -24.88
CA TRP A 592 -22.42 2.25 -25.11
C TRP A 592 -21.36 1.24 -25.55
N GLY A 593 -21.48 0.02 -25.06
CA GLY A 593 -20.54 -1.04 -25.38
C GLY A 593 -21.09 -2.42 -25.05
N TYR A 594 -20.34 -3.15 -24.23
CA TYR A 594 -20.75 -4.50 -23.84
C TYR A 594 -21.23 -4.54 -22.40
N LEU A 595 -22.51 -4.84 -22.21
CA LEU A 595 -23.12 -4.93 -20.88
C LEU A 595 -22.88 -3.66 -20.06
N ASN A 602 -36.70 -4.13 -44.12
CA ASN A 602 -36.42 -4.15 -42.69
C ASN A 602 -35.34 -3.15 -42.34
N LEU A 603 -35.58 -1.88 -42.68
CA LEU A 603 -34.62 -0.83 -42.40
C LEU A 603 -35.12 0.07 -41.28
N ALA A 604 -34.29 0.24 -40.27
CA ALA A 604 -34.63 1.06 -39.12
C ALA A 604 -33.96 2.42 -39.23
N LYS A 605 -34.78 3.47 -39.18
CA LYS A 605 -34.23 4.83 -39.29
C LYS A 605 -34.74 5.88 -38.27
N LEU A 606 -33.96 6.94 -38.09
CA LEU A 606 -34.32 8.03 -37.17
C LEU A 606 -33.95 9.45 -37.66
N PRO A 607 -34.68 10.45 -37.16
CA PRO A 607 -34.52 11.87 -37.50
C PRO A 607 -33.32 12.65 -36.97
N THR A 608 -33.08 13.84 -37.55
CA THR A 608 -31.97 14.75 -37.18
C THR A 608 -32.49 16.17 -36.94
N GLY A 609 -31.77 16.97 -36.15
CA GLY A 609 -32.22 18.33 -35.90
C GLY A 609 -31.24 19.29 -35.27
N THR A 610 -31.07 20.46 -35.90
CA THR A 610 -30.16 21.48 -35.41
C THR A 610 -30.84 22.84 -35.39
N THR A 611 -30.77 23.57 -34.27
CA THR A 611 -31.35 24.91 -34.14
C THR A 611 -30.70 25.81 -33.06
N LEU A 612 -30.94 27.11 -33.11
CA LEU A 612 -30.36 28.05 -32.14
C LEU A 612 -31.36 28.92 -31.35
N GLU A 613 -31.24 28.93 -30.02
CA GLU A 613 -32.14 29.72 -29.17
C GLU A 613 -31.40 30.49 -28.05
N SER A 614 -30.84 29.74 -27.10
CA SER A 614 -30.11 30.30 -25.97
C SER A 614 -30.96 30.51 -24.72
N ALA A 615 -30.32 30.61 -23.56
CA ALA A 615 -28.86 30.51 -23.48
C ALA A 615 -28.42 29.20 -22.83
N GLY A 616 -27.68 28.41 -23.59
CA GLY A 616 -27.17 27.13 -23.13
C GLY A 616 -25.74 26.96 -23.59
N VAL A 617 -25.01 26.07 -22.92
CA VAL A 617 -23.61 25.81 -23.24
C VAL A 617 -23.46 25.47 -24.71
N VAL A 618 -22.48 26.08 -25.35
CA VAL A 618 -22.22 25.90 -26.75
C VAL A 618 -21.68 24.52 -26.96
N CYS A 619 -21.97 23.92 -28.10
CA CYS A 619 -21.44 22.60 -28.37
C CYS A 619 -20.71 22.68 -29.68
N PRO A 620 -19.71 21.82 -29.85
CA PRO A 620 -18.92 21.79 -31.06
C PRO A 620 -19.02 20.46 -31.75
N TYR A 621 -19.33 20.48 -33.04
CA TYR A 621 -19.45 19.25 -33.80
C TYR A 621 -18.49 19.19 -34.97
N ARG A 622 -17.42 19.98 -34.95
CA ARG A 622 -16.58 19.90 -36.10
C ARG A 622 -15.35 19.12 -35.70
N ALA A 623 -14.79 19.51 -34.57
CA ALA A 623 -13.60 18.85 -34.04
C ALA A 623 -13.81 17.35 -33.96
N ILE A 624 -15.07 16.95 -33.78
CA ILE A 624 -15.43 15.54 -33.76
C ILE A 624 -15.23 14.91 -35.13
N GLU A 625 -15.78 15.53 -36.16
CA GLU A 625 -15.68 15.02 -37.52
C GLU A 625 -14.23 15.04 -37.98
N SER A 626 -13.50 16.08 -37.62
CA SER A 626 -12.08 16.19 -37.97
C SER A 626 -11.27 15.12 -37.25
N LEU A 627 -11.66 14.82 -36.01
CA LEU A 627 -11.02 13.77 -35.24
C LEU A 627 -11.25 12.42 -35.92
N TYR A 628 -12.47 12.23 -36.43
CA TYR A 628 -12.80 11.02 -37.16
C TYR A 628 -11.98 10.92 -38.44
N ARG A 629 -11.75 12.07 -39.08
CA ARG A 629 -10.92 12.13 -40.27
C ARG A 629 -9.48 11.71 -39.96
N LYS A 630 -8.94 12.25 -38.87
CA LYS A 630 -7.59 11.91 -38.44
C LYS A 630 -7.49 10.43 -38.06
N HIS A 631 -8.58 9.90 -37.53
CA HIS A 631 -8.61 8.51 -37.10
C HIS A 631 -8.58 7.56 -38.29
N CYS A 632 -9.32 7.89 -39.34
CA CYS A 632 -9.37 7.05 -40.54
C CYS A 632 -8.30 7.43 -41.55
N LEU A 633 -7.36 8.29 -41.13
CA LEU A 633 -6.29 8.74 -42.01
C LEU A 633 -5.32 7.61 -42.29
N GLU A 634 -5.21 6.68 -41.34
CA GLU A 634 -4.33 5.53 -41.49
C GLU A 634 -4.82 4.60 -42.60
N PRO A 710 -26.04 10.31 -37.58
CA PRO A 710 -26.71 9.11 -37.10
C PRO A 710 -26.51 7.91 -38.03
N TYR A 711 -26.48 8.19 -39.34
CA TYR A 711 -26.33 7.15 -40.34
C TYR A 711 -25.43 7.63 -41.48
N ASN A 712 -24.61 6.74 -42.05
CA ASN A 712 -24.59 5.33 -41.66
C ASN A 712 -23.53 5.05 -40.59
N ASP A 713 -22.90 3.88 -40.66
CA ASP A 713 -21.86 3.47 -39.72
C ASP A 713 -22.34 3.49 -38.28
N VAL A 714 -23.45 2.79 -38.02
CA VAL A 714 -24.04 2.77 -36.69
C VAL A 714 -24.06 1.37 -36.08
N ASP A 715 -24.21 0.37 -36.93
CA ASP A 715 -24.30 -1.02 -36.48
C ASP A 715 -22.93 -1.54 -36.02
N ILE A 716 -22.03 -1.77 -36.96
CA ILE A 716 -20.70 -2.30 -36.64
C ILE A 716 -19.60 -1.23 -36.56
N PRO A 717 -19.63 -0.20 -37.42
CA PRO A 717 -18.62 0.84 -37.18
C PRO A 717 -18.98 1.74 -36.00
N GLY A 718 -18.26 2.84 -35.82
CA GLY A 718 -18.52 3.74 -34.71
C GLY A 718 -18.49 5.21 -35.11
N CYS A 719 -19.47 5.97 -34.62
CA CYS A 719 -19.54 7.41 -34.86
C CYS A 719 -20.50 8.08 -33.88
N TRP A 720 -20.34 9.40 -33.73
CA TRP A 720 -21.21 10.16 -32.83
C TRP A 720 -21.96 11.23 -33.63
N PHE A 721 -23.21 11.47 -33.24
CA PHE A 721 -24.05 12.42 -33.95
C PHE A 721 -23.71 13.86 -33.58
N PHE A 722 -24.75 14.67 -33.39
CA PHE A 722 -24.56 16.07 -33.07
C PHE A 722 -25.13 16.42 -31.70
N LYS A 723 -26.43 16.22 -31.54
CA LYS A 723 -27.12 16.62 -30.32
C LYS A 723 -27.97 15.49 -29.74
N LEU A 724 -29.21 15.38 -30.23
CA LEU A 724 -30.22 14.45 -29.71
C LEU A 724 -30.38 14.59 -28.18
N PRO A 725 -29.84 13.68 -27.31
CA PRO A 725 -29.14 12.39 -27.27
C PRO A 725 -30.07 11.19 -27.09
N HIS A 726 -29.85 10.15 -27.88
CA HIS A 726 -30.61 8.90 -27.77
C HIS A 726 -29.77 7.67 -28.13
N LYS A 727 -30.39 6.50 -28.05
CA LYS A 727 -29.69 5.24 -28.30
C LYS A 727 -29.17 5.16 -29.72
N ASP A 728 -30.07 4.86 -30.66
CA ASP A 728 -29.75 4.81 -32.09
C ASP A 728 -28.71 3.75 -32.44
N GLY A 729 -28.78 2.60 -31.78
CA GLY A 729 -27.91 1.49 -32.12
C GLY A 729 -27.06 0.95 -30.98
N ASN A 730 -27.72 0.60 -29.88
CA ASN A 730 -27.02 0.05 -28.72
C ASN A 730 -27.49 -1.38 -28.44
N SER A 731 -26.58 -2.22 -27.96
CA SER A 731 -26.90 -3.61 -27.66
C SER A 731 -27.21 -3.80 -26.18
N CYS A 732 -26.35 -3.25 -25.32
CA CYS A 732 -26.54 -3.37 -23.88
C CYS A 732 -27.69 -2.49 -23.40
N ASN A 733 -28.38 -2.95 -22.36
CA ASN A 733 -29.53 -2.23 -21.82
C ASN A 733 -29.23 -1.60 -20.47
N VAL A 734 -27.97 -1.33 -20.18
CA VAL A 734 -27.58 -0.81 -18.88
C VAL A 734 -26.52 0.30 -18.97
N GLY A 735 -25.44 0.03 -19.71
CA GLY A 735 -24.35 0.98 -19.80
C GLY A 735 -23.19 0.55 -18.92
N SER A 736 -22.08 1.29 -19.00
CA SER A 736 -20.89 0.91 -18.25
C SER A 736 -19.90 2.06 -18.07
N PRO A 737 -19.98 2.75 -16.92
CA PRO A 737 -19.01 3.77 -16.52
C PRO A 737 -18.09 3.27 -15.40
N PHE A 738 -16.81 3.00 -15.72
CA PHE A 738 -16.27 3.18 -17.06
C PHE A 738 -15.76 1.86 -17.62
N ALA A 739 -15.36 1.86 -18.88
CA ALA A 739 -14.75 0.69 -19.52
C ALA A 739 -13.57 0.17 -18.72
N LYS A 740 -13.83 -0.79 -17.85
CA LYS A 740 -12.82 -1.26 -16.90
C LYS A 740 -12.45 -2.73 -17.09
N ASP A 741 -13.17 -3.42 -17.97
CA ASP A 741 -12.82 -4.79 -18.29
C ASP A 741 -12.95 -5.03 -19.79
N PHE A 742 -12.38 -4.12 -20.58
CA PHE A 742 -12.36 -4.26 -22.02
C PHE A 742 -10.93 -4.22 -22.54
N LEU A 743 -10.03 -4.91 -21.84
CA LEU A 743 -8.65 -5.05 -22.28
C LEU A 743 -8.51 -5.67 -23.68
N PRO A 744 -9.31 -6.72 -23.99
CA PRO A 744 -9.23 -7.17 -25.38
C PRO A 744 -9.82 -6.15 -26.36
N LYS A 745 -10.69 -5.28 -25.86
CA LYS A 745 -11.28 -4.23 -26.69
C LYS A 745 -10.47 -2.94 -26.55
N MET A 746 -9.35 -3.03 -25.83
CA MET A 746 -8.45 -1.90 -25.67
C MET A 746 -7.11 -2.23 -26.31
N GLU A 747 -6.86 -3.53 -26.48
CA GLU A 747 -5.62 -4.00 -27.10
C GLU A 747 -5.90 -4.65 -28.45
N ASP A 748 -6.70 -3.98 -29.27
CA ASP A 748 -7.01 -4.46 -30.61
C ASP A 748 -7.31 -3.29 -31.54
N GLY A 749 -6.87 -2.10 -31.15
CA GLY A 749 -7.14 -0.90 -31.91
C GLY A 749 -8.28 -0.11 -31.32
N THR A 750 -9.51 -0.51 -31.64
CA THR A 750 -10.70 0.14 -31.11
C THR A 750 -11.18 -0.55 -29.84
N LEU A 751 -11.20 0.18 -28.72
CA LEU A 751 -10.86 1.60 -28.69
C LEU A 751 -9.48 1.85 -28.10
N GLN A 752 -9.00 3.08 -28.24
CA GLN A 752 -7.70 3.48 -27.68
C GLN A 752 -7.81 4.83 -26.98
N ALA A 753 -6.68 5.32 -26.48
CA ALA A 753 -6.64 6.62 -25.82
C ALA A 753 -5.60 7.52 -26.47
N GLY A 754 -5.66 8.82 -26.15
CA GLY A 754 -4.73 9.79 -26.71
C GLY A 754 -4.95 11.18 -26.15
N PRO A 755 -3.88 11.81 -25.64
CA PRO A 755 -2.53 11.23 -25.57
C PRO A 755 -2.34 10.29 -24.38
N GLY A 756 -1.74 9.13 -24.62
CA GLY A 756 -1.30 8.75 -25.95
C GLY A 756 -0.42 7.52 -25.95
N GLY A 757 -0.58 6.69 -26.98
CA GLY A 757 0.22 5.49 -27.12
C GLY A 757 -0.35 4.31 -26.37
N ALA A 758 0.49 3.63 -25.60
CA ALA A 758 0.07 2.48 -24.83
C ALA A 758 -0.28 2.86 -23.39
N SER A 759 -0.55 4.14 -23.18
CA SER A 759 -0.92 4.64 -21.86
C SER A 759 -2.27 4.09 -21.43
N GLY A 760 -3.19 3.96 -22.40
CA GLY A 760 -4.50 3.42 -22.16
C GLY A 760 -4.50 2.00 -21.59
N PRO A 761 -4.05 1.02 -22.40
CA PRO A 761 -4.00 -0.38 -21.96
C PRO A 761 -3.18 -0.58 -20.69
N ARG A 762 -2.17 0.26 -20.48
CA ARG A 762 -1.39 0.19 -19.25
C ARG A 762 -2.20 0.68 -18.06
N ALA A 763 -2.98 1.73 -18.27
CA ALA A 763 -3.85 2.25 -17.21
C ALA A 763 -4.92 1.23 -16.83
N LEU A 764 -5.50 0.60 -17.84
CA LEU A 764 -6.46 -0.49 -17.63
C LEU A 764 -5.80 -1.64 -16.89
N GLU A 765 -4.54 -1.93 -17.23
CA GLU A 765 -3.78 -2.98 -16.56
C GLU A 765 -3.62 -2.66 -15.08
N ILE A 766 -3.21 -1.43 -14.78
CA ILE A 766 -3.03 -0.99 -13.40
C ILE A 766 -4.34 -1.08 -12.63
N ASN A 767 -5.43 -0.67 -13.26
CA ASN A 767 -6.75 -0.79 -12.63
C ASN A 767 -7.11 -2.23 -12.32
N LYS A 768 -6.82 -3.13 -13.25
CA LYS A 768 -7.12 -4.54 -13.07
C LYS A 768 -6.24 -5.16 -11.97
N MET A 769 -5.02 -4.65 -11.83
CA MET A 769 -4.09 -5.16 -10.83
C MET A 769 -4.55 -4.83 -9.41
N ILE A 770 -5.05 -3.62 -9.21
CA ILE A 770 -5.44 -3.17 -7.88
C ILE A 770 -6.94 -3.25 -7.64
N SER A 771 -7.66 -3.92 -8.53
CA SER A 771 -9.11 -4.03 -8.43
C SER A 771 -9.53 -4.77 -7.17
N PHE A 772 -8.82 -5.84 -6.85
CA PHE A 772 -9.16 -6.66 -5.69
C PHE A 772 -8.81 -5.97 -4.38
N TRP A 773 -7.57 -5.51 -4.27
CA TRP A 773 -7.09 -4.92 -3.03
C TRP A 773 -7.80 -3.61 -2.69
N ARG A 774 -8.37 -2.96 -3.69
CA ARG A 774 -9.08 -1.70 -3.46
C ARG A 774 -10.36 -1.94 -2.67
N ASN A 775 -11.06 -3.02 -3.01
CA ASN A 775 -12.35 -3.33 -2.41
C ASN A 775 -12.24 -4.34 -1.28
N ALA A 776 -11.04 -4.52 -0.73
CA ALA A 776 -10.84 -5.56 0.26
C ALA A 776 -9.82 -5.20 1.35
N HIS A 777 -8.90 -4.29 1.04
CA HIS A 777 -7.77 -3.98 1.93
C HIS A 777 -8.19 -3.70 3.37
N LYS A 778 -9.36 -3.10 3.56
CA LYS A 778 -9.87 -2.84 4.90
C LYS A 778 -10.18 -4.15 5.61
N ARG A 779 -10.67 -5.13 4.86
CA ARG A 779 -11.08 -6.40 5.45
C ARG A 779 -9.91 -7.32 5.77
N ILE A 780 -8.79 -7.13 5.08
CA ILE A 780 -7.62 -7.97 5.32
C ILE A 780 -6.62 -7.33 6.28
N SER A 781 -6.47 -6.01 6.20
CA SER A 781 -5.55 -5.31 7.08
C SER A 781 -6.07 -5.30 8.51
N SER A 782 -7.39 -5.15 8.64
CA SER A 782 -8.03 -5.14 9.96
C SER A 782 -8.36 -6.55 10.43
N GLN A 783 -8.19 -7.52 9.54
CA GLN A 783 -8.38 -8.93 9.88
C GLN A 783 -7.47 -9.30 11.03
N MET A 784 -7.98 -9.18 12.26
CA MET A 784 -7.17 -9.37 13.45
C MET A 784 -6.64 -10.80 13.57
N VAL A 785 -5.66 -10.98 14.45
CA VAL A 785 -5.03 -12.28 14.64
C VAL A 785 -4.30 -12.31 15.98
N VAL A 786 -4.61 -13.32 16.79
CA VAL A 786 -3.99 -13.48 18.10
C VAL A 786 -2.77 -14.40 18.01
N TRP A 787 -1.68 -14.00 18.64
CA TRP A 787 -0.46 -14.79 18.67
C TRP A 787 -0.33 -15.54 19.99
N LEU A 788 -0.11 -16.85 19.91
CA LEU A 788 0.11 -17.65 21.11
C LEU A 788 1.60 -17.83 21.39
N PRO A 789 2.03 -17.43 22.59
CA PRO A 789 3.44 -17.50 22.99
C PRO A 789 3.95 -18.93 23.09
N ARG A 790 5.24 -19.09 23.35
CA ARG A 790 5.85 -20.42 23.41
C ARG A 790 5.38 -21.19 24.65
N SER A 791 4.68 -20.50 25.55
CA SER A 791 4.16 -21.13 26.75
C SER A 791 2.94 -21.98 26.44
N ALA A 792 2.14 -21.54 25.47
CA ALA A 792 0.90 -22.22 25.14
C ALA A 792 0.85 -22.70 23.70
N LEU A 793 1.78 -23.58 23.35
CA LEU A 793 1.76 -24.22 22.03
C LEU A 793 2.31 -25.64 22.14
N PRO A 794 1.92 -26.53 21.21
CA PRO A 794 2.40 -27.92 21.23
C PRO A 794 3.92 -28.01 21.27
N ARG A 795 4.44 -28.58 22.35
CA ARG A 795 5.88 -28.71 22.53
C ARG A 795 6.46 -29.70 21.52
N ALA A 796 5.61 -30.57 21.01
CA ALA A 796 6.01 -31.51 19.96
C ALA A 796 6.25 -30.77 18.65
N VAL A 797 5.72 -29.57 18.54
CA VAL A 797 5.97 -28.70 17.41
C VAL A 797 7.29 -27.95 17.60
N ILE A 798 7.59 -27.62 18.85
CA ILE A 798 8.88 -27.04 19.18
C ILE A 798 9.99 -28.04 18.91
N ARG A 799 9.72 -29.31 19.20
CA ARG A 799 10.66 -30.39 18.90
C ARG A 799 10.93 -30.49 17.41
N HIS A 800 9.93 -30.16 16.59
CA HIS A 800 10.07 -30.13 15.15
C HIS A 800 11.06 -29.03 14.76
N PRO A 801 11.96 -29.33 13.81
CA PRO A 801 13.05 -28.41 13.41
C PRO A 801 12.57 -27.10 12.79
N ASP A 802 11.71 -26.37 13.49
CA ASP A 802 11.26 -25.05 13.06
C ASP A 802 10.85 -24.21 14.27
N TYR A 803 11.26 -22.95 14.28
CA TYR A 803 10.89 -22.05 15.37
C TYR A 803 10.01 -20.83 14.97
N ASP A 804 10.33 -20.09 13.90
CA ASP A 804 11.51 -20.26 13.05
C ASP A 804 12.29 -18.96 12.98
N GLU A 805 13.50 -18.98 13.57
CA GLU A 805 14.38 -17.81 13.63
C GLU A 805 13.65 -16.63 14.27
N GLU A 806 13.33 -16.78 15.56
CA GLU A 806 12.58 -15.79 16.32
C GLU A 806 11.25 -15.44 15.66
N GLY A 807 10.62 -16.45 15.07
CA GLY A 807 9.35 -16.26 14.39
C GLY A 807 8.15 -16.38 15.30
N LEU A 808 7.09 -15.66 14.98
CA LEU A 808 5.87 -15.68 15.78
C LEU A 808 4.79 -16.54 15.12
N TYR A 809 4.21 -17.44 15.91
CA TYR A 809 3.11 -18.27 15.42
C TYR A 809 1.79 -17.87 16.09
N GLY A 810 0.72 -17.86 15.31
CA GLY A 810 -0.59 -17.51 15.82
C GLY A 810 -1.69 -18.01 14.92
N ALA A 811 -2.89 -17.45 15.08
CA ALA A 811 -4.03 -17.86 14.27
C ALA A 811 -5.18 -16.86 14.34
N ILE A 812 -6.17 -17.06 13.47
CA ILE A 812 -7.39 -16.28 13.47
C ILE A 812 -8.58 -17.17 13.11
N LEU A 813 -9.65 -17.03 13.88
CA LEU A 813 -10.90 -17.72 13.57
C LEU A 813 -11.68 -16.90 12.56
N PRO A 814 -11.99 -17.50 11.41
CA PRO A 814 -12.64 -16.86 10.25
C PRO A 814 -13.87 -16.01 10.60
N GLN A 815 -14.49 -16.27 11.74
CA GLN A 815 -15.68 -15.53 12.17
C GLN A 815 -16.79 -15.69 11.14
N VAL A 816 -17.36 -16.89 11.08
CA VAL A 816 -18.31 -17.25 10.05
C VAL A 816 -19.73 -17.44 10.59
N VAL A 817 -20.69 -16.75 9.98
CA VAL A 817 -22.10 -17.00 10.29
C VAL A 817 -22.49 -18.36 9.71
N THR A 818 -22.93 -19.25 10.58
CA THR A 818 -23.12 -20.65 10.24
C THR A 818 -24.10 -20.88 9.08
N ALA A 819 -25.08 -19.99 8.95
CA ALA A 819 -26.11 -20.17 7.93
C ALA A 819 -26.65 -18.83 7.45
N GLY A 820 -26.21 -18.41 6.27
CA GLY A 820 -26.75 -17.23 5.62
C GLY A 820 -27.40 -17.63 4.31
N THR A 821 -28.64 -17.21 4.12
CA THR A 821 -29.43 -17.49 2.91
C THR A 821 -28.57 -17.43 1.66
N ILE A 822 -28.71 -18.39 0.74
CA ILE A 822 -29.50 -19.61 0.91
C ILE A 822 -28.70 -20.62 0.09
N THR A 823 -28.64 -21.89 0.48
CA THR A 823 -29.40 -22.45 1.59
C THR A 823 -28.54 -22.75 2.79
N ARG A 824 -28.62 -21.87 3.79
CA ARG A 824 -27.86 -22.01 5.03
C ARG A 824 -26.36 -22.13 4.76
N ARG A 825 -25.92 -21.56 3.64
CA ARG A 825 -24.49 -21.52 3.32
C ARG A 825 -23.75 -20.61 4.27
N ALA A 826 -22.44 -20.82 4.35
CA ALA A 826 -21.59 -19.99 5.21
C ALA A 826 -21.57 -18.54 4.71
N VAL A 827 -21.45 -17.61 5.64
CA VAL A 827 -21.33 -16.19 5.29
C VAL A 827 -20.18 -15.54 6.06
N GLU A 828 -19.21 -15.00 5.31
CA GLU A 828 -18.04 -14.39 5.92
C GLU A 828 -17.53 -13.25 5.04
N PRO A 829 -17.37 -12.06 5.64
CA PRO A 829 -17.01 -10.82 4.92
C PRO A 829 -15.74 -10.90 4.09
N THR A 830 -14.76 -11.70 4.51
CA THR A 830 -13.43 -11.65 3.90
C THR A 830 -13.02 -12.94 3.18
N TRP A 831 -13.07 -14.06 3.91
CA TRP A 831 -12.45 -15.29 3.44
C TRP A 831 -13.29 -16.07 2.42
N LEU A 832 -14.59 -15.83 2.40
CA LEU A 832 -15.44 -16.50 1.43
C LEU A 832 -15.43 -15.76 0.10
N THR A 833 -14.95 -14.53 0.10
CA THR A 833 -14.80 -13.75 -1.12
C THR A 833 -13.33 -13.51 -1.40
N ALA A 834 -12.49 -14.39 -0.86
CA ALA A 834 -11.05 -14.29 -1.03
C ALA A 834 -10.63 -14.69 -2.44
N SER A 835 -9.88 -13.81 -3.11
CA SER A 835 -9.43 -14.06 -4.48
C SER A 835 -8.54 -15.28 -4.58
N ASN A 836 -8.44 -15.82 -5.79
CA ASN A 836 -7.61 -16.99 -6.04
C ASN A 836 -6.22 -16.63 -6.51
N ALA A 837 -5.38 -17.63 -6.73
CA ALA A 837 -3.99 -17.41 -7.12
C ALA A 837 -3.88 -16.93 -8.56
N ARG A 838 -3.96 -15.62 -8.75
CA ARG A 838 -3.77 -15.02 -10.06
C ARG A 838 -2.55 -14.09 -10.05
N PRO A 839 -1.66 -14.27 -11.04
CA PRO A 839 -0.43 -13.48 -11.14
C PRO A 839 -0.69 -12.03 -11.55
N ASP A 840 -1.95 -11.63 -11.58
CA ASP A 840 -2.33 -10.28 -11.97
C ASP A 840 -2.71 -9.42 -10.77
N ARG A 841 -3.55 -9.97 -9.89
CA ARG A 841 -4.08 -9.23 -8.75
C ARG A 841 -3.01 -9.07 -7.66
N VAL A 842 -3.08 -7.96 -6.93
CA VAL A 842 -2.06 -7.64 -5.93
C VAL A 842 -2.10 -8.55 -4.71
N GLY A 843 -3.22 -8.59 -4.01
CA GLY A 843 -3.33 -9.39 -2.80
C GLY A 843 -3.79 -10.81 -3.06
N SER A 844 -3.52 -11.32 -4.26
CA SER A 844 -4.02 -12.63 -4.67
C SER A 844 -3.41 -13.78 -3.88
N GLU A 845 -2.45 -13.48 -3.02
CA GLU A 845 -1.77 -14.48 -2.21
C GLU A 845 -2.50 -14.75 -0.91
N LEU A 846 -3.56 -13.96 -0.67
CA LEU A 846 -4.31 -14.03 0.58
C LEU A 846 -4.75 -15.45 0.92
N LYS A 847 -5.19 -16.18 -0.09
CA LYS A 847 -5.63 -17.55 0.09
C LYS A 847 -4.49 -18.45 0.58
N ALA A 848 -3.30 -18.21 0.04
CA ALA A 848 -2.14 -19.07 0.33
C ALA A 848 -1.26 -18.52 1.45
N MET A 849 -1.77 -17.57 2.22
CA MET A 849 -1.03 -17.03 3.36
C MET A 849 -1.41 -17.74 4.64
N VAL A 850 -2.43 -18.60 4.58
CA VAL A 850 -2.80 -19.43 5.71
C VAL A 850 -1.87 -20.63 5.76
N GLN A 851 -0.75 -20.47 6.45
CA GLN A 851 0.29 -21.49 6.49
C GLN A 851 0.19 -22.37 7.73
N ALA A 852 0.25 -23.68 7.52
CA ALA A 852 0.18 -24.63 8.61
C ALA A 852 1.42 -24.56 9.49
N PRO A 853 1.23 -24.70 10.81
CA PRO A 853 2.34 -24.75 11.77
C PRO A 853 3.28 -25.92 11.47
N PRO A 854 4.55 -25.82 11.89
CA PRO A 854 5.53 -26.89 11.67
C PRO A 854 5.10 -28.20 12.32
N GLY A 855 5.27 -29.30 11.59
CA GLY A 855 4.81 -30.59 12.07
C GLY A 855 3.39 -30.85 11.60
N TYR A 856 2.68 -29.77 11.29
CA TYR A 856 1.31 -29.87 10.79
C TYR A 856 1.24 -29.58 9.30
N THR A 857 0.18 -30.06 8.67
CA THR A 857 -0.09 -29.79 7.26
C THR A 857 -1.58 -29.93 7.00
N LEU A 858 -2.10 -29.14 6.07
CA LEU A 858 -3.52 -29.20 5.77
C LEU A 858 -3.82 -30.12 4.59
N VAL A 859 -4.88 -30.90 4.74
CA VAL A 859 -5.37 -31.82 3.73
C VAL A 859 -6.83 -31.51 3.42
N GLY A 860 -7.10 -31.16 2.18
CA GLY A 860 -8.45 -30.81 1.77
C GLY A 860 -8.84 -31.35 0.41
N ALA A 861 -10.07 -31.07 0.01
CA ALA A 861 -10.58 -31.55 -1.28
C ALA A 861 -11.75 -30.71 -1.76
N ASP A 862 -11.94 -30.68 -3.08
CA ASP A 862 -13.05 -29.97 -3.70
C ASP A 862 -13.93 -30.93 -4.49
N VAL A 863 -15.21 -30.99 -4.13
CA VAL A 863 -16.15 -31.89 -4.79
C VAL A 863 -16.30 -31.56 -6.27
N ASP A 864 -16.05 -32.55 -7.13
CA ASP A 864 -16.10 -32.33 -8.56
C ASP A 864 -16.90 -33.42 -9.27
N SER A 865 -18.18 -33.15 -9.53
CA SER A 865 -18.82 -31.90 -9.12
C SER A 865 -20.07 -32.21 -8.31
N GLN A 866 -20.55 -31.23 -7.54
CA GLN A 866 -21.68 -31.50 -6.66
C GLN A 866 -23.04 -31.20 -7.30
N GLU A 867 -23.35 -29.92 -7.51
CA GLU A 867 -24.71 -29.52 -7.90
C GLU A 867 -25.16 -30.12 -9.25
N LEU A 868 -24.20 -30.31 -10.15
CA LEU A 868 -24.50 -30.90 -11.45
C LEU A 868 -25.00 -32.35 -11.28
N TRP A 869 -24.21 -33.14 -10.57
CA TRP A 869 -24.56 -34.53 -10.30
C TRP A 869 -25.81 -34.61 -9.43
N ILE A 870 -26.03 -33.57 -8.65
CA ILE A 870 -27.23 -33.45 -7.82
C ILE A 870 -28.47 -33.36 -8.69
N ALA A 871 -28.48 -32.40 -9.61
CA ALA A 871 -29.59 -32.25 -10.55
C ALA A 871 -29.76 -33.51 -11.38
N ALA A 872 -28.63 -34.11 -11.76
CA ALA A 872 -28.63 -35.36 -12.52
C ALA A 872 -29.39 -36.46 -11.77
N VAL A 873 -29.00 -36.68 -10.51
CA VAL A 873 -29.62 -37.71 -9.68
C VAL A 873 -31.10 -37.42 -9.45
N LEU A 874 -31.41 -36.16 -9.17
CA LEU A 874 -32.80 -35.73 -9.00
C LEU A 874 -33.60 -36.00 -10.28
N GLY A 875 -32.91 -36.07 -11.42
CA GLY A 875 -33.54 -36.43 -12.67
C GLY A 875 -33.76 -37.92 -12.85
N ASP A 876 -32.68 -38.69 -12.80
CA ASP A 876 -32.74 -40.11 -13.07
C ASP A 876 -33.54 -40.89 -12.03
N ALA A 877 -33.41 -40.50 -10.77
CA ALA A 877 -34.16 -41.14 -9.69
C ALA A 877 -35.65 -40.88 -9.84
N HIS A 878 -35.98 -39.74 -10.45
CA HIS A 878 -37.37 -39.39 -10.71
C HIS A 878 -37.90 -40.18 -11.89
N PHE A 879 -37.11 -40.26 -12.96
CA PHE A 879 -37.51 -40.99 -14.15
C PHE A 879 -37.60 -42.49 -13.90
N ALA A 880 -36.54 -43.05 -13.34
CA ALA A 880 -36.51 -44.49 -13.04
C ALA A 880 -35.63 -44.78 -11.82
N GLY A 881 -35.09 -45.98 -11.76
CA GLY A 881 -34.31 -46.41 -10.61
C GLY A 881 -32.82 -46.18 -10.75
N MET A 882 -32.29 -46.47 -11.93
CA MET A 882 -30.85 -46.36 -12.17
C MET A 882 -30.42 -44.90 -12.27
N HIS A 883 -29.10 -44.68 -12.36
CA HIS A 883 -28.55 -43.33 -12.36
C HIS A 883 -28.33 -42.79 -13.78
N GLY A 884 -28.16 -43.69 -14.73
CA GLY A 884 -27.87 -43.29 -16.10
C GLY A 884 -29.08 -43.35 -17.02
N CYS A 885 -30.27 -43.23 -16.44
CA CYS A 885 -31.50 -43.30 -17.22
C CYS A 885 -32.02 -41.92 -17.60
N THR A 886 -31.10 -40.99 -17.83
CA THR A 886 -31.47 -39.63 -18.26
C THR A 886 -30.49 -39.10 -19.29
N ALA A 887 -30.99 -38.24 -20.18
CA ALA A 887 -30.17 -37.66 -21.22
C ALA A 887 -29.11 -36.73 -20.65
N PHE A 888 -29.48 -36.01 -19.59
CA PHE A 888 -28.56 -35.09 -18.94
C PHE A 888 -27.73 -35.79 -17.87
N GLY A 889 -28.36 -36.69 -17.13
CA GLY A 889 -27.70 -37.37 -16.02
C GLY A 889 -26.66 -38.39 -16.42
N TRP A 890 -26.65 -38.78 -17.69
CA TRP A 890 -25.72 -39.80 -18.17
C TRP A 890 -24.36 -39.19 -18.52
N MET A 891 -24.36 -37.94 -18.95
CA MET A 891 -23.14 -37.26 -19.36
C MET A 891 -22.34 -36.75 -18.17
N THR A 892 -23.04 -36.52 -17.05
CA THR A 892 -22.40 -35.99 -15.85
C THR A 892 -21.44 -37.00 -15.23
N LEU A 893 -21.91 -38.24 -15.10
CA LEU A 893 -21.13 -39.30 -14.47
C LEU A 893 -20.38 -40.14 -15.51
N GLN A 894 -19.94 -39.49 -16.58
CA GLN A 894 -19.28 -40.18 -17.67
C GLN A 894 -17.86 -39.66 -17.90
N GLY A 895 -17.60 -38.42 -17.50
CA GLY A 895 -16.32 -37.79 -17.74
C GLY A 895 -15.40 -37.78 -16.53
N ARG A 896 -14.09 -37.87 -16.79
CA ARG A 896 -13.08 -37.78 -15.74
C ARG A 896 -12.14 -36.63 -16.03
N LYS A 897 -11.84 -35.82 -15.02
CA LYS A 897 -11.05 -34.62 -15.20
C LYS A 897 -9.57 -34.93 -15.51
N SER A 898 -9.06 -35.99 -14.90
CA SER A 898 -7.68 -36.40 -15.15
C SER A 898 -7.53 -36.95 -16.57
N ARG A 899 -6.59 -36.36 -17.32
CA ARG A 899 -6.33 -36.66 -18.74
C ARG A 899 -7.59 -36.97 -19.56
N GLY A 900 -8.71 -36.37 -19.20
CA GLY A 900 -9.97 -36.64 -19.87
C GLY A 900 -10.79 -35.39 -20.11
N THR A 901 -12.10 -35.55 -20.08
CA THR A 901 -13.02 -34.45 -20.37
C THR A 901 -14.33 -34.59 -19.60
N ASP A 902 -14.59 -33.64 -18.71
CA ASP A 902 -15.83 -33.62 -17.95
C ASP A 902 -16.97 -33.07 -18.80
N LEU A 903 -18.15 -32.94 -18.20
CA LEU A 903 -19.28 -32.36 -18.91
C LEU A 903 -19.04 -30.88 -19.20
N HIS A 904 -18.57 -30.16 -18.19
CA HIS A 904 -18.20 -28.76 -18.34
C HIS A 904 -17.11 -28.63 -19.40
N SER A 905 -16.15 -29.56 -19.37
CA SER A 905 -15.05 -29.56 -20.32
C SER A 905 -15.52 -29.99 -21.71
N LYS A 906 -16.60 -30.76 -21.76
CA LYS A 906 -17.14 -31.22 -23.04
C LYS A 906 -17.93 -30.09 -23.69
N THR A 907 -18.48 -29.21 -22.87
CA THR A 907 -19.18 -28.03 -23.38
C THR A 907 -18.19 -26.90 -23.66
N ALA A 908 -17.01 -26.98 -23.03
CA ALA A 908 -15.98 -25.96 -23.19
C ALA A 908 -15.12 -26.24 -24.43
N THR A 909 -15.22 -27.46 -24.95
CA THR A 909 -14.48 -27.82 -26.15
C THR A 909 -15.45 -28.02 -27.33
N THR A 910 -16.27 -27.00 -27.57
CA THR A 910 -17.25 -27.05 -28.66
C THR A 910 -16.84 -26.42 -30.01
N VAL A 911 -16.20 -25.25 -30.05
CA VAL A 911 -15.74 -24.44 -28.92
C VAL A 911 -16.47 -23.10 -28.87
N GLY A 912 -16.69 -22.56 -27.66
CA GLY A 912 -16.28 -23.20 -26.43
C GLY A 912 -15.13 -22.50 -25.74
N ILE A 913 -15.24 -22.36 -24.42
CA ILE A 913 -14.21 -21.71 -23.63
C ILE A 913 -13.99 -22.43 -22.29
N SER A 914 -12.75 -22.84 -22.04
CA SER A 914 -12.42 -23.58 -20.83
C SER A 914 -11.91 -22.67 -19.72
N ARG A 915 -12.41 -22.86 -18.51
CA ARG A 915 -13.43 -23.88 -18.22
C ARG A 915 -14.49 -23.31 -17.29
N GLU A 916 -14.09 -22.33 -16.49
CA GLU A 916 -15.00 -21.67 -15.54
C GLU A 916 -16.18 -21.02 -16.25
N HIS A 917 -15.92 -20.50 -17.45
CA HIS A 917 -16.95 -19.85 -18.24
C HIS A 917 -18.05 -20.82 -18.64
N ALA A 918 -17.65 -22.00 -19.09
CA ALA A 918 -18.61 -23.05 -19.46
C ALA A 918 -19.39 -23.51 -18.24
N LYS A 919 -18.74 -23.47 -17.08
CA LYS A 919 -19.39 -23.80 -15.82
C LYS A 919 -20.48 -22.79 -15.52
N ILE A 920 -20.17 -21.51 -15.71
CA ILE A 920 -21.14 -20.43 -15.54
C ILE A 920 -22.30 -20.58 -16.52
N PHE A 921 -21.98 -21.02 -17.73
CA PHE A 921 -22.99 -21.21 -18.77
C PHE A 921 -23.95 -22.34 -18.41
N ASN A 922 -23.39 -23.44 -17.92
CA ASN A 922 -24.20 -24.60 -17.54
C ASN A 922 -25.05 -24.32 -16.30
N TYR A 923 -24.41 -23.91 -15.22
CA TYR A 923 -25.11 -23.61 -13.97
C TYR A 923 -26.10 -22.46 -14.15
N GLY A 924 -25.83 -21.60 -15.13
CA GLY A 924 -26.76 -20.54 -15.48
C GLY A 924 -27.90 -21.08 -16.30
N ARG A 925 -27.63 -22.14 -17.05
CA ARG A 925 -28.65 -22.77 -17.89
C ARG A 925 -29.64 -23.56 -17.04
N ILE A 926 -29.15 -24.17 -15.96
CA ILE A 926 -30.01 -24.95 -15.09
C ILE A 926 -31.01 -24.08 -14.34
N TYR A 927 -30.62 -22.84 -14.04
CA TYR A 927 -31.47 -21.97 -13.23
C TYR A 927 -32.05 -20.81 -14.03
N GLY A 928 -32.20 -21.01 -15.34
CA GLY A 928 -32.81 -20.01 -16.18
C GLY A 928 -31.92 -19.55 -17.33
N ALA A 929 -31.86 -20.35 -18.39
CA ALA A 929 -31.08 -20.01 -19.57
C ALA A 929 -31.84 -19.03 -20.46
N GLY A 930 -31.96 -17.79 -19.99
CA GLY A 930 -32.59 -16.75 -20.77
C GLY A 930 -31.86 -16.55 -22.08
N GLN A 931 -32.61 -16.45 -23.17
CA GLN A 931 -32.01 -16.29 -24.50
C GLN A 931 -31.03 -15.10 -24.58
N PRO A 932 -31.46 -13.89 -24.16
CA PRO A 932 -30.48 -12.80 -24.26
C PRO A 932 -29.34 -12.92 -23.27
N PHE A 933 -29.61 -13.54 -22.11
CA PHE A 933 -28.58 -13.73 -21.10
C PHE A 933 -27.48 -14.64 -21.62
N ALA A 934 -27.88 -15.86 -22.01
CA ALA A 934 -26.95 -16.82 -22.60
C ALA A 934 -26.29 -16.23 -23.83
N GLU A 935 -27.03 -15.37 -24.54
CA GLU A 935 -26.52 -14.69 -25.71
C GLU A 935 -25.31 -13.83 -25.38
N ARG A 936 -25.53 -12.76 -24.63
CA ARG A 936 -24.45 -11.82 -24.35
C ARG A 936 -23.37 -12.48 -23.49
N LEU A 937 -23.72 -13.54 -22.78
CA LEU A 937 -22.76 -14.27 -21.96
C LEU A 937 -21.78 -15.05 -22.84
N LEU A 938 -22.32 -15.96 -23.64
CA LEU A 938 -21.50 -16.79 -24.51
C LEU A 938 -20.74 -15.93 -25.53
N MET A 939 -21.37 -14.83 -25.94
CA MET A 939 -20.73 -13.91 -26.87
C MET A 939 -19.61 -13.11 -26.19
N GLN A 940 -19.79 -12.81 -24.91
CA GLN A 940 -18.75 -12.15 -24.13
C GLN A 940 -17.56 -13.06 -23.91
N PHE A 941 -17.83 -14.34 -23.71
CA PHE A 941 -16.78 -15.29 -23.37
C PHE A 941 -16.03 -15.84 -24.60
N ASN A 942 -16.74 -15.96 -25.72
CA ASN A 942 -16.14 -16.57 -26.91
C ASN A 942 -15.59 -15.53 -27.89
N HIS A 943 -16.11 -14.31 -27.82
CA HIS A 943 -15.66 -13.20 -28.67
C HIS A 943 -15.75 -13.52 -30.16
N ARG A 944 -16.97 -13.53 -30.70
CA ARG A 944 -17.17 -13.71 -32.14
C ARG A 944 -18.37 -12.87 -32.58
N LEU A 945 -19.02 -13.28 -33.67
CA LEU A 945 -20.14 -12.53 -34.21
C LEU A 945 -21.48 -13.11 -33.72
N THR A 946 -22.49 -12.24 -33.64
CA THR A 946 -23.74 -12.56 -32.95
C THR A 946 -24.62 -13.60 -33.63
N GLN A 947 -24.50 -13.74 -34.95
CA GLN A 947 -25.35 -14.66 -35.70
C GLN A 947 -24.96 -16.11 -35.47
N GLN A 948 -23.69 -16.44 -35.70
CA GLN A 948 -23.17 -17.78 -35.45
C GLN A 948 -23.39 -18.15 -33.99
N GLU A 949 -23.13 -17.19 -33.10
CA GLU A 949 -23.39 -17.35 -31.68
C GLU A 949 -24.84 -17.74 -31.45
N ALA A 950 -25.76 -16.99 -32.05
CA ALA A 950 -27.19 -17.26 -31.94
C ALA A 950 -27.52 -18.68 -32.38
N ALA A 951 -26.84 -19.13 -33.44
CA ALA A 951 -26.98 -20.50 -33.89
C ALA A 951 -26.54 -21.48 -32.81
N GLU A 952 -25.40 -21.19 -32.18
CA GLU A 952 -24.87 -22.05 -31.12
C GLU A 952 -25.84 -22.17 -29.95
N LYS A 953 -26.38 -21.02 -29.52
CA LYS A 953 -27.36 -21.00 -28.44
C LYS A 953 -28.59 -21.80 -28.81
N ALA A 954 -29.15 -21.51 -29.99
CA ALA A 954 -30.34 -22.18 -30.47
C ALA A 954 -30.13 -23.70 -30.53
N GLN A 955 -28.91 -24.12 -30.83
CA GLN A 955 -28.57 -25.54 -30.80
C GLN A 955 -28.52 -26.05 -29.37
N GLN A 956 -28.00 -25.23 -28.46
CA GLN A 956 -27.88 -25.62 -27.06
C GLN A 956 -29.19 -25.41 -26.30
N MET A 957 -30.13 -24.69 -26.91
CA MET A 957 -31.44 -24.46 -26.29
C MET A 957 -32.36 -25.65 -26.49
N TYR A 958 -31.84 -26.72 -27.07
CA TYR A 958 -32.64 -27.93 -27.33
C TYR A 958 -32.95 -28.64 -26.02
N ALA A 959 -32.18 -28.35 -24.99
CA ALA A 959 -32.25 -29.05 -23.72
C ALA A 959 -33.51 -28.70 -22.91
N ALA A 960 -33.83 -27.41 -22.83
CA ALA A 960 -34.97 -26.96 -22.05
C ALA A 960 -36.29 -27.16 -22.77
N THR A 961 -36.25 -27.20 -24.10
CA THR A 961 -37.44 -27.43 -24.91
C THR A 961 -38.06 -28.80 -24.62
N LYS A 962 -39.39 -28.91 -24.72
CA LYS A 962 -40.27 -27.81 -25.11
C LYS A 962 -40.84 -27.06 -23.91
N GLY A 963 -41.88 -27.63 -23.33
CA GLY A 963 -42.56 -27.00 -22.21
C GLY A 963 -44.01 -27.44 -22.13
N LEU A 964 -44.90 -26.49 -21.84
CA LEU A 964 -46.32 -26.77 -21.70
C LEU A 964 -46.89 -27.33 -22.99
N LEU A 997 -58.66 -20.17 -23.69
CA LEU A 997 -58.82 -19.28 -24.83
C LEU A 997 -57.52 -19.19 -25.62
N ARG A 998 -56.83 -18.05 -25.51
CA ARG A 998 -55.54 -17.88 -26.16
C ARG A 998 -54.42 -18.39 -25.26
N LYS A 999 -53.44 -19.08 -25.84
CA LYS A 999 -52.38 -19.71 -25.07
C LYS A 999 -51.23 -20.18 -25.96
N VAL A 1000 -50.19 -20.72 -25.31
CA VAL A 1000 -49.09 -21.35 -26.03
C VAL A 1000 -49.60 -22.61 -26.73
N GLN A 1001 -49.22 -22.78 -27.99
CA GLN A 1001 -49.79 -23.84 -28.82
C GLN A 1001 -49.30 -25.24 -28.46
N ARG A 1002 -49.50 -25.62 -27.19
CA ARG A 1002 -49.18 -26.97 -26.72
C ARG A 1002 -49.83 -27.26 -25.38
N GLU A 1003 -50.71 -28.24 -25.35
CA GLU A 1003 -51.41 -28.62 -24.12
C GLU A 1003 -51.40 -30.13 -23.92
N THR A 1004 -52.29 -30.61 -23.06
CA THR A 1004 -52.43 -32.06 -22.84
C THR A 1004 -53.18 -32.70 -24.00
N ALA A 1005 -54.01 -31.90 -24.67
CA ALA A 1005 -54.72 -32.35 -25.86
C ALA A 1005 -53.73 -32.55 -27.00
N ARG A 1006 -54.03 -33.49 -27.88
CA ARG A 1006 -53.13 -33.80 -29.00
C ARG A 1006 -53.06 -32.63 -29.97
N LYS A 1007 -54.14 -31.85 -30.02
CA LYS A 1007 -54.16 -30.63 -30.82
C LYS A 1007 -54.87 -29.51 -30.07
N SER A 1008 -54.47 -28.27 -30.34
CA SER A 1008 -54.99 -27.12 -29.62
C SER A 1008 -56.34 -26.63 -30.15
N GLN A 1009 -56.53 -26.75 -31.46
CA GLN A 1009 -57.74 -26.25 -32.10
C GLN A 1009 -58.99 -27.00 -31.68
N TRP A 1010 -59.99 -26.25 -31.25
CA TRP A 1010 -61.29 -26.82 -30.87
C TRP A 1010 -62.36 -25.73 -30.88
N LYS A 1011 -63.61 -26.13 -30.74
CA LYS A 1011 -64.73 -25.18 -30.74
C LYS A 1011 -65.60 -25.32 -29.50
N LYS A 1012 -65.59 -24.28 -28.67
CA LYS A 1012 -66.39 -24.23 -27.44
C LYS A 1012 -66.15 -25.45 -26.56
N TRP A 1013 -64.88 -25.73 -26.30
CA TRP A 1013 -64.49 -26.92 -25.53
C TRP A 1013 -64.06 -26.56 -24.11
N GLU A 1014 -64.91 -26.90 -23.15
CA GLU A 1014 -64.66 -26.59 -21.74
C GLU A 1014 -63.58 -27.49 -21.15
N VAL A 1015 -62.38 -26.92 -20.97
CA VAL A 1015 -61.28 -27.63 -20.35
C VAL A 1015 -60.45 -26.71 -19.47
N VAL A 1016 -61.06 -26.24 -18.40
CA VAL A 1016 -60.36 -25.39 -17.43
C VAL A 1016 -59.72 -26.27 -16.36
N ALA A 1017 -60.02 -27.57 -16.43
CA ALA A 1017 -59.51 -28.52 -15.45
C ALA A 1017 -58.17 -29.13 -15.86
N GLU A 1018 -57.76 -28.88 -17.10
CA GLU A 1018 -56.51 -29.45 -17.60
C GLU A 1018 -55.36 -28.46 -17.53
N ARG A 1019 -55.69 -27.17 -17.52
CA ARG A 1019 -54.67 -26.11 -17.49
C ARG A 1019 -54.06 -25.96 -16.11
N ALA A 1020 -53.49 -27.03 -15.59
CA ALA A 1020 -52.90 -27.03 -14.26
C ALA A 1020 -51.58 -27.80 -14.24
N TRP A 1021 -51.17 -28.30 -15.40
CA TRP A 1021 -49.91 -29.04 -15.50
C TRP A 1021 -48.88 -28.25 -16.32
N LYS A 1022 -47.67 -28.16 -15.79
CA LYS A 1022 -46.57 -27.50 -16.48
C LYS A 1022 -45.31 -28.34 -16.40
N GLY A 1023 -44.75 -28.69 -17.55
CA GLY A 1023 -43.54 -29.49 -17.57
C GLY A 1023 -42.80 -29.48 -18.89
N GLY A 1024 -41.48 -29.27 -18.83
CA GLY A 1024 -40.64 -29.33 -20.00
C GLY A 1024 -40.50 -30.75 -20.51
N THR A 1025 -39.83 -30.91 -21.65
CA THR A 1025 -39.69 -32.22 -22.27
C THR A 1025 -38.24 -32.58 -22.60
N GLU A 1026 -38.05 -33.79 -23.14
CA GLU A 1026 -36.78 -34.23 -23.71
C GLU A 1026 -35.62 -34.29 -22.71
N SER A 1027 -34.55 -33.57 -23.04
CA SER A 1027 -33.24 -33.76 -22.41
C SER A 1027 -33.18 -33.54 -20.90
N GLU A 1028 -33.59 -32.36 -20.44
CA GLU A 1028 -33.38 -31.98 -19.05
C GLU A 1028 -34.47 -32.49 -18.10
N MET A 1029 -34.31 -32.16 -16.82
CA MET A 1029 -35.20 -32.65 -15.77
C MET A 1029 -35.66 -31.52 -14.86
N PHE A 1030 -35.89 -30.34 -15.46
CA PHE A 1030 -36.35 -29.19 -14.69
C PHE A 1030 -37.72 -29.45 -14.05
N ASN A 1031 -38.41 -30.47 -14.57
CA ASN A 1031 -39.72 -30.85 -14.08
C ASN A 1031 -39.71 -31.30 -12.62
N LYS A 1032 -38.60 -31.91 -12.22
CA LYS A 1032 -38.45 -32.40 -10.85
C LYS A 1032 -38.15 -31.25 -9.90
N LEU A 1033 -37.32 -30.33 -10.35
CA LEU A 1033 -36.98 -29.15 -9.55
C LEU A 1033 -38.24 -28.30 -9.37
N GLU A 1034 -39.03 -28.17 -10.43
CA GLU A 1034 -40.32 -27.51 -10.34
C GLU A 1034 -41.30 -28.30 -9.47
N SER A 1035 -41.12 -29.63 -9.45
CA SER A 1035 -41.97 -30.49 -8.64
C SER A 1035 -41.71 -30.24 -7.16
N ILE A 1036 -40.45 -30.01 -6.80
CA ILE A 1036 -40.10 -29.64 -5.44
C ILE A 1036 -40.47 -28.18 -5.21
N ALA A 1037 -40.64 -27.44 -6.30
CA ALA A 1037 -40.99 -26.02 -6.20
C ALA A 1037 -42.50 -25.81 -6.21
N THR A 1038 -43.26 -26.89 -6.29
CA THR A 1038 -44.71 -26.80 -6.35
C THR A 1038 -45.35 -27.10 -5.01
N SER A 1039 -44.77 -28.02 -4.25
CA SER A 1039 -45.31 -28.44 -2.97
C SER A 1039 -45.44 -27.26 -2.02
N ASP A 1040 -46.63 -27.10 -1.44
CA ASP A 1040 -46.89 -26.01 -0.51
C ASP A 1040 -46.38 -26.36 0.89
N ILE A 1041 -45.75 -27.51 1.00
CA ILE A 1041 -45.32 -28.06 2.28
C ILE A 1041 -43.86 -28.55 2.17
N PRO A 1042 -43.11 -28.56 3.30
CA PRO A 1042 -41.66 -28.69 3.36
C PRO A 1042 -40.81 -28.43 2.10
N ARG A 1043 -41.01 -29.19 1.03
CA ARG A 1043 -40.13 -29.12 -0.16
C ARG A 1043 -38.67 -29.42 0.21
N THR A 1044 -38.43 -30.56 0.85
CA THR A 1044 -37.10 -30.85 1.40
C THR A 1044 -36.52 -32.19 1.00
N PRO A 1045 -35.76 -32.23 -0.10
CA PRO A 1045 -35.10 -33.49 -0.47
C PRO A 1045 -33.58 -33.40 -0.58
N VAL A 1046 -32.80 -34.33 0.01
CA VAL A 1046 -33.18 -35.36 0.98
C VAL A 1046 -31.88 -35.81 1.66
N LEU A 1047 -31.57 -35.39 2.87
CA LEU A 1047 -32.35 -34.47 3.71
C LEU A 1047 -32.38 -33.04 3.14
N GLY A 1048 -33.41 -32.27 3.48
CA GLY A 1048 -34.48 -32.71 4.34
C GLY A 1048 -34.89 -31.64 5.34
N CYS A 1049 -34.52 -30.41 5.06
CA CYS A 1049 -34.82 -29.28 5.95
C CYS A 1049 -35.74 -28.28 5.24
N CYS A 1050 -36.84 -27.91 5.89
CA CYS A 1050 -37.77 -26.95 5.30
C CYS A 1050 -37.33 -25.52 5.59
N ILE A 1051 -37.25 -24.71 4.54
CA ILE A 1051 -36.75 -23.35 4.66
C ILE A 1051 -37.80 -22.27 4.50
N SER A 1052 -37.60 -21.17 5.23
CA SER A 1052 -38.30 -19.90 5.01
C SER A 1052 -39.82 -19.96 5.06
N ARG A 1053 -40.40 -19.37 6.10
CA ARG A 1053 -41.84 -19.14 6.12
C ARG A 1053 -42.19 -18.04 5.12
N ALA A 1054 -41.16 -17.47 4.50
CA ALA A 1054 -41.31 -16.36 3.57
C ALA A 1054 -41.26 -16.79 2.10
N LEU A 1055 -40.90 -18.04 1.85
CA LEU A 1055 -40.86 -18.55 0.48
C LEU A 1055 -41.74 -19.78 0.30
N GLU A 1056 -42.18 -20.34 1.42
CA GLU A 1056 -43.11 -21.45 1.40
C GLU A 1056 -44.38 -21.00 0.68
N PRO A 1057 -44.64 -21.58 -0.50
CA PRO A 1057 -45.73 -21.20 -1.41
C PRO A 1057 -47.08 -21.09 -0.72
N SER A 1058 -47.26 -21.76 0.42
CA SER A 1058 -48.47 -21.54 1.21
C SER A 1058 -48.43 -20.12 1.74
N ALA A 1059 -49.37 -19.30 1.29
CA ALA A 1059 -49.47 -17.87 1.59
C ALA A 1059 -48.33 -17.06 0.96
N VAL A 1060 -47.78 -17.56 -0.15
CA VAL A 1060 -46.85 -16.78 -0.96
C VAL A 1060 -47.24 -17.00 -2.43
N GLN A 1061 -47.13 -15.93 -3.24
CA GLN A 1061 -47.69 -15.91 -4.59
C GLN A 1061 -47.35 -17.07 -5.56
N GLU A 1062 -46.07 -17.43 -5.76
CA GLU A 1062 -44.91 -16.95 -5.02
C GLU A 1062 -43.98 -16.08 -5.87
N GLU A 1063 -43.99 -16.32 -7.17
CA GLU A 1063 -43.19 -15.58 -8.16
C GLU A 1063 -41.68 -15.61 -7.89
N PHE A 1064 -41.27 -16.38 -6.89
CA PHE A 1064 -39.86 -16.55 -6.58
C PHE A 1064 -39.39 -17.97 -6.95
N MET A 1065 -39.52 -18.31 -8.22
CA MET A 1065 -39.28 -19.67 -8.68
C MET A 1065 -37.79 -20.02 -8.74
N THR A 1066 -37.02 -19.19 -9.43
CA THR A 1066 -35.59 -19.40 -9.62
C THR A 1066 -34.85 -19.58 -8.30
N SER A 1067 -35.17 -18.71 -7.35
CA SER A 1067 -34.58 -18.76 -6.01
C SER A 1067 -34.87 -20.10 -5.33
N ARG A 1068 -35.99 -20.72 -5.69
CA ARG A 1068 -36.39 -21.97 -5.07
C ARG A 1068 -35.84 -23.21 -5.79
N VAL A 1069 -35.66 -23.14 -7.11
CA VAL A 1069 -34.97 -24.21 -7.81
C VAL A 1069 -33.52 -24.26 -7.32
N ASN A 1070 -32.90 -23.08 -7.33
CA ASN A 1070 -31.58 -22.91 -6.77
C ASN A 1070 -31.56 -23.33 -5.30
N TRP A 1071 -32.64 -23.04 -4.58
CA TRP A 1071 -32.75 -23.48 -3.19
C TRP A 1071 -32.64 -24.99 -3.12
N VAL A 1072 -33.37 -25.70 -3.97
CA VAL A 1072 -33.37 -27.16 -3.93
C VAL A 1072 -31.97 -27.72 -4.17
N VAL A 1073 -31.40 -27.38 -5.32
CA VAL A 1073 -30.12 -27.98 -5.69
C VAL A 1073 -28.99 -27.56 -4.73
N GLN A 1074 -28.95 -26.29 -4.37
CA GLN A 1074 -27.92 -25.77 -3.47
C GLN A 1074 -28.12 -26.32 -2.06
N SER A 1075 -29.36 -26.68 -1.73
CA SER A 1075 -29.64 -27.31 -0.46
C SER A 1075 -29.06 -28.70 -0.44
N SER A 1076 -29.24 -29.42 -1.53
CA SER A 1076 -28.59 -30.72 -1.66
C SER A 1076 -27.08 -30.56 -1.51
N ALA A 1077 -26.54 -29.48 -2.06
CA ALA A 1077 -25.11 -29.18 -1.93
C ALA A 1077 -24.69 -28.94 -0.47
N VAL A 1078 -25.53 -28.23 0.28
CA VAL A 1078 -25.20 -27.85 1.66
C VAL A 1078 -25.37 -29.04 2.60
N ASP A 1079 -26.39 -29.85 2.36
CA ASP A 1079 -26.56 -31.08 3.12
C ASP A 1079 -25.42 -32.04 2.79
N TYR A 1080 -24.93 -31.97 1.55
CA TYR A 1080 -23.72 -32.68 1.17
C TYR A 1080 -22.56 -32.21 2.05
N LEU A 1081 -22.46 -30.89 2.20
CA LEU A 1081 -21.42 -30.28 3.04
C LEU A 1081 -21.49 -30.78 4.48
N HIS A 1082 -22.67 -30.71 5.07
CA HIS A 1082 -22.87 -31.14 6.45
C HIS A 1082 -22.55 -32.61 6.64
N LEU A 1083 -23.02 -33.43 5.70
CA LEU A 1083 -22.73 -34.86 5.71
C LEU A 1083 -21.21 -35.09 5.69
N MET A 1084 -20.52 -34.33 4.85
CA MET A 1084 -19.07 -34.42 4.78
C MET A 1084 -18.43 -34.07 6.12
N LEU A 1085 -18.94 -33.01 6.74
CA LEU A 1085 -18.43 -32.56 8.03
C LEU A 1085 -18.57 -33.64 9.11
N VAL A 1086 -19.80 -34.12 9.31
CA VAL A 1086 -20.05 -35.10 10.37
C VAL A 1086 -19.34 -36.43 10.08
N ALA A 1087 -19.26 -36.80 8.80
CA ALA A 1087 -18.58 -38.03 8.43
C ALA A 1087 -17.09 -37.91 8.74
N MET A 1088 -16.50 -36.78 8.38
CA MET A 1088 -15.09 -36.55 8.66
C MET A 1088 -14.82 -36.52 10.16
N LYS A 1089 -15.74 -35.92 10.91
CA LYS A 1089 -15.58 -35.84 12.36
C LYS A 1089 -15.70 -37.22 13.01
N TRP A 1090 -16.51 -38.09 12.42
CA TRP A 1090 -16.78 -39.40 13.02
C TRP A 1090 -15.55 -40.29 13.03
N LEU A 1091 -14.78 -40.29 11.94
CA LEU A 1091 -13.64 -41.20 11.84
C LEU A 1091 -12.33 -40.46 12.13
N PHE A 1092 -12.43 -39.24 12.63
CA PHE A 1092 -11.26 -38.47 13.05
C PHE A 1092 -11.03 -38.63 14.55
N GLU A 1093 -12.12 -38.82 15.30
CA GLU A 1093 -12.03 -39.04 16.73
C GLU A 1093 -11.92 -40.53 17.04
N GLU A 1094 -12.54 -41.34 16.19
CA GLU A 1094 -12.52 -42.79 16.35
C GLU A 1094 -11.12 -43.35 16.12
N PHE A 1095 -10.38 -42.74 15.20
CA PHE A 1095 -9.02 -43.17 14.89
C PHE A 1095 -8.01 -42.11 15.31
N ALA A 1096 -6.73 -42.50 15.34
CA ALA A 1096 -5.68 -41.61 15.79
C ALA A 1096 -5.25 -40.65 14.70
N ILE A 1097 -6.13 -39.72 14.35
CA ILE A 1097 -5.81 -38.69 13.35
C ILE A 1097 -5.84 -37.31 13.99
N ASP A 1098 -4.67 -36.85 14.42
CA ASP A 1098 -4.55 -35.58 15.13
C ASP A 1098 -4.89 -34.40 14.22
N GLY A 1099 -5.46 -33.34 14.81
CA GLY A 1099 -5.83 -32.17 14.05
C GLY A 1099 -7.18 -32.34 13.38
N ARG A 1100 -8.23 -31.90 14.06
CA ARG A 1100 -9.59 -32.08 13.57
C ARG A 1100 -10.21 -30.74 13.15
N PHE A 1101 -9.41 -29.68 13.22
CA PHE A 1101 -9.88 -28.35 12.87
C PHE A 1101 -10.33 -28.25 11.42
N CYS A 1102 -11.50 -27.64 11.20
CA CYS A 1102 -12.13 -27.59 9.88
C CYS A 1102 -12.06 -26.21 9.24
N ILE A 1103 -11.90 -26.18 7.92
CA ILE A 1103 -11.93 -24.95 7.14
C ILE A 1103 -12.65 -25.21 5.82
N SER A 1104 -13.94 -24.92 5.78
CA SER A 1104 -14.75 -25.27 4.62
C SER A 1104 -15.22 -24.07 3.80
N ILE A 1105 -15.20 -24.22 2.48
CA ILE A 1105 -15.75 -23.22 1.58
C ILE A 1105 -16.73 -23.87 0.59
N HIS A 1106 -17.96 -24.06 1.04
CA HIS A 1106 -19.04 -24.59 0.20
C HIS A 1106 -18.69 -25.95 -0.41
N ASP A 1107 -18.22 -25.91 -1.66
CA ASP A 1107 -17.82 -27.10 -2.39
C ASP A 1107 -16.59 -27.73 -1.75
N GLU A 1108 -15.63 -26.89 -1.40
CA GLU A 1108 -14.33 -27.35 -0.92
C GLU A 1108 -14.30 -27.46 0.61
N VAL A 1109 -13.37 -28.26 1.12
CA VAL A 1109 -13.21 -28.39 2.57
C VAL A 1109 -11.80 -28.91 2.91
N ARG A 1110 -11.13 -28.21 3.83
CA ARG A 1110 -9.75 -28.54 4.20
C ARG A 1110 -9.58 -28.68 5.71
N TYR A 1111 -8.94 -29.75 6.15
CA TYR A 1111 -8.67 -29.98 7.56
C TYR A 1111 -7.21 -29.75 7.90
N LEU A 1112 -6.95 -29.26 9.12
CA LEU A 1112 -5.59 -28.97 9.57
C LEU A 1112 -4.98 -30.17 10.28
N VAL A 1113 -4.46 -31.12 9.49
CA VAL A 1113 -3.89 -32.34 10.05
C VAL A 1113 -2.41 -32.14 10.38
N ARG A 1114 -1.69 -33.23 10.60
CA ARG A 1114 -0.25 -33.16 10.80
C ARG A 1114 0.49 -33.97 9.73
N GLU A 1115 1.80 -33.79 9.66
CA GLU A 1115 2.61 -34.34 8.59
C GLU A 1115 2.67 -35.87 8.58
N GLU A 1116 2.43 -36.48 9.73
CA GLU A 1116 2.53 -37.93 9.85
C GLU A 1116 1.18 -38.63 9.73
N ASP A 1117 0.10 -37.85 9.68
CA ASP A 1117 -1.24 -38.40 9.56
C ASP A 1117 -2.02 -37.73 8.43
N ARG A 1118 -1.32 -37.38 7.35
CA ARG A 1118 -1.95 -36.67 6.24
C ARG A 1118 -2.61 -37.60 5.23
N TYR A 1119 -1.94 -38.71 4.92
CA TYR A 1119 -2.44 -39.66 3.93
C TYR A 1119 -3.67 -40.40 4.44
N ARG A 1120 -3.69 -40.69 5.74
CA ARG A 1120 -4.83 -41.36 6.35
C ARG A 1120 -6.00 -40.40 6.48
N ALA A 1121 -5.69 -39.11 6.59
CA ALA A 1121 -6.71 -38.07 6.64
C ALA A 1121 -7.33 -37.89 5.25
N ALA A 1122 -6.48 -37.96 4.22
CA ALA A 1122 -6.97 -37.92 2.84
C ALA A 1122 -7.82 -39.14 2.54
N LEU A 1123 -7.42 -40.27 3.10
CA LEU A 1123 -8.18 -41.51 3.00
C LEU A 1123 -9.55 -41.32 3.68
N ALA A 1124 -9.54 -40.61 4.80
CA ALA A 1124 -10.77 -40.28 5.51
C ALA A 1124 -11.67 -39.39 4.66
N LEU A 1125 -11.05 -38.50 3.89
CA LEU A 1125 -11.79 -37.64 2.97
C LEU A 1125 -12.44 -38.45 1.86
N GLN A 1126 -11.69 -39.42 1.32
CA GLN A 1126 -12.22 -40.28 0.26
C GLN A 1126 -13.39 -41.12 0.76
N ILE A 1127 -13.21 -41.72 1.94
CA ILE A 1127 -14.26 -42.49 2.58
C ILE A 1127 -15.49 -41.63 2.80
N THR A 1128 -15.26 -40.42 3.31
CA THR A 1128 -16.33 -39.45 3.55
C THR A 1128 -17.13 -39.17 2.27
N ASN A 1129 -16.42 -38.83 1.20
CA ASN A 1129 -17.05 -38.54 -0.08
C ASN A 1129 -17.85 -39.73 -0.60
N LEU A 1130 -17.26 -40.92 -0.52
CA LEU A 1130 -17.94 -42.14 -0.94
C LEU A 1130 -19.24 -42.35 -0.17
N LEU A 1131 -19.18 -42.22 1.15
CA LEU A 1131 -20.34 -42.42 2.01
C LEU A 1131 -21.42 -41.38 1.74
N THR A 1132 -21.01 -40.14 1.44
CA THR A 1132 -21.97 -39.07 1.19
C THR A 1132 -22.67 -39.28 -0.15
N ARG A 1133 -21.90 -39.63 -1.17
CA ARG A 1133 -22.47 -39.95 -2.48
C ARG A 1133 -23.44 -41.13 -2.36
N CYS A 1134 -23.04 -42.13 -1.57
CA CYS A 1134 -23.89 -43.29 -1.34
C CYS A 1134 -25.15 -42.91 -0.57
N MET A 1135 -25.05 -41.87 0.25
CA MET A 1135 -26.21 -41.36 0.97
C MET A 1135 -27.20 -40.71 0.02
N PHE A 1136 -26.70 -39.82 -0.83
CA PHE A 1136 -27.54 -39.18 -1.84
C PHE A 1136 -28.16 -40.21 -2.78
N ALA A 1137 -27.44 -41.29 -3.03
CA ALA A 1137 -27.95 -42.36 -3.87
C ALA A 1137 -29.04 -43.14 -3.14
N TYR A 1138 -28.85 -43.35 -1.85
CA TYR A 1138 -29.76 -44.15 -1.04
C TYR A 1138 -31.08 -43.43 -0.76
N LYS A 1139 -31.02 -42.11 -0.59
CA LYS A 1139 -32.21 -41.33 -0.29
C LYS A 1139 -33.22 -41.30 -1.43
N LEU A 1140 -32.81 -41.79 -2.60
CA LEU A 1140 -33.69 -41.81 -3.76
C LEU A 1140 -33.72 -43.18 -4.43
N GLY A 1141 -32.69 -43.98 -4.18
CA GLY A 1141 -32.59 -45.30 -4.78
C GLY A 1141 -31.97 -45.24 -6.17
N LEU A 1142 -31.10 -46.20 -6.49
CA LEU A 1142 -30.75 -47.27 -5.56
C LEU A 1142 -29.55 -46.89 -4.70
N ASN A 1143 -29.21 -47.74 -3.74
CA ASN A 1143 -28.01 -47.55 -2.93
C ASN A 1143 -26.76 -47.71 -3.80
N ASP A 1144 -26.93 -48.41 -4.92
CA ASP A 1144 -25.89 -48.54 -5.92
C ASP A 1144 -25.58 -47.18 -6.52
N LEU A 1145 -24.31 -46.94 -6.84
CA LEU A 1145 -23.89 -45.67 -7.40
C LEU A 1145 -22.81 -45.86 -8.47
N PRO A 1146 -22.73 -44.94 -9.44
CA PRO A 1146 -21.75 -45.00 -10.53
C PRO A 1146 -20.30 -45.00 -10.05
N GLN A 1147 -19.37 -45.12 -11.00
CA GLN A 1147 -17.95 -45.24 -10.69
C GLN A 1147 -17.25 -43.88 -10.63
N SER A 1148 -17.40 -43.10 -11.70
CA SER A 1148 -16.71 -41.82 -11.81
C SER A 1148 -17.42 -40.71 -11.03
N VAL A 1149 -17.78 -41.00 -9.79
CA VAL A 1149 -18.46 -40.03 -8.93
C VAL A 1149 -18.37 -40.46 -7.47
N ALA A 1150 -17.92 -41.69 -7.27
CA ALA A 1150 -17.84 -42.27 -5.93
C ALA A 1150 -16.74 -41.63 -5.09
N PHE A 1151 -15.55 -41.50 -5.68
CA PHE A 1151 -14.39 -41.00 -4.95
C PHE A 1151 -13.91 -39.66 -5.49
N PHE A 1152 -13.21 -38.91 -4.64
CA PHE A 1152 -12.59 -37.66 -5.04
C PHE A 1152 -11.52 -37.89 -6.10
N SER A 1153 -11.28 -36.87 -6.92
CA SER A 1153 -10.26 -36.97 -7.95
C SER A 1153 -9.01 -36.18 -7.56
N ALA A 1154 -9.21 -35.11 -6.80
CA ALA A 1154 -8.10 -34.26 -6.37
C ALA A 1154 -8.13 -33.99 -4.88
N VAL A 1155 -7.08 -34.42 -4.18
CA VAL A 1155 -6.94 -34.15 -2.74
C VAL A 1155 -5.66 -33.36 -2.47
N ASP A 1156 -5.83 -32.09 -2.11
CA ASP A 1156 -4.71 -31.20 -1.85
C ASP A 1156 -4.08 -31.48 -0.48
N ILE A 1157 -2.77 -31.64 -0.44
CA ILE A 1157 -2.06 -31.91 0.81
C ILE A 1157 -0.79 -31.09 0.92
N ASP A 1158 -0.82 -29.99 1.67
CA ASP A 1158 0.38 -29.17 1.84
C ASP A 1158 0.28 -28.15 2.97
N ARG A 1159 1.27 -27.27 3.06
CA ARG A 1159 1.38 -26.33 4.16
C ARG A 1159 0.33 -25.23 4.11
N CYS A 1160 0.32 -24.46 3.03
CA CYS A 1160 -0.66 -23.41 2.84
C CYS A 1160 -1.80 -23.89 1.95
N LEU A 1161 -3.00 -23.35 2.16
CA LEU A 1161 -4.14 -23.76 1.36
C LEU A 1161 -4.24 -22.91 0.09
N ARG A 1162 -4.46 -23.58 -1.04
CA ARG A 1162 -4.61 -22.90 -2.32
C ARG A 1162 -5.46 -23.75 -3.25
N LYS A 1163 -5.50 -23.37 -4.53
CA LYS A 1163 -6.35 -24.04 -5.50
C LYS A 1163 -5.64 -25.25 -6.10
N GLU A 1164 -4.77 -24.99 -7.07
CA GLU A 1164 -3.98 -26.05 -7.68
C GLU A 1164 -2.78 -26.35 -6.80
N VAL A 1165 -2.21 -27.54 -6.95
CA VAL A 1165 -1.03 -27.93 -6.17
C VAL A 1165 0.17 -27.04 -6.49
N THR A 1166 0.29 -26.63 -7.75
CA THR A 1166 1.31 -25.69 -8.17
C THR A 1166 0.76 -24.27 -8.03
N MET A 1167 1.55 -23.38 -7.42
CA MET A 1167 1.06 -22.04 -7.11
C MET A 1167 2.09 -20.95 -7.39
N ASP A 1168 1.72 -20.03 -8.28
CA ASP A 1168 2.50 -18.83 -8.53
C ASP A 1168 1.75 -17.63 -7.99
N CYS A 1169 2.41 -16.49 -7.88
CA CYS A 1169 1.78 -15.31 -7.31
C CYS A 1169 2.43 -14.01 -7.78
N LYS A 1170 1.83 -12.89 -7.38
CA LYS A 1170 2.26 -11.58 -7.84
C LYS A 1170 3.21 -10.89 -6.86
N THR A 1171 2.67 -10.47 -5.72
CA THR A 1171 3.41 -9.63 -4.77
C THR A 1171 4.73 -10.23 -4.27
N PRO A 1172 4.73 -11.49 -3.79
CA PRO A 1172 6.03 -12.02 -3.35
C PRO A 1172 6.89 -12.43 -4.55
N SER A 1173 6.27 -12.50 -5.72
CA SER A 1173 6.95 -12.80 -6.98
C SER A 1173 7.58 -14.20 -6.98
N ASN A 1174 8.40 -14.48 -5.99
CA ASN A 1174 8.96 -15.82 -5.79
C ASN A 1174 8.32 -16.51 -4.58
N PRO A 1175 7.35 -17.40 -4.84
CA PRO A 1175 6.64 -18.13 -3.78
C PRO A 1175 7.56 -19.02 -2.96
N THR A 1176 8.25 -19.95 -3.63
CA THR A 1176 9.20 -20.82 -2.95
C THR A 1176 10.44 -20.02 -2.58
N GLY A 1177 10.59 -18.85 -3.18
CA GLY A 1177 11.63 -17.91 -2.79
C GLY A 1177 11.45 -17.54 -1.34
N MET A 1178 10.20 -17.30 -0.95
CA MET A 1178 9.85 -17.16 0.46
C MET A 1178 9.74 -18.57 1.03
N GLU A 1179 9.82 -18.68 2.35
CA GLU A 1179 9.84 -19.99 3.00
C GLU A 1179 8.55 -20.77 2.74
N ARG A 1180 8.56 -21.56 1.67
CA ARG A 1180 7.39 -22.37 1.30
C ARG A 1180 7.80 -23.78 0.90
N ARG A 1181 6.81 -24.58 0.50
CA ARG A 1181 7.04 -25.93 0.03
C ARG A 1181 6.32 -26.17 -1.29
N TYR A 1182 5.86 -27.40 -1.50
CA TYR A 1182 5.13 -27.75 -2.71
C TYR A 1182 3.90 -28.60 -2.37
N GLY A 1183 3.08 -28.87 -3.37
CA GLY A 1183 1.87 -29.66 -3.17
C GLY A 1183 1.93 -31.00 -3.87
N ILE A 1184 0.95 -31.86 -3.60
CA ILE A 1184 0.91 -33.19 -4.21
C ILE A 1184 -0.50 -33.55 -4.71
N PRO A 1185 -0.61 -33.91 -5.99
CA PRO A 1185 -1.87 -34.38 -6.57
C PRO A 1185 -2.27 -35.74 -6.02
N GLN A 1186 -3.55 -35.94 -5.74
CA GLN A 1186 -4.01 -37.18 -5.14
C GLN A 1186 -5.51 -37.42 -5.36
N GLY A 1187 -5.85 -38.53 -6.00
CA GLY A 1187 -4.87 -39.49 -6.47
C GLY A 1187 -5.29 -40.94 -6.26
N GLU A 1188 -4.38 -41.86 -6.56
CA GLU A 1188 -4.63 -43.29 -6.40
C GLU A 1188 -3.60 -43.92 -5.46
N ALA A 1189 -2.56 -43.17 -5.15
CA ALA A 1189 -1.48 -43.67 -4.31
C ALA A 1189 -1.82 -43.59 -2.82
N LEU A 1190 -2.90 -42.89 -2.50
CA LEU A 1190 -3.33 -42.76 -1.11
C LEU A 1190 -4.29 -43.89 -0.74
N ASP A 1191 -4.69 -44.66 -1.76
CA ASP A 1191 -5.60 -45.77 -1.55
C ASP A 1191 -4.87 -47.04 -1.14
N ILE A 1192 -3.70 -46.87 -0.51
CA ILE A 1192 -2.93 -48.00 -0.02
C ILE A 1192 -2.72 -47.88 1.48
N TYR A 1193 -2.99 -46.70 2.03
CA TYR A 1193 -2.88 -46.47 3.46
C TYR A 1193 -4.26 -46.52 4.12
N GLN A 1194 -4.56 -47.63 4.78
CA GLN A 1194 -5.86 -47.82 5.40
C GLN A 1194 -6.07 -46.89 6.59
N ILE A 1195 -7.29 -46.87 7.12
CA ILE A 1195 -7.66 -45.96 8.21
C ILE A 1195 -7.00 -46.37 9.52
N ILE A 1196 -6.50 -47.61 9.58
CA ILE A 1196 -5.81 -48.11 10.76
C ILE A 1196 -4.48 -47.38 10.94
N GLU A 1197 -4.08 -47.20 12.20
CA GLU A 1197 -2.84 -46.48 12.52
C GLU A 1197 -1.61 -47.12 11.91
N LEU A 1198 -1.48 -48.43 12.06
CA LEU A 1198 -0.31 -49.14 11.57
C LEU A 1198 -0.32 -49.27 10.05
N THR A 1199 0.41 -48.37 9.38
CA THR A 1199 0.53 -48.39 7.93
C THR A 1199 2.00 -48.38 7.50
N LYS A 1200 2.21 -48.39 6.18
CA LYS A 1200 3.55 -48.33 5.60
C LYS A 1200 4.44 -49.47 6.09
N ALA B 44 15.70 15.75 -27.51
CA ALA B 44 17.07 16.06 -27.93
C ALA B 44 17.19 17.52 -28.35
N LEU B 45 16.33 18.37 -27.80
CA LEU B 45 16.35 19.79 -28.10
C LEU B 45 16.05 20.63 -26.86
N LEU B 46 16.13 20.00 -25.69
CA LEU B 46 15.94 20.69 -24.42
C LEU B 46 17.27 21.25 -23.94
N GLU B 47 18.34 20.95 -24.68
CA GLU B 47 19.67 21.39 -24.33
C GLU B 47 19.77 22.92 -24.31
N ILE B 48 19.05 23.57 -25.22
CA ILE B 48 19.01 25.01 -25.26
C ILE B 48 18.39 25.56 -23.98
N CYS B 49 17.45 24.81 -23.42
CA CYS B 49 16.83 25.20 -22.16
C CYS B 49 17.80 25.01 -21.00
N GLN B 50 18.76 24.11 -21.18
CA GLN B 50 19.77 23.85 -20.16
C GLN B 50 20.91 24.85 -20.22
N ARG B 51 21.12 25.43 -21.40
CA ARG B 51 22.15 26.45 -21.58
C ARG B 51 21.61 27.82 -21.16
N ARG B 52 20.45 28.17 -21.71
CA ARG B 52 19.80 29.45 -21.41
C ARG B 52 19.59 29.60 -19.91
N HIS B 53 18.97 28.59 -19.32
CA HIS B 53 18.81 28.51 -17.88
C HIS B 53 19.79 27.48 -17.37
N PHE B 54 20.84 27.95 -16.68
CA PHE B 54 22.03 27.15 -16.46
C PHE B 54 21.83 25.95 -15.53
N LEU B 55 21.35 24.85 -16.09
CA LEU B 55 21.39 23.57 -15.42
C LEU B 55 22.60 22.80 -15.95
N SER B 56 23.19 23.33 -17.01
CA SER B 56 24.40 22.77 -17.60
C SER B 56 25.30 23.89 -18.12
N GLY B 57 26.40 23.52 -18.78
CA GLY B 57 27.29 24.49 -19.37
C GLY B 57 26.74 25.08 -20.64
N SER B 58 27.19 26.29 -21.00
CA SER B 58 26.72 26.94 -22.21
C SER B 58 27.54 26.49 -23.43
N LYS B 59 28.45 25.55 -23.20
CA LYS B 59 29.27 25.00 -24.26
C LYS B 59 28.42 24.16 -25.22
N GLN B 60 28.66 24.31 -26.51
CA GLN B 60 27.92 23.56 -27.51
C GLN B 60 28.35 22.08 -27.51
N GLN B 61 29.62 21.85 -27.21
CA GLN B 61 30.16 20.50 -27.18
C GLN B 61 29.69 19.74 -25.94
N LEU B 62 28.42 19.39 -25.92
CA LEU B 62 27.82 18.61 -24.84
C LEU B 62 27.11 17.39 -25.39
N SER B 63 27.81 16.61 -26.19
CA SER B 63 27.24 15.41 -26.80
C SER B 63 26.84 14.39 -25.74
N ARG B 64 26.02 13.43 -26.14
CA ARG B 64 25.55 12.40 -25.21
C ARG B 64 26.74 11.58 -24.68
N ASP B 65 27.77 11.45 -25.50
CA ASP B 65 28.98 10.76 -25.09
C ASP B 65 29.72 11.55 -24.01
N SER B 66 29.79 12.87 -24.20
CA SER B 66 30.49 13.74 -23.26
C SER B 66 29.74 13.84 -21.94
N LEU B 67 28.43 13.58 -21.98
CA LEU B 67 27.61 13.63 -20.77
C LEU B 67 27.60 12.29 -20.06
N LEU B 68 27.70 11.20 -20.83
CA LEU B 68 27.66 9.85 -20.28
C LEU B 68 29.04 9.39 -19.82
N SER B 69 30.08 10.08 -20.27
CA SER B 69 31.45 9.75 -19.88
C SER B 69 31.86 10.53 -18.63
N GLY B 70 31.25 11.68 -18.43
CA GLY B 70 31.58 12.53 -17.31
C GLY B 70 32.68 13.52 -17.68
N CYS B 71 32.95 13.62 -18.97
CA CYS B 71 33.99 14.52 -19.48
C CYS B 71 33.42 15.90 -19.78
N HIS B 72 32.21 16.15 -19.27
CA HIS B 72 31.57 17.46 -19.42
C HIS B 72 32.32 18.51 -18.61
N PRO B 73 32.29 19.77 -19.08
CA PRO B 73 32.99 20.87 -18.40
C PRO B 73 32.42 21.17 -17.01
N GLY B 74 31.22 20.66 -16.73
CA GLY B 74 30.59 20.88 -15.44
C GLY B 74 29.12 21.20 -15.55
N PHE B 75 28.46 21.31 -14.41
CA PHE B 75 27.04 21.63 -14.37
C PHE B 75 26.82 23.06 -13.90
N GLY B 76 25.72 23.67 -14.35
CA GLY B 76 25.36 25.00 -13.91
C GLY B 76 24.86 24.99 -12.48
N PRO B 77 24.61 26.19 -11.92
CA PRO B 77 24.11 26.32 -10.54
C PRO B 77 22.79 25.58 -10.31
N LEU B 78 21.86 25.72 -11.24
CA LEU B 78 20.57 25.03 -11.14
C LEU B 78 20.76 23.51 -11.26
N GLY B 79 21.75 23.11 -12.06
CA GLY B 79 22.05 21.71 -12.24
C GLY B 79 22.68 21.08 -11.01
N VAL B 80 23.66 21.78 -10.43
CA VAL B 80 24.33 21.27 -9.25
C VAL B 80 23.38 21.35 -8.04
N GLU B 81 22.41 22.24 -8.10
CA GLU B 81 21.40 22.33 -7.06
C GLU B 81 20.41 21.17 -7.18
N LEU B 82 20.01 20.87 -8.41
CA LEU B 82 19.14 19.74 -8.69
C LEU B 82 19.79 18.45 -8.21
N ARG B 83 21.06 18.26 -8.58
CA ARG B 83 21.82 17.10 -8.14
C ARG B 83 22.00 17.11 -6.62
N LYS B 84 22.09 18.31 -6.04
CA LYS B 84 22.22 18.43 -4.59
C LYS B 84 20.99 17.88 -3.89
N ASN B 85 19.82 18.32 -4.32
CA ASN B 85 18.57 17.84 -3.74
C ASN B 85 18.36 16.36 -4.03
N LEU B 86 18.85 15.90 -5.17
CA LEU B 86 18.76 14.48 -5.53
C LEU B 86 19.58 13.62 -4.56
N ALA B 87 20.82 14.04 -4.32
CA ALA B 87 21.71 13.33 -3.42
C ALA B 87 21.22 13.40 -1.98
N ALA B 88 20.59 14.52 -1.63
CA ALA B 88 20.03 14.68 -0.30
C ALA B 88 18.83 13.73 -0.14
N GLU B 89 18.04 13.60 -1.19
CA GLU B 89 16.89 12.70 -1.18
C GLU B 89 17.38 11.24 -1.11
N TRP B 90 18.53 10.98 -1.71
CA TRP B 90 19.19 9.69 -1.54
C TRP B 90 19.53 9.46 -0.08
N TRP B 91 20.24 10.42 0.50
CA TRP B 91 20.73 10.32 1.87
C TRP B 91 19.61 10.14 2.87
N THR B 92 18.46 10.74 2.58
CA THR B 92 17.30 10.62 3.46
C THR B 92 16.69 9.21 3.37
N SER B 93 16.50 8.73 2.15
CA SER B 93 15.81 7.46 1.94
C SER B 93 16.75 6.26 1.85
N VAL B 94 17.97 6.41 2.38
CA VAL B 94 18.93 5.31 2.40
C VAL B 94 19.65 5.24 3.74
N VAL B 95 20.01 6.40 4.28
CA VAL B 95 20.84 6.46 5.49
C VAL B 95 20.05 6.79 6.75
N VAL B 96 19.26 7.86 6.71
CA VAL B 96 18.61 8.38 7.90
C VAL B 96 17.53 7.44 8.46
N PHE B 97 16.50 7.19 7.66
CA PHE B 97 15.35 6.41 8.13
C PHE B 97 15.72 4.98 8.49
N ARG B 98 16.68 4.40 7.76
CA ARG B 98 17.11 3.04 8.04
C ARG B 98 18.29 3.02 9.01
N GLU B 99 18.10 2.37 10.15
CA GLU B 99 19.16 2.21 11.13
C GLU B 99 20.21 1.23 10.61
N GLN B 100 21.27 1.04 11.41
CA GLN B 100 22.38 0.16 11.05
C GLN B 100 23.13 0.65 9.80
N VAL B 101 22.88 1.89 9.40
CA VAL B 101 23.58 2.48 8.27
C VAL B 101 24.24 3.80 8.68
N PHE B 102 25.56 3.85 8.52
CA PHE B 102 26.34 5.00 8.96
C PHE B 102 27.19 5.56 7.83
N PRO B 103 27.45 6.88 7.85
CA PRO B 103 28.28 7.53 6.84
C PRO B 103 29.75 7.12 6.93
N VAL B 104 30.40 7.01 5.78
CA VAL B 104 31.82 6.64 5.73
C VAL B 104 32.57 7.64 4.85
N ASP B 105 33.79 7.98 5.25
CA ASP B 105 34.61 8.93 4.50
C ASP B 105 35.81 8.26 3.87
N ALA B 106 35.71 7.93 2.59
CA ALA B 106 36.81 7.33 1.86
C ALA B 106 37.62 8.40 1.13
N LEU B 107 38.94 8.23 1.12
CA LEU B 107 39.82 9.18 0.43
C LEU B 107 39.68 9.06 -1.08
N HIS B 108 40.21 10.03 -1.80
CA HIS B 108 40.14 10.05 -3.26
C HIS B 108 41.29 9.28 -3.90
N HIS B 109 42.33 8.99 -3.12
CA HIS B 109 43.53 8.35 -3.64
C HIS B 109 44.07 7.26 -2.73
N LYS B 110 45.25 6.75 -3.07
CA LYS B 110 45.95 5.77 -2.25
C LYS B 110 47.30 6.31 -1.78
N PRO B 111 47.67 6.01 -0.53
CA PRO B 111 48.94 6.47 0.05
C PRO B 111 50.16 6.02 -0.75
N GLY B 112 50.07 4.86 -1.38
CA GLY B 112 51.17 4.33 -2.18
C GLY B 112 51.37 5.09 -3.48
N GLY B 155 49.62 9.72 -12.21
CA GLY B 155 48.89 9.19 -11.08
C GLY B 155 47.41 8.96 -11.39
N LYS B 156 46.89 7.85 -10.90
CA LYS B 156 45.47 7.52 -11.10
C LYS B 156 44.71 7.54 -9.78
N LEU B 157 43.43 7.89 -9.84
CA LEU B 157 42.60 8.00 -8.65
C LEU B 157 41.66 6.82 -8.49
N ARG B 158 40.73 6.93 -7.55
CA ARG B 158 39.78 5.86 -7.26
C ARG B 158 38.75 5.70 -8.37
N GLU B 159 38.49 4.44 -8.75
CA GLU B 159 37.47 4.15 -9.76
C GLU B 159 36.11 3.96 -9.09
N ASN B 160 36.14 3.47 -7.86
CA ASN B 160 34.92 3.27 -7.08
C ASN B 160 35.17 3.49 -5.60
N LEU B 161 34.16 4.01 -4.90
CA LEU B 161 34.29 4.31 -3.49
C LEU B 161 33.75 3.16 -2.64
N LEU B 162 33.80 1.95 -3.20
CA LEU B 162 33.42 0.75 -2.47
C LEU B 162 34.56 0.28 -1.57
N HIS B 163 35.76 0.19 -2.13
CA HIS B 163 36.92 -0.32 -1.41
C HIS B 163 37.28 0.57 -0.22
N GLY B 164 37.21 1.88 -0.43
CA GLY B 164 37.48 2.84 0.63
C GLY B 164 36.54 2.66 1.81
N ALA B 165 35.32 2.21 1.51
CA ALA B 165 34.34 1.94 2.56
C ALA B 165 34.60 0.57 3.18
N LEU B 166 35.13 -0.35 2.37
CA LEU B 166 35.51 -1.67 2.86
C LEU B 166 36.65 -1.58 3.87
N GLU B 167 37.49 -0.56 3.71
CA GLU B 167 38.61 -0.36 4.63
C GLU B 167 38.12 0.11 6.01
N HIS B 168 36.88 0.56 6.08
CA HIS B 168 36.32 1.08 7.33
C HIS B 168 35.36 0.08 7.98
N TYR B 169 35.51 -1.20 7.64
CA TYR B 169 34.58 -2.21 8.11
C TYR B 169 34.68 -2.49 9.61
N VAL B 170 35.91 -2.61 10.11
CA VAL B 170 36.15 -3.05 11.48
C VAL B 170 35.69 -2.04 12.55
N ASN B 171 36.09 -0.78 12.38
CA ASN B 171 35.68 0.27 13.32
C ASN B 171 34.17 0.44 13.35
N CYS B 172 33.57 0.41 12.17
CA CYS B 172 32.13 0.53 12.06
C CYS B 172 31.44 -0.71 12.61
N LEU B 173 32.15 -1.83 12.63
CA LEU B 173 31.67 -3.01 13.33
C LEU B 173 31.70 -2.74 14.83
N ASP B 174 32.71 -2.01 15.27
CA ASP B 174 32.87 -1.71 16.69
C ASP B 174 31.80 -0.72 17.18
N LEU B 175 31.36 0.18 16.31
CA LEU B 175 30.34 1.16 16.72
C LEU B 175 28.93 0.57 16.63
N VAL B 176 28.81 -0.62 16.05
CA VAL B 176 27.52 -1.29 15.93
C VAL B 176 27.48 -2.52 16.84
N ASN B 177 28.58 -2.74 17.56
CA ASN B 177 28.75 -3.89 18.45
C ASN B 177 28.61 -5.21 17.69
N LYS B 178 29.30 -5.30 16.55
CA LYS B 178 29.32 -6.49 15.71
C LYS B 178 27.94 -6.97 15.30
N ARG B 179 26.96 -6.06 15.27
CA ARG B 179 25.61 -6.42 14.87
C ARG B 179 25.37 -6.18 13.38
N LEU B 180 25.54 -7.22 12.59
CA LEU B 180 25.21 -7.16 11.17
C LEU B 180 23.87 -7.85 10.95
N PRO B 181 23.13 -7.50 9.88
CA PRO B 181 23.46 -6.62 8.75
C PRO B 181 23.65 -5.15 9.12
N TYR B 182 24.65 -4.52 8.50
CA TYR B 182 24.87 -3.09 8.67
C TYR B 182 25.59 -2.53 7.45
N GLY B 183 25.34 -1.26 7.13
CA GLY B 183 25.86 -0.69 5.92
C GLY B 183 26.61 0.62 6.05
N LEU B 184 27.45 0.91 5.07
CA LEU B 184 28.20 2.16 5.02
C LEU B 184 27.87 2.91 3.73
N ALA B 185 27.41 4.15 3.87
CA ALA B 185 26.99 4.93 2.70
C ALA B 185 27.85 6.18 2.52
N GLN B 186 28.06 6.55 1.27
CA GLN B 186 28.90 7.69 0.93
C GLN B 186 28.62 8.19 -0.48
N ILE B 187 28.42 9.51 -0.62
CA ILE B 187 28.20 10.11 -1.93
C ILE B 187 29.44 10.90 -2.34
N GLY B 188 30.25 10.33 -3.23
CA GLY B 188 31.48 10.97 -3.64
C GLY B 188 31.76 10.82 -5.13
N VAL B 189 32.51 11.77 -5.66
CA VAL B 189 32.86 11.75 -7.08
C VAL B 189 33.95 10.71 -7.33
N CYS B 190 33.78 9.94 -8.39
CA CYS B 190 34.78 8.94 -8.78
C CYS B 190 35.40 9.27 -10.12
N PHE B 191 36.63 8.81 -10.32
CA PHE B 191 37.39 9.12 -11.52
C PHE B 191 37.60 7.89 -12.39
N HIS B 192 37.14 7.97 -13.63
CA HIS B 192 37.20 6.84 -14.54
C HIS B 192 38.06 7.14 -15.75
N PRO B 193 39.04 6.25 -16.03
CA PRO B 193 39.88 6.38 -17.22
C PRO B 193 39.08 6.09 -18.49
N VAL B 194 39.18 6.96 -19.49
CA VAL B 194 38.41 6.80 -20.71
C VAL B 194 39.27 7.03 -21.96
N PHE B 195 39.24 6.06 -22.86
CA PHE B 195 39.95 6.16 -24.13
C PHE B 195 39.00 6.66 -25.23
N ASP B 196 39.00 7.97 -25.44
CA ASP B 196 38.10 8.58 -26.42
C ASP B 196 38.53 8.23 -27.85
N THR B 197 37.66 7.51 -28.55
CA THR B 197 37.93 7.10 -29.93
C THR B 197 37.21 8.01 -30.92
N LYS B 205 42.18 8.53 -24.00
CA LYS B 205 43.41 9.04 -23.41
C LYS B 205 43.10 10.02 -22.28
N SER B 206 41.82 10.29 -22.07
CA SER B 206 41.40 11.25 -21.05
C SER B 206 40.83 10.56 -19.81
N ILE B 207 40.38 11.36 -18.86
CA ILE B 207 39.80 10.83 -17.62
C ILE B 207 38.59 11.65 -17.20
N GLY B 208 37.47 10.96 -16.99
CA GLY B 208 36.23 11.63 -16.66
C GLY B 208 35.75 11.35 -15.24
N GLU B 209 35.35 12.40 -14.54
CA GLU B 209 34.87 12.25 -13.17
C GLU B 209 33.35 12.38 -13.09
N LYS B 210 32.74 11.64 -12.17
CA LYS B 210 31.30 11.70 -11.99
C LYS B 210 30.87 11.31 -10.57
N THR B 211 29.92 12.07 -10.02
CA THR B 211 29.43 11.86 -8.67
C THR B 211 28.65 10.54 -8.55
N GLU B 212 29.06 9.71 -7.59
CA GLU B 212 28.40 8.43 -7.36
C GLU B 212 27.99 8.26 -5.90
N ALA B 213 26.77 7.77 -5.70
CA ALA B 213 26.27 7.48 -4.36
C ALA B 213 26.31 5.98 -4.10
N SER B 214 27.19 5.56 -3.20
CA SER B 214 27.39 4.13 -2.94
C SER B 214 27.02 3.72 -1.52
N LEU B 215 26.33 2.58 -1.43
CA LEU B 215 26.07 1.93 -0.15
C LEU B 215 26.62 0.51 -0.17
N VAL B 216 27.49 0.20 0.78
CA VAL B 216 28.00 -1.14 0.93
C VAL B 216 27.32 -1.81 2.13
N TRP B 217 26.55 -2.86 1.83
CA TRP B 217 25.70 -3.51 2.81
C TRP B 217 26.30 -4.84 3.28
N PHE B 218 26.93 -4.82 4.45
CA PHE B 218 27.49 -6.03 5.04
C PHE B 218 26.36 -6.88 5.63
N THR B 219 26.13 -8.04 5.02
CA THR B 219 24.99 -8.88 5.40
C THR B 219 25.37 -10.36 5.44
N PRO B 220 24.83 -11.09 6.43
CA PRO B 220 25.06 -12.54 6.59
C PRO B 220 24.71 -13.34 5.33
N PRO B 221 25.49 -14.39 5.04
CA PRO B 221 25.30 -15.25 3.86
C PRO B 221 23.92 -15.88 3.81
N ARG B 222 23.34 -16.13 4.98
CA ARG B 222 22.03 -16.78 5.08
C ARG B 222 20.94 -15.91 4.45
N THR B 223 21.11 -14.60 4.51
CA THR B 223 20.10 -13.67 4.02
C THR B 223 20.66 -12.67 3.00
N SER B 224 21.66 -13.09 2.23
CA SER B 224 22.27 -12.23 1.23
C SER B 224 21.32 -11.91 0.07
N ASN B 225 20.79 -12.96 -0.55
CA ASN B 225 19.89 -12.80 -1.68
C ASN B 225 18.63 -12.01 -1.33
N GLN B 226 18.11 -12.24 -0.12
CA GLN B 226 16.93 -11.54 0.35
C GLN B 226 17.17 -10.04 0.44
N TRP B 227 18.34 -9.67 0.96
CA TRP B 227 18.71 -8.26 1.04
C TRP B 227 18.99 -7.69 -0.34
N LEU B 228 19.46 -8.54 -1.26
CA LEU B 228 19.71 -8.12 -2.63
C LEU B 228 18.41 -7.74 -3.32
N ASP B 229 17.41 -8.62 -3.22
CA ASP B 229 16.09 -8.34 -3.79
C ASP B 229 15.45 -7.15 -3.09
N PHE B 230 15.64 -7.08 -1.79
CA PHE B 230 15.17 -5.97 -0.97
C PHE B 230 15.66 -4.63 -1.54
N TRP B 231 16.97 -4.48 -1.61
CA TRP B 231 17.57 -3.26 -2.10
C TRP B 231 17.24 -3.01 -3.56
N LEU B 232 17.08 -4.08 -4.33
CA LEU B 232 16.64 -3.95 -5.71
C LEU B 232 15.31 -3.21 -5.78
N ARG B 233 14.30 -3.79 -5.13
CA ARG B 233 12.95 -3.23 -5.11
C ARG B 233 12.94 -1.81 -4.54
N HIS B 234 13.72 -1.58 -3.48
CA HIS B 234 13.69 -0.30 -2.79
C HIS B 234 14.39 0.82 -3.57
N ARG B 235 15.54 0.52 -4.16
CA ARG B 235 16.24 1.48 -5.00
C ARG B 235 15.41 1.80 -6.23
N LEU B 236 14.92 0.75 -6.90
CA LEU B 236 14.07 0.93 -8.08
C LEU B 236 12.83 1.74 -7.74
N GLN B 237 12.30 1.55 -6.54
CA GLN B 237 11.16 2.33 -6.07
C GLN B 237 11.55 3.79 -5.89
N TRP B 238 12.75 4.01 -5.34
CA TRP B 238 13.24 5.36 -5.09
C TRP B 238 13.48 6.12 -6.38
N TRP B 239 13.81 5.39 -7.44
CA TRP B 239 14.09 6.04 -8.71
C TRP B 239 12.83 6.15 -9.58
N ARG B 240 11.85 5.29 -9.32
CA ARG B 240 10.61 5.31 -10.10
C ARG B 240 9.65 6.39 -9.59
N LYS B 241 9.90 6.93 -8.41
CA LYS B 241 9.22 8.15 -7.99
C LYS B 241 10.03 9.34 -8.51
N PHE B 242 9.55 10.54 -8.23
CA PHE B 242 10.13 11.79 -8.77
C PHE B 242 10.02 11.85 -10.30
N ALA B 243 9.49 10.80 -10.92
CA ALA B 243 9.41 10.73 -12.37
C ALA B 243 7.98 10.94 -12.87
N MET B 244 7.85 11.57 -14.02
CA MET B 244 6.55 11.79 -14.63
C MET B 244 6.08 10.53 -15.32
N SER B 245 7.04 9.74 -15.80
CA SER B 245 6.76 8.46 -16.43
C SER B 245 7.70 7.39 -15.89
N PRO B 246 7.31 6.76 -14.77
CA PRO B 246 8.12 5.75 -14.06
C PRO B 246 8.44 4.51 -14.90
N SER B 247 7.76 4.36 -16.03
CA SER B 247 7.94 3.20 -16.90
C SER B 247 9.33 3.14 -17.52
N ASN B 248 10.01 4.28 -17.57
CA ASN B 248 11.33 4.36 -18.18
C ASN B 248 12.42 3.68 -17.36
N PHE B 249 12.24 3.66 -16.04
CA PHE B 249 13.21 3.03 -15.15
C PHE B 249 12.97 1.53 -15.04
N SER B 250 14.00 0.75 -15.37
CA SER B 250 13.86 -0.70 -15.38
C SER B 250 14.96 -1.39 -14.58
N SER B 251 14.77 -2.68 -14.34
CA SER B 251 15.75 -3.48 -13.62
C SER B 251 16.08 -4.74 -14.40
N SER B 252 17.35 -5.12 -14.39
CA SER B 252 17.80 -6.29 -15.11
C SER B 252 18.54 -7.26 -14.18
N ASP B 253 18.05 -8.49 -14.12
CA ASP B 253 18.68 -9.52 -13.32
C ASP B 253 19.81 -10.19 -14.12
N CYS B 254 21.00 -10.21 -13.53
CA CYS B 254 22.17 -10.74 -14.21
C CYS B 254 23.10 -11.48 -13.26
N GLN B 255 23.86 -12.44 -13.79
CA GLN B 255 24.81 -13.18 -12.99
C GLN B 255 26.24 -12.78 -13.31
N ASP B 256 27.18 -13.19 -12.46
CA ASP B 256 28.58 -12.85 -12.62
C ASP B 256 29.29 -13.87 -13.52
N GLU B 257 30.60 -13.71 -13.68
CA GLU B 257 31.38 -14.66 -14.47
C GLU B 257 31.60 -15.96 -13.69
N GLU B 258 31.52 -15.86 -12.36
CA GLU B 258 31.64 -17.03 -11.51
C GLU B 258 30.27 -17.57 -11.12
N GLY B 259 29.29 -16.68 -11.00
CA GLY B 259 27.93 -17.09 -10.70
C GLY B 259 27.23 -16.18 -9.71
N ARG B 260 27.93 -15.15 -9.24
CA ARG B 260 27.37 -14.22 -8.26
C ARG B 260 26.19 -13.44 -8.84
N LYS B 261 25.08 -13.42 -8.11
CA LYS B 261 23.88 -12.72 -8.55
C LYS B 261 24.05 -11.21 -8.46
N GLY B 262 23.28 -10.49 -9.26
CA GLY B 262 23.37 -9.04 -9.29
C GLY B 262 22.25 -8.41 -10.10
N ASN B 263 21.99 -7.13 -9.86
CA ASN B 263 20.94 -6.41 -10.57
C ASN B 263 21.40 -5.05 -11.07
N LYS B 264 21.02 -4.72 -12.29
CA LYS B 264 21.33 -3.40 -12.86
C LYS B 264 20.07 -2.56 -12.99
N LEU B 265 20.23 -1.24 -12.95
CA LEU B 265 19.11 -0.34 -13.13
C LEU B 265 19.32 0.55 -14.35
N TYR B 266 18.29 0.64 -15.19
CA TYR B 266 18.39 1.41 -16.43
C TYR B 266 17.36 2.53 -16.48
N TYR B 267 17.70 3.60 -17.21
CA TYR B 267 16.74 4.64 -17.55
C TYR B 267 16.59 4.71 -19.06
N ASN B 268 15.36 4.77 -19.54
CA ASN B 268 15.10 4.79 -20.97
C ASN B 268 15.24 6.19 -21.56
N PHE B 269 16.46 6.54 -21.94
CA PHE B 269 16.71 7.79 -22.66
C PHE B 269 16.10 7.72 -24.06
N PRO B 270 15.89 8.88 -24.71
CA PRO B 270 15.32 8.91 -26.06
C PRO B 270 16.09 8.07 -27.09
N TRP B 271 17.33 7.69 -26.78
CA TRP B 271 18.13 6.91 -27.72
C TRP B 271 18.32 5.47 -27.25
N GLY B 272 17.65 5.11 -26.16
CA GLY B 272 17.75 3.77 -25.61
C GLY B 272 18.00 3.77 -24.12
N LYS B 273 18.01 2.59 -23.51
CA LYS B 273 18.25 2.47 -22.08
C LYS B 273 19.71 2.74 -21.73
N GLU B 274 19.96 3.22 -20.52
CA GLU B 274 21.30 3.52 -20.06
C GLU B 274 21.46 3.18 -18.58
N LEU B 275 22.62 2.65 -18.21
CA LEU B 275 22.88 2.24 -16.83
C LEU B 275 22.96 3.44 -15.90
N ILE B 276 22.22 3.37 -14.78
CA ILE B 276 22.19 4.46 -13.82
C ILE B 276 22.53 3.99 -12.41
N GLU B 277 22.41 2.68 -12.17
CA GLU B 277 22.72 2.12 -10.85
C GLU B 277 22.98 0.62 -10.96
N THR B 278 23.88 0.12 -10.13
CA THR B 278 24.25 -1.29 -10.17
C THR B 278 24.26 -1.91 -8.77
N LEU B 279 23.74 -3.13 -8.66
CA LEU B 279 23.71 -3.85 -7.39
C LEU B 279 24.30 -5.25 -7.53
N TRP B 280 25.36 -5.51 -6.78
CA TRP B 280 26.05 -6.81 -6.84
C TRP B 280 26.26 -7.43 -5.47
N ASN B 281 26.32 -8.76 -5.46
CA ASN B 281 26.56 -9.51 -4.22
C ASN B 281 27.95 -10.12 -4.22
N LEU B 282 28.86 -9.51 -3.49
CA LEU B 282 30.25 -9.96 -3.42
C LEU B 282 30.46 -10.97 -2.30
N GLY B 283 30.78 -12.20 -2.67
CA GLY B 283 30.92 -13.28 -1.72
C GLY B 283 32.15 -13.23 -0.85
N ASP B 284 32.20 -12.22 0.04
CA ASP B 284 33.26 -12.04 1.04
C ASP B 284 34.68 -12.38 0.58
N HIS B 285 34.98 -12.12 -0.69
CA HIS B 285 36.30 -12.39 -1.23
C HIS B 285 37.29 -11.27 -0.88
N GLU B 286 36.89 -10.04 -1.16
CA GLU B 286 37.76 -8.89 -0.96
C GLU B 286 38.09 -8.68 0.51
N LEU B 287 37.11 -8.90 1.38
CA LEU B 287 37.33 -8.77 2.82
C LEU B 287 38.30 -9.83 3.31
N LEU B 288 38.19 -11.03 2.74
CA LEU B 288 39.10 -12.12 3.06
C LEU B 288 40.52 -11.80 2.61
N HIS B 289 40.63 -11.15 1.45
CA HIS B 289 41.94 -10.81 0.91
C HIS B 289 42.57 -9.64 1.66
N MET B 290 41.73 -8.77 2.23
CA MET B 290 42.22 -7.62 2.97
C MET B 290 42.72 -8.01 4.36
N TYR B 291 42.18 -9.09 4.90
CA TYR B 291 42.58 -9.56 6.22
C TYR B 291 42.93 -11.04 6.19
N PRO B 292 44.13 -11.36 5.69
CA PRO B 292 44.57 -12.76 5.57
C PRO B 292 45.08 -13.33 6.88
N GLY B 293 45.62 -12.48 7.75
CA GLY B 293 46.15 -12.92 9.03
C GLY B 293 45.05 -13.37 9.97
N ASN B 294 44.44 -12.42 10.66
CA ASN B 294 43.37 -12.72 11.59
C ASN B 294 42.00 -12.41 11.00
N VAL B 295 41.24 -13.47 10.68
CA VAL B 295 39.90 -13.31 10.15
C VAL B 295 38.88 -13.22 11.27
N SER B 296 39.36 -13.34 12.51
CA SER B 296 38.51 -13.26 13.68
C SER B 296 37.97 -11.84 13.87
N LYS B 297 38.67 -10.86 13.31
CA LYS B 297 38.24 -9.47 13.39
C LYS B 297 37.28 -9.14 12.27
N LEU B 298 36.83 -10.18 11.56
CA LEU B 298 35.87 -10.01 10.48
C LEU B 298 34.52 -10.62 10.85
N HIS B 299 34.54 -11.54 11.82
CA HIS B 299 33.34 -12.22 12.27
C HIS B 299 32.29 -11.25 12.80
N GLY B 300 31.06 -11.40 12.32
CA GLY B 300 29.96 -10.56 12.77
C GLY B 300 28.82 -11.40 13.33
N ARG B 301 28.22 -10.94 14.42
CA ARG B 301 27.16 -11.69 15.07
C ARG B 301 25.88 -11.71 14.23
N ASP B 302 25.62 -12.84 13.58
CA ASP B 302 24.40 -13.04 12.82
C ASP B 302 23.20 -13.16 13.78
N GLY B 303 23.49 -13.61 14.99
CA GLY B 303 22.47 -13.76 16.01
C GLY B 303 22.97 -14.62 17.16
N ARG B 304 22.88 -15.93 16.98
CA ARG B 304 23.36 -16.88 17.98
C ARG B 304 24.74 -17.40 17.60
N LYS B 305 25.30 -16.83 16.54
CA LYS B 305 26.58 -17.28 16.00
C LYS B 305 27.24 -16.20 15.16
N ASN B 306 28.56 -16.16 15.20
CA ASN B 306 29.32 -15.18 14.42
C ASN B 306 29.76 -15.75 13.08
N VAL B 307 29.36 -15.09 12.00
CA VAL B 307 29.64 -15.56 10.65
C VAL B 307 30.42 -14.51 9.87
N VAL B 308 31.08 -14.94 8.80
CA VAL B 308 31.79 -14.04 7.90
C VAL B 308 30.81 -13.32 6.99
N PRO B 309 30.85 -11.98 6.99
CA PRO B 309 29.88 -11.14 6.28
C PRO B 309 30.01 -11.22 4.76
N CYS B 310 28.89 -11.40 4.08
CA CYS B 310 28.84 -11.27 2.63
C CYS B 310 28.64 -9.80 2.28
N VAL B 311 29.38 -9.33 1.29
CA VAL B 311 29.42 -7.89 0.99
C VAL B 311 28.50 -7.48 -0.16
N LEU B 312 27.30 -7.03 0.18
CA LEU B 312 26.40 -6.48 -0.82
C LEU B 312 26.87 -5.08 -1.21
N SER B 313 26.58 -4.65 -2.43
CA SER B 313 27.03 -3.35 -2.90
C SER B 313 26.09 -2.71 -3.91
N VAL B 314 25.72 -1.46 -3.65
CA VAL B 314 24.89 -0.72 -4.59
C VAL B 314 25.50 0.63 -4.90
N ASN B 315 25.76 0.88 -6.19
CA ASN B 315 26.37 2.12 -6.62
C ASN B 315 25.51 2.83 -7.64
N GLY B 316 25.15 4.08 -7.35
CA GLY B 316 24.28 4.84 -8.22
C GLY B 316 24.88 6.10 -8.79
N ASP B 317 24.97 6.17 -10.12
CA ASP B 317 25.44 7.36 -10.81
C ASP B 317 24.41 8.47 -10.73
N LEU B 318 24.70 9.50 -9.95
CA LEU B 318 23.75 10.59 -9.73
C LEU B 318 23.85 11.67 -10.81
N ASP B 319 24.91 11.64 -11.62
CA ASP B 319 25.01 12.54 -12.76
C ASP B 319 24.07 12.06 -13.85
N ARG B 320 24.19 10.78 -14.21
CA ARG B 320 23.29 10.17 -15.18
C ARG B 320 21.86 10.17 -14.69
N GLY B 321 21.69 10.17 -13.37
CA GLY B 321 20.37 10.21 -12.77
C GLY B 321 19.77 11.60 -12.83
N MET B 322 20.61 12.60 -12.59
CA MET B 322 20.18 13.99 -12.68
C MET B 322 19.81 14.32 -14.12
N LEU B 323 20.60 13.80 -15.06
CA LEU B 323 20.29 13.95 -16.48
C LEU B 323 19.03 13.16 -16.85
N ALA B 324 18.82 12.04 -16.17
CA ALA B 324 17.66 11.20 -16.40
C ALA B 324 16.38 11.94 -16.00
N TYR B 325 16.41 12.58 -14.84
CA TYR B 325 15.28 13.35 -14.38
C TYR B 325 15.11 14.62 -15.20
N LEU B 326 16.23 15.13 -15.71
CA LEU B 326 16.23 16.30 -16.57
C LEU B 326 15.48 16.01 -17.87
N TYR B 327 15.76 14.85 -18.45
CA TYR B 327 15.07 14.43 -19.67
C TYR B 327 13.62 14.06 -19.37
N ASP B 328 13.41 13.42 -18.23
CA ASP B 328 12.08 12.95 -17.85
C ASP B 328 11.11 14.10 -17.57
N SER B 329 11.66 15.22 -17.11
CA SER B 329 10.86 16.39 -16.77
C SER B 329 10.21 17.03 -17.98
N PHE B 330 10.90 16.98 -19.11
CA PHE B 330 10.42 17.60 -20.34
C PHE B 330 9.43 16.70 -21.07
N GLN B 331 8.49 17.33 -21.79
CA GLN B 331 7.49 16.58 -22.54
C GLN B 331 8.11 15.89 -23.76
N THR B 338 2.49 12.98 -26.51
CA THR B 338 3.09 14.08 -27.26
C THR B 338 2.46 14.20 -28.66
N ARG B 339 1.14 14.22 -28.70
CA ARG B 339 0.41 14.34 -29.96
C ARG B 339 -1.00 14.86 -29.68
N LYS B 340 -1.59 15.49 -30.70
CA LYS B 340 -2.93 16.10 -30.66
C LYS B 340 -3.23 16.89 -29.37
N LYS B 341 -2.20 17.47 -28.77
CA LYS B 341 -2.37 18.33 -27.61
C LYS B 341 -2.92 19.69 -28.04
N ASN B 342 -2.79 19.97 -29.34
CA ASN B 342 -3.32 21.19 -29.97
C ASN B 342 -2.69 22.50 -29.51
N LEU B 343 -1.94 22.46 -28.41
CA LEU B 343 -1.28 23.65 -27.89
C LEU B 343 -0.13 23.27 -26.96
N HIS B 344 1.06 23.78 -27.24
CA HIS B 344 2.25 23.38 -26.50
C HIS B 344 2.96 24.55 -25.82
N ARG B 345 3.47 24.31 -24.62
CA ARG B 345 4.27 25.29 -23.89
C ARG B 345 5.53 24.63 -23.37
N LYS B 346 6.66 25.32 -23.50
CA LYS B 346 7.95 24.77 -23.06
C LYS B 346 8.09 24.83 -21.55
N VAL B 347 8.04 23.67 -20.91
CA VAL B 347 8.17 23.57 -19.47
C VAL B 347 8.63 22.17 -19.07
N LEU B 348 9.65 22.10 -18.22
CA LEU B 348 10.09 20.83 -17.68
C LEU B 348 9.50 20.61 -16.29
N LYS B 349 8.92 19.43 -16.08
CA LYS B 349 8.22 19.13 -14.83
C LYS B 349 9.06 18.26 -13.89
N LEU B 350 9.93 18.90 -13.12
CA LEU B 350 10.72 18.19 -12.11
C LEU B 350 9.91 18.05 -10.82
N HIS B 351 10.19 17.00 -10.06
CA HIS B 351 9.52 16.77 -8.79
C HIS B 351 9.84 17.91 -7.82
N PRO B 352 8.82 18.41 -7.12
CA PRO B 352 8.94 19.53 -6.18
C PRO B 352 10.01 19.33 -5.11
N CYS B 353 10.31 18.08 -4.78
CA CYS B 353 11.33 17.77 -3.78
C CYS B 353 12.73 18.09 -4.29
N LEU B 354 13.04 17.66 -5.50
CA LEU B 354 14.39 17.82 -6.05
C LEU B 354 14.53 19.04 -6.94
N ALA B 355 13.43 19.76 -7.15
CA ALA B 355 13.45 20.97 -7.96
C ALA B 355 14.41 22.00 -7.36
N PRO B 356 15.35 22.51 -8.18
CA PRO B 356 16.39 23.44 -7.74
C PRO B 356 15.84 24.68 -7.07
N ILE B 357 15.04 25.47 -7.78
CA ILE B 357 14.42 26.66 -7.20
C ILE B 357 12.94 26.43 -6.99
N LYS B 358 12.52 26.47 -5.73
CA LYS B 358 11.13 26.18 -5.36
C LYS B 358 10.17 27.27 -5.82
N VAL B 359 10.30 28.45 -5.21
CA VAL B 359 9.39 29.55 -5.52
C VAL B 359 10.16 30.71 -6.15
N ALA B 360 9.43 31.63 -6.79
CA ALA B 360 10.05 32.78 -7.43
C ALA B 360 9.34 34.07 -7.03
N LEU B 361 10.04 34.94 -6.31
CA LEU B 361 9.46 36.20 -5.84
C LEU B 361 9.82 37.37 -6.76
N ASP B 362 8.80 38.15 -7.13
CA ASP B 362 9.00 39.28 -8.02
C ASP B 362 8.29 40.53 -7.52
N VAL B 363 8.24 41.56 -8.36
CA VAL B 363 7.57 42.81 -8.03
C VAL B 363 6.61 43.22 -9.14
N GLY B 364 5.34 43.38 -8.79
CA GLY B 364 4.32 43.76 -9.76
C GLY B 364 3.65 45.06 -9.40
N ARG B 365 3.38 45.87 -10.42
CA ARG B 365 2.75 47.20 -10.26
C ARG B 365 3.36 48.02 -9.13
N GLY B 366 4.56 48.55 -9.34
CA GLY B 366 5.28 48.39 -10.59
C GLY B 366 5.07 49.53 -11.56
N PRO B 367 5.75 50.66 -11.35
CA PRO B 367 6.66 50.88 -10.21
C PRO B 367 5.93 51.38 -8.97
N THR B 368 6.36 50.92 -7.80
CA THR B 368 5.76 51.35 -6.53
C THR B 368 6.83 51.56 -5.46
N LEU B 369 6.93 52.80 -4.98
CA LEU B 369 7.94 53.17 -3.99
C LEU B 369 7.30 53.79 -2.75
N GLU B 370 7.86 53.51 -1.57
CA GLU B 370 9.03 52.67 -1.43
C GLU B 370 8.88 51.70 -0.27
N LEU B 371 7.70 51.10 -0.15
CA LEU B 371 7.46 50.08 0.86
C LEU B 371 7.66 48.71 0.24
N ARG B 372 8.65 48.60 -0.63
CA ARG B 372 8.95 47.34 -1.32
C ARG B 372 9.95 46.50 -0.54
N GLN B 373 10.27 46.96 0.68
CA GLN B 373 11.19 46.23 1.54
C GLN B 373 10.50 45.02 2.18
N VAL B 374 9.21 44.89 1.94
CA VAL B 374 8.44 43.75 2.41
C VAL B 374 8.86 42.49 1.65
N CYS B 375 9.32 42.69 0.41
CA CYS B 375 9.82 41.58 -0.40
C CYS B 375 11.06 40.97 0.25
N GLN B 376 11.87 41.82 0.88
CA GLN B 376 13.04 41.37 1.62
C GLN B 376 12.59 40.52 2.81
N GLY B 377 11.53 40.96 3.48
CA GLY B 377 10.97 40.25 4.61
C GLY B 377 10.51 38.86 4.22
N LEU B 378 9.71 38.78 3.15
CA LEU B 378 9.23 37.50 2.64
C LEU B 378 10.40 36.63 2.17
N PHE B 379 11.45 37.29 1.69
CA PHE B 379 12.64 36.60 1.21
C PHE B 379 13.36 35.88 2.35
N ASN B 380 13.74 36.62 3.37
CA ASN B 380 14.46 36.03 4.49
C ASN B 380 13.57 35.04 5.24
N GLU B 381 12.28 35.35 5.34
CA GLU B 381 11.33 34.43 5.97
C GLU B 381 11.28 33.10 5.22
N LEU B 382 11.29 33.18 3.90
CA LEU B 382 11.24 31.99 3.07
C LEU B 382 12.52 31.17 3.18
N LEU B 383 13.67 31.81 3.03
CA LEU B 383 14.94 31.08 3.10
C LEU B 383 15.20 30.53 4.51
N GLU B 384 14.57 31.13 5.51
CA GLU B 384 14.69 30.64 6.88
C GLU B 384 14.07 29.26 7.05
N ASN B 385 13.05 28.96 6.25
CA ASN B 385 12.38 27.68 6.31
C ASN B 385 13.00 26.65 5.38
N GLY B 386 14.03 27.07 4.64
CA GLY B 386 14.78 26.17 3.80
C GLY B 386 14.14 25.87 2.45
N ILE B 387 13.42 26.85 1.92
CA ILE B 387 12.85 26.71 0.58
C ILE B 387 13.50 27.70 -0.39
N SER B 388 13.88 27.19 -1.56
CA SER B 388 14.59 27.99 -2.55
C SER B 388 13.71 29.08 -3.14
N VAL B 389 14.21 30.30 -3.16
CA VAL B 389 13.45 31.43 -3.70
C VAL B 389 14.31 32.29 -4.64
N TRP B 390 13.85 32.44 -5.88
CA TRP B 390 14.53 33.28 -6.86
C TRP B 390 14.05 34.73 -6.73
N PRO B 391 14.99 35.67 -6.67
CA PRO B 391 14.67 37.09 -6.48
C PRO B 391 14.47 37.84 -7.79
N GLY B 392 13.27 38.37 -7.99
CA GLY B 392 12.97 39.17 -9.16
C GLY B 392 12.91 40.64 -8.81
N TYR B 393 14.05 41.18 -8.37
CA TYR B 393 14.14 42.57 -7.95
C TYR B 393 14.74 43.43 -9.06
N LEU B 394 16.07 43.42 -9.16
CA LEU B 394 16.74 44.16 -10.23
C LEU B 394 16.51 43.46 -11.56
N GLU B 395 15.73 44.11 -12.44
CA GLU B 395 15.31 43.49 -13.69
C GLU B 395 15.44 44.45 -14.87
N THR B 396 15.57 43.88 -16.07
CA THR B 396 15.58 44.66 -17.29
C THR B 396 14.22 44.57 -17.97
N MET B 397 13.42 43.61 -17.52
CA MET B 397 12.07 43.41 -18.04
C MET B 397 11.03 43.54 -16.92
N GLN B 398 10.07 44.47 -16.99
CA GLN B 398 9.77 45.41 -18.09
C GLN B 398 9.52 44.71 -19.43
N SER B 399 8.59 43.75 -19.41
CA SER B 399 8.19 43.03 -20.61
C SER B 399 6.88 42.29 -20.35
N SER B 400 6.48 41.44 -21.30
CA SER B 400 5.28 40.64 -21.14
C SER B 400 5.47 39.63 -20.01
N LEU B 401 4.41 39.36 -19.26
CA LEU B 401 4.47 38.44 -18.14
C LEU B 401 4.70 37.01 -18.63
N GLU B 402 4.29 36.74 -19.86
CA GLU B 402 4.50 35.44 -20.48
C GLU B 402 5.99 35.12 -20.57
N GLN B 403 6.80 36.18 -20.73
CA GLN B 403 8.24 36.04 -20.86
C GLN B 403 8.88 35.46 -19.60
N LEU B 404 8.64 36.09 -18.46
CA LEU B 404 9.24 35.62 -17.21
C LEU B 404 8.49 34.41 -16.64
N TYR B 405 7.25 34.22 -17.09
CA TYR B 405 6.50 33.02 -16.72
C TYR B 405 7.15 31.81 -17.39
N SER B 406 7.44 31.94 -18.68
CA SER B 406 8.12 30.88 -19.42
C SER B 406 9.56 30.74 -18.94
N LYS B 407 10.16 31.85 -18.53
CA LYS B 407 11.50 31.87 -17.98
C LYS B 407 11.55 31.06 -16.68
N TYR B 408 10.49 31.14 -15.89
CA TYR B 408 10.41 30.38 -14.65
C TYR B 408 10.02 28.94 -14.89
N ASP B 409 9.21 28.70 -15.93
CA ASP B 409 8.81 27.35 -16.29
C ASP B 409 9.99 26.55 -16.84
N GLU B 410 10.93 27.25 -17.45
CA GLU B 410 12.14 26.63 -17.96
C GLU B 410 13.12 26.33 -16.82
N MET B 411 12.87 26.94 -15.67
CA MET B 411 13.70 26.72 -14.50
C MET B 411 13.02 25.76 -13.52
N SER B 412 11.90 25.19 -13.97
CA SER B 412 11.13 24.22 -13.19
C SER B 412 10.67 24.79 -11.85
N ILE B 413 10.52 26.11 -11.78
CA ILE B 413 10.09 26.76 -10.55
C ILE B 413 8.63 26.43 -10.25
N LEU B 414 8.39 25.88 -9.07
CA LEU B 414 7.07 25.40 -8.66
C LEU B 414 6.01 26.50 -8.69
N PHE B 415 6.26 27.59 -7.97
CA PHE B 415 5.29 28.66 -7.86
C PHE B 415 5.90 30.03 -8.13
N THR B 416 5.08 30.95 -8.61
CA THR B 416 5.50 32.32 -8.85
C THR B 416 4.67 33.27 -8.00
N VAL B 417 5.27 33.75 -6.92
CA VAL B 417 4.60 34.69 -6.02
C VAL B 417 4.83 36.13 -6.47
N LEU B 418 3.74 36.86 -6.66
CA LEU B 418 3.82 38.24 -7.14
C LEU B 418 3.31 39.22 -6.10
N VAL B 419 4.17 40.14 -5.68
CA VAL B 419 3.79 41.17 -4.72
C VAL B 419 3.43 42.47 -5.42
N THR B 420 2.21 42.95 -5.17
CA THR B 420 1.73 44.18 -5.81
C THR B 420 1.20 45.15 -4.76
N GLU B 421 1.04 46.42 -5.17
CA GLU B 421 0.65 47.47 -4.22
C GLU B 421 -0.71 47.22 -3.56
N THR B 422 -1.57 46.49 -4.24
CA THR B 422 -2.87 46.15 -3.65
C THR B 422 -2.65 45.16 -2.50
N THR B 423 -1.67 44.27 -2.66
CA THR B 423 -1.29 43.35 -1.60
C THR B 423 -0.62 44.13 -0.48
N LEU B 424 0.03 45.22 -0.84
CA LEU B 424 0.64 46.12 0.13
C LEU B 424 -0.47 46.78 0.95
N GLU B 425 -1.61 47.00 0.31
CA GLU B 425 -2.78 47.56 0.98
C GLU B 425 -3.43 46.54 1.91
N ASN B 426 -3.98 45.48 1.34
CA ASN B 426 -4.67 44.46 2.13
C ASN B 426 -3.70 43.42 2.70
N GLY B 427 -3.19 42.55 1.85
CA GLY B 427 -2.27 41.50 2.27
C GLY B 427 -2.50 40.19 1.56
N LEU B 428 -2.81 40.27 0.27
CA LEU B 428 -3.09 39.07 -0.53
C LEU B 428 -2.31 39.08 -1.83
N ILE B 429 -1.17 38.40 -1.86
CA ILE B 429 -0.31 38.40 -3.04
C ILE B 429 -0.80 37.42 -4.11
N HIS B 430 -0.23 37.52 -5.30
CA HIS B 430 -0.59 36.64 -6.41
C HIS B 430 0.27 35.38 -6.42
N LEU B 431 -0.24 34.33 -7.03
CA LEU B 431 0.47 33.05 -7.09
C LEU B 431 0.16 32.29 -8.37
N ARG B 432 1.20 31.96 -9.13
CA ARG B 432 1.01 31.17 -10.34
C ARG B 432 1.74 29.83 -10.25
N SER B 433 0.98 28.74 -10.22
CA SER B 433 1.54 27.40 -10.17
C SER B 433 2.15 27.00 -11.50
N ARG B 434 3.08 26.06 -11.47
CA ARG B 434 3.76 25.60 -12.68
C ARG B 434 3.01 24.44 -13.32
N ASP B 435 2.59 23.49 -12.50
CA ASP B 435 1.87 22.31 -12.98
C ASP B 435 0.57 22.72 -13.66
N THR B 436 -0.10 23.71 -13.08
CA THR B 436 -1.33 24.24 -13.66
C THR B 436 -1.27 25.77 -13.70
N THR B 437 -0.93 26.31 -14.87
CA THR B 437 -0.81 27.76 -15.04
C THR B 437 -2.12 28.47 -14.74
N MET B 438 -2.27 28.92 -13.49
CA MET B 438 -3.50 29.56 -13.05
C MET B 438 -3.24 30.57 -11.93
N LYS B 439 -3.77 31.78 -12.11
CA LYS B 439 -3.64 32.84 -11.12
C LYS B 439 -4.41 32.50 -9.84
N GLU B 440 -3.76 32.71 -8.70
CA GLU B 440 -4.39 32.41 -7.41
C GLU B 440 -3.94 33.36 -6.32
N MET B 441 -4.91 33.87 -5.54
CA MET B 441 -4.62 34.79 -4.45
C MET B 441 -4.36 34.03 -3.15
N MET B 442 -3.54 34.59 -2.27
CA MET B 442 -3.18 33.94 -1.02
C MET B 442 -2.57 34.94 -0.03
N HIS B 443 -2.52 34.56 1.24
CA HIS B 443 -1.93 35.40 2.28
C HIS B 443 -0.45 35.07 2.47
N ILE B 444 0.28 35.97 3.13
CA ILE B 444 1.75 35.86 3.21
C ILE B 444 2.25 34.67 4.02
N SER B 445 1.96 34.66 5.33
CA SER B 445 2.37 33.55 6.17
C SER B 445 1.65 32.29 5.72
N LYS B 446 0.44 32.48 5.20
CA LYS B 446 -0.31 31.40 4.59
C LYS B 446 0.44 30.86 3.38
N LEU B 447 1.13 31.74 2.66
CA LEU B 447 1.95 31.31 1.52
C LEU B 447 3.16 30.52 2.00
N LYS B 448 3.80 31.00 3.07
CA LYS B 448 4.92 30.29 3.67
C LYS B 448 4.53 28.86 4.07
N ASP B 449 3.51 28.76 4.91
CA ASP B 449 3.03 27.46 5.38
C ASP B 449 2.50 26.61 4.24
N PHE B 450 1.97 27.26 3.20
CA PHE B 450 1.48 26.53 2.03
C PHE B 450 2.64 25.90 1.28
N LEU B 451 3.76 26.61 1.20
CA LEU B 451 4.94 26.09 0.52
C LEU B 451 5.57 24.95 1.32
N ILE B 452 5.71 25.16 2.61
CA ILE B 452 6.27 24.13 3.49
C ILE B 452 5.43 22.87 3.45
N LYS B 453 4.10 23.04 3.55
CA LYS B 453 3.18 21.91 3.49
C LYS B 453 3.19 21.27 2.11
N TYR B 454 3.43 22.08 1.08
CA TYR B 454 3.46 21.60 -0.30
C TYR B 454 4.63 20.66 -0.50
N ILE B 455 5.83 21.10 -0.10
CA ILE B 455 7.02 20.26 -0.22
C ILE B 455 6.94 19.04 0.67
N SER B 456 6.56 19.26 1.92
CA SER B 456 6.47 18.18 2.91
C SER B 456 5.48 17.10 2.49
N SER B 457 4.35 17.51 1.93
CA SER B 457 3.35 16.55 1.48
C SER B 457 3.75 15.92 0.15
N ALA B 458 4.53 16.66 -0.63
CA ALA B 458 5.07 16.14 -1.88
C ALA B 458 6.04 15.00 -1.58
N LYS B 459 6.72 15.10 -0.44
CA LYS B 459 7.60 14.02 0.01
C LYS B 459 6.77 12.77 0.29
N ASN B 460 5.54 12.96 0.77
CA ASN B 460 4.65 11.86 1.07
C ASN B 460 3.94 11.35 -0.18
N VAL B 461 2.89 10.56 0.02
CA VAL B 461 2.12 9.99 -1.09
C VAL B 461 1.25 11.06 -1.74
N ALA C 44 44.56 14.21 25.58
CA ALA C 44 43.60 13.14 25.85
C ALA C 44 42.31 13.34 25.06
N LEU C 45 42.37 14.22 24.06
CA LEU C 45 41.22 14.50 23.21
C LEU C 45 41.28 13.67 21.94
N LEU C 46 42.49 13.46 21.43
CA LEU C 46 42.67 12.68 20.22
C LEU C 46 42.29 11.21 20.43
N GLU C 47 42.31 10.77 21.68
CA GLU C 47 41.99 9.38 22.00
C GLU C 47 40.49 9.16 22.17
N ILE C 48 39.77 10.21 22.57
CA ILE C 48 38.32 10.11 22.72
C ILE C 48 37.62 10.45 21.41
N CYS C 49 38.42 10.66 20.36
CA CYS C 49 37.90 10.82 19.01
C CYS C 49 38.09 9.52 18.24
N GLN C 50 38.99 8.67 18.75
CA GLN C 50 39.24 7.37 18.18
C GLN C 50 38.24 6.33 18.70
N ARG C 51 37.96 6.41 19.99
CA ARG C 51 37.05 5.47 20.63
C ARG C 51 35.59 5.87 20.45
N ARG C 52 35.37 7.08 19.93
CA ARG C 52 34.02 7.57 19.68
C ARG C 52 33.78 7.80 18.19
N HIS C 53 34.73 7.35 17.37
CA HIS C 53 34.61 7.36 15.92
C HIS C 53 34.41 8.76 15.33
N PHE C 54 35.25 9.70 15.72
CA PHE C 54 35.32 10.99 15.06
C PHE C 54 36.39 10.93 13.98
N LEU C 55 37.48 10.25 14.29
CA LEU C 55 38.58 10.04 13.35
C LEU C 55 38.69 8.56 13.00
N SER C 56 39.45 8.25 11.94
CA SER C 56 39.64 6.87 11.53
C SER C 56 40.72 6.19 12.37
N GLY C 57 40.71 4.87 12.37
CA GLY C 57 41.63 4.08 13.18
C GLY C 57 43.08 4.23 12.77
N SER C 58 43.90 4.74 13.69
CA SER C 58 45.33 4.89 13.44
C SER C 58 46.11 4.76 14.75
N LYS C 59 47.39 4.38 14.65
CA LYS C 59 48.21 4.20 15.83
C LYS C 59 49.50 5.02 15.74
N GLN C 60 49.86 5.43 14.53
CA GLN C 60 51.07 6.22 14.31
C GLN C 60 50.74 7.56 13.65
N GLN C 61 49.78 7.54 12.75
CA GLN C 61 49.34 8.77 12.08
C GLN C 61 48.15 9.38 12.82
N LEU C 62 48.21 9.34 14.14
CA LEU C 62 47.15 9.93 14.97
C LEU C 62 47.61 11.26 15.58
N SER C 63 48.85 11.63 15.30
CA SER C 63 49.44 12.84 15.86
C SER C 63 48.75 14.10 15.31
N ARG C 64 48.93 15.21 16.02
CA ARG C 64 48.36 16.49 15.61
C ARG C 64 48.96 16.95 14.29
N ASP C 65 50.22 16.58 14.05
CA ASP C 65 50.91 16.97 12.84
C ASP C 65 50.33 16.24 11.63
N SER C 66 49.91 15.00 11.84
CA SER C 66 49.32 14.20 10.77
C SER C 66 47.86 14.58 10.54
N LEU C 67 47.26 15.22 11.55
CA LEU C 67 45.88 15.68 11.45
C LEU C 67 45.82 17.01 10.72
N LEU C 68 46.73 17.91 11.07
CA LEU C 68 46.84 19.20 10.40
C LEU C 68 47.23 18.99 8.94
N SER C 69 48.12 18.03 8.70
CA SER C 69 48.43 17.61 7.35
C SER C 69 47.21 16.97 6.71
N GLY C 70 47.11 17.07 5.39
CA GLY C 70 46.00 16.48 4.67
C GLY C 70 46.02 14.97 4.69
N CYS C 71 47.17 14.41 5.06
CA CYS C 71 47.34 12.95 5.12
C CYS C 71 46.42 12.32 6.15
N HIS C 72 45.87 11.17 5.79
CA HIS C 72 44.86 10.49 6.61
C HIS C 72 44.81 9.01 6.17
N PRO C 73 44.30 8.10 7.01
CA PRO C 73 43.36 7.96 8.13
C PRO C 73 42.20 8.94 8.12
N GLY C 74 41.31 8.79 7.14
CA GLY C 74 40.24 9.72 6.83
C GLY C 74 39.43 10.31 7.97
N PHE C 75 38.22 9.82 8.15
CA PHE C 75 37.31 10.37 9.14
C PHE C 75 36.27 9.35 9.62
N GLY C 76 35.83 9.52 10.86
CA GLY C 76 34.80 8.68 11.43
C GLY C 76 33.42 9.28 11.22
N PRO C 77 32.37 8.45 11.31
CA PRO C 77 30.97 8.84 11.09
C PRO C 77 30.55 10.10 11.84
N LEU C 78 30.96 10.20 13.11
CA LEU C 78 30.67 11.39 13.90
C LEU C 78 31.31 12.63 13.29
N GLY C 79 32.57 12.49 12.88
CA GLY C 79 33.29 13.58 12.25
C GLY C 79 32.71 13.94 10.90
N VAL C 80 32.24 12.93 10.17
CA VAL C 80 31.63 13.14 8.86
C VAL C 80 30.34 13.95 9.00
N GLU C 81 29.48 13.54 9.93
CA GLU C 81 28.23 14.25 10.18
C GLU C 81 28.49 15.65 10.70
N LEU C 82 29.52 15.79 11.54
CA LEU C 82 29.91 17.10 12.06
C LEU C 82 30.34 18.02 10.92
N ARG C 83 31.09 17.46 9.97
CA ARG C 83 31.56 18.21 8.82
C ARG C 83 30.41 18.57 7.90
N LYS C 84 29.43 17.68 7.78
CA LYS C 84 28.28 17.91 6.93
C LYS C 84 27.40 19.01 7.50
N ASN C 85 27.23 19.00 8.82
CA ASN C 85 26.45 20.04 9.48
C ASN C 85 27.18 21.38 9.45
N LEU C 86 28.50 21.34 9.60
CA LEU C 86 29.33 22.54 9.54
C LEU C 86 29.26 23.16 8.15
N ALA C 87 29.37 22.32 7.13
CA ALA C 87 29.28 22.76 5.75
C ALA C 87 27.88 23.27 5.43
N ALA C 88 26.88 22.67 6.06
CA ALA C 88 25.50 23.08 5.88
C ALA C 88 25.28 24.48 6.46
N GLU C 89 25.83 24.71 7.64
CA GLU C 89 25.74 26.02 8.27
C GLU C 89 26.56 27.04 7.50
N TRP C 90 27.63 26.58 6.85
CA TRP C 90 28.45 27.46 6.03
C TRP C 90 27.67 27.92 4.80
N TRP C 91 27.01 26.97 4.14
CA TRP C 91 26.21 27.25 2.97
C TRP C 91 24.96 28.04 3.33
N THR C 92 24.55 27.94 4.58
CA THR C 92 23.37 28.65 5.07
C THR C 92 23.71 30.09 5.41
N SER C 93 24.94 30.33 5.85
CA SER C 93 25.37 31.66 6.24
C SER C 93 25.83 32.49 5.04
N VAL C 94 25.68 31.91 3.84
CA VAL C 94 26.02 32.63 2.61
C VAL C 94 24.84 32.65 1.64
N VAL C 95 23.80 31.90 1.95
CA VAL C 95 22.59 31.90 1.14
C VAL C 95 21.66 33.02 1.61
N VAL C 96 21.84 33.45 2.84
CA VAL C 96 21.11 34.59 3.39
C VAL C 96 21.72 35.88 2.86
N PHE C 97 22.88 35.76 2.23
CA PHE C 97 23.62 36.90 1.71
C PHE C 97 23.02 37.41 0.40
N ARG C 98 22.59 38.66 0.41
CA ARG C 98 22.05 39.33 -0.78
C ARG C 98 23.19 39.84 -1.66
N GLU C 99 22.98 39.88 -2.98
CA GLU C 99 21.72 39.52 -3.62
C GLU C 99 21.61 38.03 -3.92
N GLN C 100 22.51 37.54 -4.76
CA GLN C 100 22.48 36.14 -5.18
C GLN C 100 23.87 35.58 -5.46
N VAL C 101 24.18 34.46 -4.81
CA VAL C 101 25.44 33.76 -5.02
C VAL C 101 25.17 32.35 -5.51
N PHE C 102 25.66 32.04 -6.71
CA PHE C 102 25.38 30.75 -7.34
C PHE C 102 26.40 29.69 -6.95
N PRO C 103 25.93 28.52 -6.52
CA PRO C 103 26.80 27.40 -6.19
C PRO C 103 27.28 26.69 -7.45
N VAL C 104 28.56 26.29 -7.47
CA VAL C 104 29.11 25.57 -8.61
C VAL C 104 29.99 24.41 -8.15
N ASP C 105 30.47 23.62 -9.10
CA ASP C 105 31.39 22.54 -8.79
C ASP C 105 32.51 22.50 -9.83
N ALA C 106 33.74 22.39 -9.36
CA ALA C 106 34.91 22.38 -10.25
C ALA C 106 35.49 20.99 -10.36
N LEU C 107 36.16 20.72 -11.48
CA LEU C 107 36.83 19.45 -11.70
C LEU C 107 38.00 19.30 -10.73
N HIS C 108 38.46 18.06 -10.53
CA HIS C 108 39.56 17.81 -9.61
C HIS C 108 40.88 17.68 -10.36
N HIS C 109 40.86 16.98 -11.49
CA HIS C 109 42.06 16.79 -12.29
C HIS C 109 42.25 17.93 -13.28
N LYS C 110 43.30 17.84 -14.10
CA LYS C 110 43.59 18.86 -15.08
C LYS C 110 42.77 18.65 -16.35
N PRO C 111 42.20 19.73 -16.87
CA PRO C 111 41.38 19.67 -18.07
C PRO C 111 42.20 19.30 -19.29
N GLY C 112 43.47 19.71 -19.29
CA GLY C 112 44.37 19.42 -20.39
C GLY C 112 45.21 18.18 -20.16
N PRO C 113 44.72 17.29 -19.31
CA PRO C 113 45.42 16.07 -18.98
C PRO C 113 45.52 15.82 -17.49
N LYS C 156 48.54 17.32 -11.42
CA LYS C 156 47.31 17.50 -12.20
C LYS C 156 46.14 17.86 -11.29
N LEU C 157 46.16 17.35 -10.07
CA LEU C 157 45.08 17.60 -9.11
C LEU C 157 45.09 19.06 -8.65
N ARG C 158 43.92 19.57 -8.31
CA ARG C 158 43.77 20.97 -7.94
C ARG C 158 44.35 21.28 -6.57
N GLU C 159 44.79 22.52 -6.39
CA GLU C 159 45.35 22.99 -5.13
C GLU C 159 44.37 23.94 -4.45
N ASN C 160 43.90 24.92 -5.21
CA ASN C 160 42.93 25.89 -4.71
C ASN C 160 41.57 25.64 -5.34
N LEU C 161 40.58 26.41 -4.93
CA LEU C 161 39.23 26.29 -5.48
C LEU C 161 38.84 27.60 -6.14
N LEU C 162 39.76 28.15 -6.93
CA LEU C 162 39.59 29.45 -7.55
C LEU C 162 39.34 29.34 -9.05
N HIS C 163 40.21 28.61 -9.72
CA HIS C 163 40.17 28.49 -11.19
C HIS C 163 38.83 27.97 -11.69
N GLY C 164 38.32 26.93 -11.05
CA GLY C 164 37.04 26.36 -11.42
C GLY C 164 35.89 27.35 -11.28
N ALA C 165 36.02 28.25 -10.30
CA ALA C 165 35.02 29.29 -10.09
C ALA C 165 35.19 30.42 -11.10
N LEU C 166 36.41 30.57 -11.60
CA LEU C 166 36.70 31.60 -12.60
C LEU C 166 36.28 31.17 -13.99
N GLU C 167 36.19 29.85 -14.20
CA GLU C 167 35.77 29.33 -15.49
C GLU C 167 34.26 29.52 -15.72
N HIS C 168 33.49 29.56 -14.64
CA HIS C 168 32.04 29.69 -14.73
C HIS C 168 31.59 31.13 -14.54
N TYR C 169 32.53 32.07 -14.53
CA TYR C 169 32.22 33.48 -14.35
C TYR C 169 31.42 34.04 -15.53
N VAL C 170 31.97 33.89 -16.73
CA VAL C 170 31.35 34.42 -17.94
C VAL C 170 29.96 33.84 -18.19
N ASN C 171 29.74 32.60 -17.74
CA ASN C 171 28.45 31.96 -17.89
C ASN C 171 27.42 32.52 -16.90
N CYS C 172 27.82 32.58 -15.63
CA CYS C 172 26.95 33.11 -14.58
C CYS C 172 26.66 34.59 -14.79
N LEU C 173 27.48 35.23 -15.62
CA LEU C 173 27.23 36.61 -16.03
C LEU C 173 25.84 36.76 -16.65
N ASP C 174 25.44 35.76 -17.42
CA ASP C 174 24.12 35.76 -18.05
C ASP C 174 23.01 35.65 -17.02
N LEU C 175 23.25 34.83 -16.00
CA LEU C 175 22.24 34.56 -14.99
C LEU C 175 22.08 35.75 -14.04
N VAL C 176 23.16 36.49 -13.81
CA VAL C 176 23.08 37.72 -13.02
C VAL C 176 22.69 38.88 -13.93
N ASN C 177 22.58 38.59 -15.23
CA ASN C 177 22.20 39.57 -16.23
C ASN C 177 23.17 40.77 -16.26
N LYS C 178 24.41 40.51 -15.90
CA LYS C 178 25.48 41.52 -15.90
C LYS C 178 25.14 42.74 -15.05
N ARG C 179 24.21 42.58 -14.12
CA ARG C 179 23.61 43.72 -13.44
C ARG C 179 24.50 44.31 -12.35
N LEU C 180 25.08 43.46 -11.51
CA LEU C 180 25.89 43.95 -10.38
C LEU C 180 27.01 42.97 -10.02
N PRO C 181 27.93 43.40 -9.14
CA PRO C 181 28.90 42.48 -8.53
C PRO C 181 28.24 41.23 -7.95
N TYR C 182 28.87 40.08 -8.11
CA TYR C 182 28.25 38.82 -7.67
C TYR C 182 29.32 37.78 -7.35
N GLY C 183 28.92 36.75 -6.61
CA GLY C 183 29.87 35.75 -6.17
C GLY C 183 29.53 34.31 -6.53
N LEU C 184 30.52 33.43 -6.39
CA LEU C 184 30.33 32.01 -6.63
C LEU C 184 30.95 31.20 -5.50
N ALA C 185 30.13 30.49 -4.75
CA ALA C 185 30.60 29.69 -3.62
C ALA C 185 30.61 28.20 -3.99
N GLN C 186 31.53 27.46 -3.39
CA GLN C 186 31.62 26.02 -3.62
C GLN C 186 32.42 25.33 -2.54
N ILE C 187 32.01 24.10 -2.19
CA ILE C 187 32.73 23.29 -1.22
C ILE C 187 33.31 22.06 -1.90
N GLY C 188 34.62 21.88 -1.80
CA GLY C 188 35.27 20.78 -2.50
C GLY C 188 36.49 20.22 -1.80
N VAL C 189 36.92 19.05 -2.25
CA VAL C 189 38.09 18.40 -1.67
C VAL C 189 39.34 18.72 -2.47
N CYS C 190 40.04 19.77 -2.07
CA CYS C 190 41.28 20.16 -2.72
C CYS C 190 42.47 19.41 -2.13
N PHE C 191 43.58 19.36 -2.87
CA PHE C 191 44.73 18.59 -2.46
C PHE C 191 45.95 19.46 -2.20
N HIS C 192 46.96 18.89 -1.53
CA HIS C 192 48.22 19.59 -1.29
C HIS C 192 49.31 18.59 -0.97
N PRO C 193 50.51 18.77 -1.55
CA PRO C 193 51.62 17.84 -1.34
C PRO C 193 52.16 17.86 0.10
N VAL C 194 52.19 16.70 0.74
CA VAL C 194 52.72 16.60 2.09
C VAL C 194 54.05 15.86 2.10
N PHE C 195 55.07 16.48 2.69
CA PHE C 195 56.41 15.92 2.72
C PHE C 195 56.69 15.19 4.02
N GLY C 203 62.13 9.58 3.49
CA GLY C 203 61.64 8.74 2.41
C GLY C 203 60.97 9.54 1.31
N VAL C 204 59.96 8.95 0.68
CA VAL C 204 59.23 9.60 -0.41
C VAL C 204 58.16 10.52 0.18
N LYS C 205 57.65 11.43 -0.65
CA LYS C 205 56.64 12.38 -0.21
C LYS C 205 55.26 12.00 -0.73
N SER C 206 54.22 12.25 0.07
CA SER C 206 52.87 11.84 -0.28
C SER C 206 51.95 13.03 -0.58
N ILE C 207 50.67 12.74 -0.72
CA ILE C 207 49.68 13.77 -1.03
C ILE C 207 48.53 13.78 -0.02
N GLY C 208 48.20 14.97 0.48
CA GLY C 208 47.14 15.11 1.46
C GLY C 208 45.92 15.80 0.92
N GLU C 209 44.77 15.52 1.54
CA GLU C 209 43.49 16.09 1.10
C GLU C 209 42.87 16.98 2.17
N LYS C 210 42.14 18.00 1.73
CA LYS C 210 41.39 18.85 2.64
C LYS C 210 40.09 19.32 1.99
N THR C 211 38.99 19.26 2.74
CA THR C 211 37.72 19.75 2.25
C THR C 211 37.56 21.22 2.60
N GLU C 212 37.76 22.08 1.61
CA GLU C 212 37.68 23.52 1.83
C GLU C 212 36.43 24.12 1.20
N ALA C 213 35.96 25.20 1.80
CA ALA C 213 34.81 25.95 1.30
C ALA C 213 35.26 27.32 0.85
N SER C 214 35.11 27.58 -0.44
CA SER C 214 35.59 28.82 -1.04
C SER C 214 34.46 29.69 -1.56
N LEU C 215 34.69 31.00 -1.59
CA LEU C 215 33.74 31.95 -2.12
C LEU C 215 34.46 33.01 -2.95
N VAL C 216 34.23 33.00 -4.26
CA VAL C 216 34.86 33.96 -5.15
C VAL C 216 33.91 35.12 -5.45
N TRP C 217 34.16 36.26 -4.82
CA TRP C 217 33.28 37.41 -4.92
C TRP C 217 33.80 38.46 -5.90
N PHE C 218 33.18 38.52 -7.08
CA PHE C 218 33.52 39.50 -8.09
C PHE C 218 32.89 40.85 -7.77
N THR C 219 33.74 41.87 -7.58
CA THR C 219 33.30 43.19 -7.13
C THR C 219 34.16 44.30 -7.74
N PRO C 220 33.51 45.43 -8.10
CA PRO C 220 34.21 46.58 -8.68
C PRO C 220 35.39 47.05 -7.84
N PRO C 221 36.49 47.46 -8.50
CA PRO C 221 37.74 47.88 -7.87
C PRO C 221 37.56 48.97 -6.83
N ARG C 222 36.61 49.88 -7.05
CA ARG C 222 36.38 50.99 -6.15
C ARG C 222 35.67 50.54 -4.86
N THR C 223 34.93 49.43 -4.96
CA THR C 223 34.20 48.90 -3.81
C THR C 223 34.61 47.46 -3.50
N SER C 224 35.91 47.18 -3.61
CA SER C 224 36.42 45.84 -3.36
C SER C 224 36.95 45.70 -1.94
N ASN C 225 37.68 46.72 -1.49
CA ASN C 225 38.26 46.70 -0.15
C ASN C 225 37.19 46.73 0.95
N GLN C 226 36.18 47.57 0.75
CA GLN C 226 35.08 47.68 1.70
C GLN C 226 34.34 46.36 1.83
N TRP C 227 34.10 45.72 0.70
CA TRP C 227 33.41 44.43 0.67
C TRP C 227 34.31 43.33 1.26
N LEU C 228 35.62 43.52 1.14
CA LEU C 228 36.57 42.58 1.73
C LEU C 228 36.50 42.67 3.25
N ASP C 229 36.39 43.90 3.76
CA ASP C 229 36.24 44.12 5.20
C ASP C 229 34.89 43.55 5.67
N PHE C 230 33.88 43.73 4.83
CA PHE C 230 32.54 43.19 5.09
C PHE C 230 32.60 41.67 5.27
N TRP C 231 33.25 41.00 4.33
CA TRP C 231 33.39 39.55 4.41
C TRP C 231 34.29 39.14 5.56
N LEU C 232 35.24 39.99 5.92
CA LEU C 232 36.09 39.75 7.08
C LEU C 232 35.22 39.66 8.32
N ARG C 233 34.40 40.69 8.53
CA ARG C 233 33.53 40.74 9.69
C ARG C 233 32.53 39.59 9.69
N HIS C 234 31.93 39.32 8.54
CA HIS C 234 30.92 38.27 8.43
C HIS C 234 31.49 36.87 8.68
N ARG C 235 32.71 36.62 8.20
CA ARG C 235 33.35 35.32 8.41
C ARG C 235 33.81 35.17 9.85
N LEU C 236 34.38 36.23 10.41
CA LEU C 236 34.81 36.23 11.81
C LEU C 236 33.62 35.95 12.73
N GLN C 237 32.50 36.62 12.45
CA GLN C 237 31.28 36.41 13.21
C GLN C 237 30.71 35.01 12.96
N TRP C 238 30.91 34.50 11.75
CA TRP C 238 30.50 33.14 11.41
C TRP C 238 31.21 32.12 12.28
N TRP C 239 32.51 32.31 12.45
CA TRP C 239 33.29 31.42 13.32
C TRP C 239 32.94 31.68 14.78
N ARG C 240 32.50 32.91 15.07
CA ARG C 240 32.20 33.31 16.44
C ARG C 240 30.90 32.71 16.97
N LYS C 241 29.92 32.54 16.09
CA LYS C 241 28.59 32.07 16.48
C LYS C 241 28.62 30.70 17.14
N PHE C 242 29.23 29.73 16.48
CA PHE C 242 29.27 28.36 17.00
C PHE C 242 30.42 28.16 17.99
N ALA C 243 31.22 29.21 18.17
CA ALA C 243 32.37 29.14 19.06
C ALA C 243 31.95 29.24 20.53
N MET C 244 32.59 28.43 21.37
CA MET C 244 32.36 28.50 22.80
C MET C 244 33.10 29.70 23.37
N SER C 245 34.07 30.19 22.62
CA SER C 245 34.85 31.37 23.01
C SER C 245 35.31 32.16 21.79
N PRO C 246 34.86 33.41 21.68
CA PRO C 246 35.21 34.28 20.55
C PRO C 246 36.68 34.71 20.58
N SER C 247 37.30 34.64 21.74
CA SER C 247 38.69 35.01 21.92
C SER C 247 39.63 33.98 21.30
N ASN C 248 39.11 32.77 21.12
CA ASN C 248 39.90 31.68 20.54
C ASN C 248 40.12 31.87 19.05
N PHE C 249 39.19 32.57 18.41
CA PHE C 249 39.32 32.89 17.00
C PHE C 249 39.87 34.31 16.82
N SER C 250 40.78 34.48 15.87
CA SER C 250 41.43 35.77 15.65
C SER C 250 41.43 36.15 14.17
N SER C 251 41.61 37.44 13.90
CA SER C 251 41.67 37.94 12.54
C SER C 251 42.90 38.82 12.32
N SER C 252 43.77 38.41 11.40
CA SER C 252 45.00 39.14 11.12
C SER C 252 44.96 39.86 9.79
N ASP C 253 45.62 41.00 9.71
CA ASP C 253 45.70 41.78 8.48
C ASP C 253 47.06 41.59 7.79
N CYS C 254 47.06 41.70 6.47
CA CYS C 254 48.30 41.55 5.70
C CYS C 254 48.16 42.17 4.30
N GLN C 255 49.28 42.31 3.61
CA GLN C 255 49.29 42.86 2.26
C GLN C 255 50.59 42.55 1.55
N ASP C 256 50.58 42.67 0.22
CA ASP C 256 51.79 42.49 -0.58
C ASP C 256 51.65 43.19 -1.93
N GLU C 257 52.65 43.01 -2.78
CA GLU C 257 52.68 43.64 -4.09
C GLU C 257 51.74 42.94 -5.08
N GLU C 258 51.48 41.66 -4.84
CA GLU C 258 50.59 40.88 -5.71
C GLU C 258 49.13 41.04 -5.30
N GLY C 259 48.90 41.00 -3.99
CA GLY C 259 47.57 41.25 -3.44
C GLY C 259 47.60 42.49 -2.58
N ARG C 260 46.86 43.51 -3.01
CA ARG C 260 46.93 44.83 -2.37
C ARG C 260 46.53 44.79 -0.90
N LYS C 261 45.55 43.95 -0.56
CA LYS C 261 45.12 43.82 0.83
C LYS C 261 44.45 42.48 1.07
N GLY C 262 44.86 41.81 2.14
CA GLY C 262 44.30 40.50 2.47
C GLY C 262 44.17 40.31 3.97
N ASN C 263 43.29 39.38 4.37
CA ASN C 263 43.07 39.08 5.77
C ASN C 263 43.05 37.58 6.02
N LYS C 264 43.67 37.15 7.11
CA LYS C 264 43.74 35.73 7.43
C LYS C 264 43.16 35.41 8.80
N LEU C 265 42.21 34.49 8.84
CA LEU C 265 41.57 34.10 10.09
C LEU C 265 42.32 32.96 10.76
N TYR C 266 42.81 33.21 11.97
CA TYR C 266 43.53 32.20 12.73
C TYR C 266 42.68 31.63 13.85
N TYR C 267 43.08 30.47 14.36
CA TYR C 267 42.42 29.86 15.51
C TYR C 267 43.44 29.43 16.56
N ASN C 268 43.22 29.89 17.79
CA ASN C 268 44.08 29.53 18.91
C ASN C 268 43.69 28.16 19.47
N PHE C 269 44.69 27.32 19.73
CA PHE C 269 44.43 25.91 20.05
C PHE C 269 44.35 25.53 21.54
N PRO C 270 45.24 26.07 22.41
CA PRO C 270 46.33 27.04 22.29
C PRO C 270 47.71 26.40 22.24
N TRP C 271 47.86 25.30 21.53
CA TRP C 271 49.18 24.68 21.36
C TRP C 271 49.89 25.37 20.19
N GLY C 272 49.20 26.31 19.57
CA GLY C 272 49.72 27.07 18.45
C GLY C 272 48.60 27.57 17.56
N LYS C 273 48.55 28.89 17.37
CA LYS C 273 47.55 29.49 16.48
C LYS C 273 47.75 28.98 15.06
N GLU C 274 46.67 28.55 14.42
CA GLU C 274 46.77 27.95 13.10
C GLU C 274 45.84 28.60 12.07
N LEU C 275 46.24 28.55 10.81
CA LEU C 275 45.46 29.14 9.72
C LEU C 275 44.15 28.38 9.54
N ILE C 276 43.05 29.12 9.44
CA ILE C 276 41.73 28.53 9.31
C ILE C 276 41.03 29.01 8.05
N GLU C 277 41.34 30.23 7.62
CA GLU C 277 40.68 30.83 6.47
C GLU C 277 41.47 32.02 5.93
N THR C 278 41.53 32.13 4.60
CA THR C 278 42.23 33.23 3.94
C THR C 278 41.27 34.10 3.13
N LEU C 279 41.42 35.41 3.26
CA LEU C 279 40.57 36.35 2.53
C LEU C 279 41.42 37.32 1.71
N TRP C 280 41.61 37.02 0.43
CA TRP C 280 42.47 37.84 -0.40
C TRP C 280 41.68 38.75 -1.35
N ASN C 281 42.37 39.73 -1.92
CA ASN C 281 41.78 40.66 -2.86
C ASN C 281 42.57 40.67 -4.17
N LEU C 282 42.55 39.55 -4.88
CA LEU C 282 43.28 39.44 -6.14
C LEU C 282 42.71 40.39 -7.17
N GLY C 283 43.59 40.95 -7.99
CA GLY C 283 43.16 41.84 -9.06
C GLY C 283 42.52 41.05 -10.19
N ASP C 284 42.34 41.68 -11.34
CA ASP C 284 41.76 41.00 -12.49
C ASP C 284 42.82 40.22 -13.25
N HIS C 285 44.07 40.33 -12.80
CA HIS C 285 45.19 39.66 -13.43
C HIS C 285 45.00 38.14 -13.50
N GLU C 286 44.36 37.59 -12.48
CA GLU C 286 44.06 36.17 -12.46
C GLU C 286 43.04 35.82 -13.56
N LEU C 287 42.06 36.70 -13.74
CA LEU C 287 41.00 36.47 -14.70
C LEU C 287 41.41 36.94 -16.10
N LEU C 288 42.29 37.92 -16.15
CA LEU C 288 42.74 38.48 -17.43
C LEU C 288 43.81 37.60 -18.06
N HIS C 289 44.19 36.55 -17.35
CA HIS C 289 45.23 35.64 -17.82
C HIS C 289 44.62 34.44 -18.54
N MET C 290 43.36 34.14 -18.23
CA MET C 290 42.70 32.98 -18.80
C MET C 290 41.71 33.37 -19.91
N TYR C 291 41.45 34.66 -20.05
CA TYR C 291 40.59 35.14 -21.13
C TYR C 291 41.16 36.27 -22.01
N PRO C 292 42.46 36.20 -22.39
CA PRO C 292 42.85 37.23 -23.36
C PRO C 292 42.98 36.70 -24.78
N GLY C 293 42.16 37.19 -25.70
CA GLY C 293 41.14 38.17 -25.38
C GLY C 293 39.74 37.64 -25.64
N ASN C 294 38.83 38.54 -26.03
CA ASN C 294 39.15 39.95 -26.18
C ASN C 294 38.68 40.77 -24.98
N VAL C 295 38.57 40.10 -23.84
CA VAL C 295 38.21 40.70 -22.54
C VAL C 295 37.02 41.67 -22.56
N SER C 296 36.27 41.68 -23.67
CA SER C 296 35.09 42.54 -23.78
C SER C 296 33.90 41.89 -23.09
N LYS C 297 34.03 40.60 -22.79
CA LYS C 297 32.98 39.85 -22.13
C LYS C 297 33.07 40.00 -20.62
N LEU C 298 34.30 40.11 -20.12
CA LEU C 298 34.59 40.03 -18.70
C LEU C 298 33.99 41.19 -17.90
N HIS C 299 34.10 42.40 -18.44
CA HIS C 299 33.63 43.58 -17.71
C HIS C 299 32.11 43.57 -17.58
N GLY C 300 31.64 43.68 -16.33
CA GLY C 300 30.22 43.69 -16.04
C GLY C 300 29.70 45.10 -15.84
N ARG C 301 28.39 45.28 -15.96
CA ARG C 301 27.78 46.58 -15.84
C ARG C 301 27.74 47.03 -14.38
N ASP C 302 28.02 48.30 -14.14
CA ASP C 302 28.05 48.84 -12.79
C ASP C 302 27.49 50.25 -12.75
N GLY C 303 26.18 50.38 -12.95
CA GLY C 303 25.53 51.67 -12.99
C GLY C 303 25.84 52.43 -14.26
N ARG C 304 25.41 51.86 -15.39
CA ARG C 304 25.67 52.41 -16.71
C ARG C 304 27.18 52.57 -16.94
N LYS C 305 27.95 51.66 -16.36
CA LYS C 305 29.40 51.66 -16.47
C LYS C 305 29.95 50.27 -16.74
N ASN C 306 30.88 50.17 -17.68
CA ASN C 306 31.55 48.92 -17.97
C ASN C 306 32.91 48.85 -17.26
N VAL C 307 33.09 47.86 -16.42
CA VAL C 307 34.32 47.75 -15.63
C VAL C 307 34.68 46.31 -15.27
N VAL C 308 35.92 45.91 -15.59
CA VAL C 308 36.43 44.60 -15.23
C VAL C 308 36.54 44.50 -13.71
N PRO C 309 35.86 43.50 -13.12
CA PRO C 309 35.76 43.39 -11.66
C PRO C 309 37.00 42.83 -10.98
N CYS C 310 37.32 43.37 -9.81
CA CYS C 310 38.35 42.82 -8.96
C CYS C 310 37.81 41.56 -8.28
N VAL C 311 38.70 40.60 -8.02
CA VAL C 311 38.29 39.29 -7.52
C VAL C 311 38.63 39.08 -6.05
N LEU C 312 37.60 38.91 -5.23
CA LEU C 312 37.79 38.57 -3.82
C LEU C 312 37.86 37.06 -3.65
N SER C 313 38.90 36.59 -2.96
CA SER C 313 39.09 35.16 -2.77
C SER C 313 38.90 34.74 -1.31
N VAL C 314 37.75 34.17 -1.03
CA VAL C 314 37.49 33.59 0.29
C VAL C 314 37.83 32.10 0.26
N ASN C 315 38.59 31.64 1.24
CA ASN C 315 39.01 30.25 1.28
C ASN C 315 39.12 29.71 2.70
N GLY C 316 38.06 29.05 3.17
CA GLY C 316 38.04 28.51 4.51
C GLY C 316 38.24 27.00 4.56
N ASP C 317 38.76 26.52 5.68
CA ASP C 317 38.98 25.09 5.86
C ASP C 317 37.95 24.52 6.83
N LEU C 318 37.23 23.49 6.39
CA LEU C 318 36.20 22.89 7.23
C LEU C 318 36.75 21.75 8.07
N ASP C 319 37.89 21.20 7.67
CA ASP C 319 38.56 20.16 8.45
C ASP C 319 39.26 20.79 9.66
N ARG C 320 40.04 21.83 9.39
CA ARG C 320 40.69 22.58 10.45
C ARG C 320 39.66 23.24 11.35
N GLY C 321 38.51 23.58 10.78
CA GLY C 321 37.41 24.14 11.55
C GLY C 321 36.78 23.08 12.43
N MET C 322 36.66 21.88 11.88
CA MET C 322 36.13 20.73 12.63
C MET C 322 37.01 20.46 13.84
N LEU C 323 38.32 20.41 13.62
CA LEU C 323 39.27 20.22 14.69
C LEU C 323 39.23 21.39 15.67
N ALA C 324 38.98 22.58 15.14
CA ALA C 324 38.91 23.79 15.95
C ALA C 324 37.77 23.68 16.96
N TYR C 325 36.58 23.34 16.48
CA TYR C 325 35.43 23.22 17.35
C TYR C 325 35.54 21.98 18.24
N LEU C 326 36.28 20.98 17.78
CA LEU C 326 36.55 19.80 18.60
C LEU C 326 37.39 20.16 19.82
N TYR C 327 38.41 20.98 19.61
CA TYR C 327 39.25 21.46 20.70
C TYR C 327 38.53 22.55 21.49
N ASP C 328 37.50 23.12 20.89
CA ASP C 328 36.72 24.17 21.54
C ASP C 328 35.64 23.57 22.43
N SER C 329 35.31 22.30 22.18
CA SER C 329 34.24 21.64 22.91
C SER C 329 34.76 20.78 24.05
N PHE C 330 36.06 20.49 24.04
CA PHE C 330 36.66 19.60 25.03
C PHE C 330 36.72 20.24 26.41
N GLN C 331 35.91 19.70 27.33
CA GLN C 331 35.87 20.19 28.71
C GLN C 331 35.91 19.03 29.70
N HIS C 344 37.10 14.84 36.74
CA HIS C 344 37.03 13.46 36.24
C HIS C 344 36.19 13.37 34.98
N ARG C 345 35.52 14.47 34.63
CA ARG C 345 34.62 14.49 33.48
C ARG C 345 35.37 14.70 32.17
N LYS C 346 34.87 14.05 31.11
CA LYS C 346 35.40 14.23 29.76
C LYS C 346 34.25 14.36 28.77
N VAL C 347 33.72 15.58 28.63
CA VAL C 347 32.55 15.80 27.79
C VAL C 347 32.79 16.87 26.73
N LEU C 348 32.48 16.52 25.48
CA LEU C 348 32.60 17.46 24.36
C LEU C 348 31.32 18.26 24.20
N LYS C 349 31.38 19.54 24.51
CA LYS C 349 30.20 20.40 24.41
C LYS C 349 30.13 21.15 23.09
N LEU C 350 29.98 20.41 22.00
CA LEU C 350 29.82 21.03 20.68
C LEU C 350 28.50 21.80 20.63
N HIS C 351 28.42 22.74 19.70
CA HIS C 351 27.22 23.54 19.53
C HIS C 351 26.05 22.65 19.11
N PRO C 352 24.86 22.89 19.71
CA PRO C 352 23.64 22.13 19.41
C PRO C 352 23.33 22.04 17.91
N CYS C 353 23.45 23.18 17.23
CA CYS C 353 23.19 23.23 15.79
C CYS C 353 24.33 22.58 15.00
N LEU C 354 25.41 22.26 15.70
CA LEU C 354 26.60 21.72 15.05
C LEU C 354 26.82 20.25 15.42
N ALA C 355 26.34 19.86 16.60
CA ALA C 355 26.53 18.50 17.09
C ALA C 355 25.94 17.45 16.14
N PRO C 356 26.73 16.41 15.84
CA PRO C 356 26.33 15.34 14.91
C PRO C 356 25.09 14.59 15.42
N ILE C 357 25.22 13.93 16.56
CA ILE C 357 24.09 13.27 17.20
C ILE C 357 23.62 14.07 18.40
N LYS C 358 22.38 14.55 18.35
CA LYS C 358 21.89 15.48 19.36
C LYS C 358 21.03 14.80 20.42
N VAL C 359 20.67 13.54 20.21
CA VAL C 359 19.87 12.82 21.17
C VAL C 359 20.07 11.31 21.03
N ALA C 360 19.91 10.59 22.15
CA ALA C 360 20.05 9.13 22.14
C ALA C 360 19.08 8.53 23.15
N LEU C 361 18.41 7.45 22.77
CA LEU C 361 17.45 6.81 23.67
C LEU C 361 17.69 5.31 23.82
N ASP C 362 17.75 4.87 25.07
CA ASP C 362 17.91 3.45 25.40
C ASP C 362 16.75 2.98 26.25
N VAL C 363 16.85 1.75 26.76
CA VAL C 363 15.85 1.22 27.70
C VAL C 363 16.49 0.98 29.06
N GLY C 364 15.65 0.82 30.09
CA GLY C 364 16.14 0.58 31.43
C GLY C 364 15.65 -0.74 31.98
N ARG C 365 14.37 -1.01 31.77
CA ARG C 365 13.77 -2.29 32.14
C ARG C 365 14.43 -3.43 31.37
N GLY C 366 14.42 -4.63 31.94
CA GLY C 366 14.94 -5.81 31.27
C GLY C 366 14.36 -5.98 29.88
N PRO C 367 15.17 -6.49 28.94
CA PRO C 367 14.86 -6.62 27.51
C PRO C 367 13.44 -7.12 27.21
N THR C 368 12.56 -6.19 26.84
CA THR C 368 11.18 -6.53 26.50
C THR C 368 10.84 -5.95 25.14
N LEU C 369 9.98 -6.66 24.39
CA LEU C 369 9.62 -6.25 23.04
C LEU C 369 8.88 -4.91 23.01
N GLU C 370 8.04 -4.68 24.02
CA GLU C 370 7.23 -3.46 24.09
C GLU C 370 8.12 -2.23 24.21
N LEU C 371 9.20 -2.35 24.99
CA LEU C 371 10.18 -1.28 25.14
C LEU C 371 10.79 -0.91 23.79
N ARG C 372 11.07 -1.94 22.99
CA ARG C 372 11.65 -1.75 21.67
C ARG C 372 10.62 -1.12 20.73
N GLN C 373 9.35 -1.46 20.95
CA GLN C 373 8.26 -0.87 20.15
C GLN C 373 8.17 0.63 20.41
N VAL C 374 8.10 1.00 21.69
CA VAL C 374 8.04 2.40 22.08
C VAL C 374 9.28 3.17 21.60
N CYS C 375 10.45 2.56 21.78
CA CYS C 375 11.69 3.19 21.37
C CYS C 375 11.77 3.38 19.86
N GLN C 376 11.25 2.41 19.11
CA GLN C 376 11.20 2.53 17.66
C GLN C 376 10.23 3.64 17.27
N GLY C 377 9.17 3.78 18.06
CA GLY C 377 8.21 4.85 17.86
C GLY C 377 8.85 6.22 18.01
N LEU C 378 9.52 6.42 19.13
CA LEU C 378 10.21 7.68 19.40
C LEU C 378 11.30 7.93 18.35
N PHE C 379 11.93 6.85 17.91
CA PHE C 379 12.96 6.90 16.88
C PHE C 379 12.40 7.49 15.60
N ASN C 380 11.33 6.87 15.10
CA ASN C 380 10.67 7.35 13.89
C ASN C 380 10.12 8.77 14.04
N GLU C 381 9.56 9.08 15.20
CA GLU C 381 8.99 10.40 15.46
C GLU C 381 10.06 11.49 15.42
N LEU C 382 11.18 11.23 16.07
CA LEU C 382 12.28 12.19 16.12
C LEU C 382 12.94 12.35 14.76
N LEU C 383 13.08 11.23 14.03
CA LEU C 383 13.66 11.29 12.69
C LEU C 383 12.71 11.92 11.69
N GLU C 384 11.43 11.99 12.05
CA GLU C 384 10.41 12.56 11.18
C GLU C 384 10.54 14.08 11.12
N ASN C 385 11.08 14.66 12.20
CA ASN C 385 11.23 16.11 12.29
C ASN C 385 12.69 16.55 12.12
N GLY C 386 13.51 15.67 11.58
CA GLY C 386 14.91 15.98 11.31
C GLY C 386 15.75 16.14 12.55
N ILE C 387 15.69 15.16 13.44
CA ILE C 387 16.49 15.17 14.66
C ILE C 387 17.32 13.89 14.77
N SER C 388 18.63 14.02 14.65
CA SER C 388 19.54 12.88 14.71
C SER C 388 19.47 12.18 16.06
N VAL C 389 19.08 10.91 16.03
CA VAL C 389 18.93 10.14 17.26
C VAL C 389 19.78 8.86 17.23
N TRP C 390 20.60 8.68 18.26
CA TRP C 390 21.41 7.48 18.38
C TRP C 390 20.63 6.36 19.06
N PRO C 391 20.51 5.22 18.37
CA PRO C 391 19.76 4.07 18.90
C PRO C 391 20.63 3.16 19.76
N GLY C 392 20.48 3.27 21.07
CA GLY C 392 21.22 2.45 22.01
C GLY C 392 20.30 1.48 22.71
N TYR C 393 19.11 1.30 22.16
CA TYR C 393 18.10 0.44 22.74
C TYR C 393 18.09 -0.93 22.05
N LEU C 394 19.12 -1.19 21.26
CA LEU C 394 19.20 -2.41 20.47
C LEU C 394 19.33 -3.73 21.26
N GLU C 395 20.24 -3.85 22.24
CA GLU C 395 21.14 -2.81 22.75
C GLU C 395 22.63 -3.18 22.94
N THR C 396 23.00 -4.37 23.44
CA THR C 396 22.12 -5.50 23.73
C THR C 396 21.92 -5.78 25.22
N MET C 397 22.82 -5.28 26.05
CA MET C 397 22.79 -5.62 27.47
C MET C 397 22.33 -4.47 28.37
N GLN C 398 22.69 -3.24 28.01
CA GLN C 398 22.49 -2.07 28.86
C GLN C 398 23.09 -2.35 30.24
N SER C 399 24.42 -2.35 30.30
CA SER C 399 25.14 -2.70 31.51
C SER C 399 25.03 -1.62 32.57
N SER C 400 25.80 -0.54 32.41
CA SER C 400 25.79 0.55 33.38
C SER C 400 25.20 1.83 32.81
N LEU C 401 24.97 2.81 33.69
CA LEU C 401 24.36 4.08 33.29
C LEU C 401 25.41 5.19 33.25
N GLU C 402 26.36 5.14 34.17
CA GLU C 402 27.39 6.16 34.26
C GLU C 402 28.35 6.12 33.07
N GLN C 403 28.80 4.93 32.71
CA GLN C 403 29.71 4.76 31.58
C GLN C 403 28.98 5.01 30.27
N LEU C 404 27.68 4.74 30.26
CA LEU C 404 26.84 5.04 29.11
C LEU C 404 26.74 6.54 28.92
N TYR C 405 26.48 7.25 30.02
CA TYR C 405 26.44 8.70 29.99
C TYR C 405 27.79 9.29 29.59
N SER C 406 28.86 8.64 30.02
CA SER C 406 30.21 9.07 29.65
C SER C 406 30.43 8.92 28.16
N LYS C 407 29.97 7.79 27.61
CA LYS C 407 30.07 7.55 26.18
C LYS C 407 29.28 8.59 25.39
N TYR C 408 28.05 8.88 25.85
CA TYR C 408 27.20 9.84 25.15
C TYR C 408 27.66 11.28 25.35
N ASP C 409 28.51 11.50 26.37
CA ASP C 409 29.07 12.82 26.60
C ASP C 409 30.36 13.00 25.79
N GLU C 410 31.02 11.89 25.48
CA GLU C 410 32.20 11.93 24.64
C GLU C 410 31.81 12.00 23.17
N MET C 411 30.54 11.74 22.89
CA MET C 411 30.02 11.81 21.53
C MET C 411 29.26 13.12 21.31
N SER C 412 29.31 14.00 22.30
CA SER C 412 28.68 15.32 22.25
C SER C 412 27.16 15.25 22.03
N ILE C 413 26.52 14.27 22.64
CA ILE C 413 25.06 14.17 22.58
C ILE C 413 24.43 15.19 23.52
N LEU C 414 23.49 15.99 22.99
CA LEU C 414 22.86 17.04 23.77
C LEU C 414 22.02 16.47 24.91
N PHE C 415 21.17 15.51 24.58
CA PHE C 415 20.26 14.92 25.57
C PHE C 415 20.20 13.40 25.46
N THR C 416 20.22 12.73 26.61
CA THR C 416 20.06 11.28 26.63
C THR C 416 18.69 10.91 27.20
N VAL C 417 17.99 10.02 26.51
CA VAL C 417 16.63 9.64 26.86
C VAL C 417 16.56 8.18 27.35
N LEU C 418 15.91 7.97 28.49
CA LEU C 418 15.77 6.63 29.02
C LEU C 418 14.30 6.22 29.10
N VAL C 419 14.00 5.09 28.46
CA VAL C 419 12.64 4.55 28.41
C VAL C 419 12.50 3.36 29.36
N THR C 420 12.05 3.62 30.57
CA THR C 420 11.88 2.57 31.57
C THR C 420 10.55 1.85 31.38
N GLU C 421 10.08 1.17 32.43
CA GLU C 421 8.82 0.45 32.35
C GLU C 421 7.65 1.35 32.75
N THR C 422 7.96 2.42 33.48
CA THR C 422 6.93 3.37 33.91
C THR C 422 6.37 4.11 32.70
N THR C 423 7.19 4.27 31.67
CA THR C 423 6.78 4.92 30.44
C THR C 423 5.61 4.17 29.82
N LEU C 424 5.54 2.86 30.06
CA LEU C 424 4.45 2.04 29.56
C LEU C 424 3.21 2.17 30.42
N GLU C 425 3.21 3.15 31.33
CA GLU C 425 2.07 3.41 32.20
C GLU C 425 1.68 4.87 32.16
N ASN C 426 2.62 5.75 32.49
CA ASN C 426 2.36 7.18 32.55
C ASN C 426 2.92 7.94 31.36
N GLY C 427 3.77 7.29 30.58
CA GLY C 427 4.36 7.91 29.41
C GLY C 427 5.56 8.77 29.74
N LEU C 428 5.88 8.85 31.03
CA LEU C 428 7.02 9.65 31.48
C LEU C 428 8.34 9.01 31.05
N ILE C 429 9.30 9.86 30.69
CA ILE C 429 10.59 9.40 30.18
C ILE C 429 11.72 10.13 30.89
N HIS C 430 12.86 9.47 31.02
CA HIS C 430 13.99 10.04 31.75
C HIS C 430 14.94 10.83 30.87
N LEU C 431 14.75 12.14 30.80
CA LEU C 431 15.65 13.02 30.08
C LEU C 431 16.92 13.26 30.88
N ARG C 432 18.00 13.59 30.19
CA ARG C 432 19.24 13.95 30.87
C ARG C 432 20.09 14.85 29.99
N SER C 433 20.29 16.09 30.44
CA SER C 433 21.04 17.08 29.68
C SER C 433 22.53 16.78 29.68
N ARG C 434 23.28 17.52 28.87
CA ARG C 434 24.72 17.35 28.78
C ARG C 434 25.47 18.51 29.39
N ASP C 435 25.05 19.72 29.04
CA ASP C 435 25.70 20.94 29.50
C ASP C 435 25.47 21.16 30.99
N THR C 436 24.40 20.60 31.52
CA THR C 436 24.06 20.75 32.93
C THR C 436 24.02 19.41 33.65
N THR C 437 23.91 18.33 32.87
CA THR C 437 23.83 16.96 33.38
C THR C 437 22.72 16.80 34.41
N MET C 438 21.59 17.46 34.17
CA MET C 438 20.44 17.39 35.07
C MET C 438 19.50 16.26 34.68
N LYS C 439 19.39 15.27 35.56
CA LYS C 439 18.46 14.17 35.35
C LYS C 439 17.01 14.64 35.51
N GLU C 440 16.34 14.83 34.38
CA GLU C 440 14.98 15.32 34.38
C GLU C 440 14.01 14.22 33.94
N MET C 441 12.71 14.48 34.09
CA MET C 441 11.69 13.55 33.61
C MET C 441 10.57 14.30 32.93
N MET C 442 10.22 13.88 31.71
CA MET C 442 9.11 14.54 30.99
C MET C 442 8.35 13.54 30.13
N HIS C 443 7.08 13.85 29.88
CA HIS C 443 6.22 12.99 29.07
C HIS C 443 6.80 12.82 27.67
N ILE C 444 6.69 11.60 27.14
CA ILE C 444 7.30 11.24 25.87
C ILE C 444 6.71 12.03 24.70
N SER C 445 5.47 12.49 24.86
CA SER C 445 4.78 13.22 23.79
C SER C 445 5.34 14.63 23.60
N LYS C 446 5.87 15.21 24.66
CA LYS C 446 6.37 16.58 24.62
C LYS C 446 7.89 16.63 24.46
N LEU C 447 8.45 15.56 23.91
CA LEU C 447 9.90 15.49 23.72
C LEU C 447 10.33 16.13 22.40
N LYS C 448 9.58 15.83 21.35
CA LYS C 448 9.84 16.39 20.03
C LYS C 448 9.83 17.90 20.04
N ASP C 449 8.75 18.46 20.57
CA ASP C 449 8.58 19.91 20.66
C ASP C 449 9.71 20.54 21.48
N PHE C 450 10.11 19.84 22.54
CA PHE C 450 11.18 20.33 23.40
C PHE C 450 12.52 20.39 22.69
N LEU C 451 12.88 19.30 22.00
CA LEU C 451 14.15 19.25 21.28
C LEU C 451 14.18 20.26 20.14
N ILE C 452 13.09 20.32 19.38
CA ILE C 452 12.99 21.26 18.27
C ILE C 452 13.09 22.71 18.75
N LYS C 453 12.38 23.02 19.83
CA LYS C 453 12.42 24.37 20.40
C LYS C 453 13.80 24.69 20.95
N TYR C 454 14.49 23.67 21.46
CA TYR C 454 15.83 23.85 22.02
C TYR C 454 16.85 24.16 20.92
N ILE C 455 16.76 23.42 19.81
CA ILE C 455 17.63 23.66 18.68
C ILE C 455 17.33 25.03 18.05
N SER C 456 16.04 25.36 17.98
CA SER C 456 15.62 26.63 17.40
C SER C 456 16.00 27.81 18.29
N SER C 457 16.17 27.55 19.58
CA SER C 457 16.56 28.58 20.53
C SER C 457 18.04 28.90 20.43
N ALA C 458 18.79 28.01 19.80
CA ALA C 458 20.21 28.22 19.59
C ALA C 458 20.47 29.02 18.32
N LYS C 459 19.38 29.40 17.65
CA LYS C 459 19.47 30.24 16.45
C LYS C 459 19.48 31.72 16.83
N ASN C 460 20.66 32.26 17.05
CA ASN C 460 20.83 33.66 17.39
C ASN C 460 22.24 34.17 17.08
N VAL C 461 22.36 35.47 16.84
CA VAL C 461 23.65 36.08 16.52
C VAL C 461 23.80 37.44 17.18
#